data_4Z7V
#
_entry.id   4Z7V
#
_cell.length_a   56.510
_cell.length_b   76.961
_cell.length_c   132.279
_cell.angle_alpha   93.87
_cell.angle_beta   89.47
_cell.angle_gamma   105.09
#
_symmetry.space_group_name_H-M   'P 1'
#
loop_
_entity.id
_entity.type
_entity.pdbx_description
1 polymer 'MHC class II HLA-DQ-alpha chain'
2 polymer 'MHC class II HLA-DQ-beta-1'
3 polymer 'T-CELL RECEPTOR, L3-12 ALPHA CHAIN'
4 polymer 'T-CELL RECEPTOR, L3-12 BETA CHAIN'
5 polymer 'deamidated DQ8-glia-alpha1 peptide'
6 branched alpha-D-mannopyranose-(1-4)-alpha-D-mannopyranose-(1-4)-2-acetamido-2-deoxy-beta-D-glucopyranose-(1-4)-[alpha-L-fucopyranose-(1-3)][alpha-L-fucopyranose-(1-6)]2-acetamido-2-deoxy-beta-D-glucopyranose
7 branched alpha-L-fucopyranose-(1-3)-[2-acetamido-2-deoxy-beta-D-glucopyranose-(1-4)][alpha-L-fucopyranose-(1-6)]2-acetamido-2-deoxy-beta-D-glucopyranose
8 non-polymer 2-acetamido-2-deoxy-beta-D-glucopyranose
9 water water
#
loop_
_entity_poly.entity_id
_entity_poly.type
_entity_poly.pdbx_seq_one_letter_code
_entity_poly.pdbx_strand_id
1 'polypeptide(L)'
;EDIVADHVASYGVNLYQSYGPSGQYSHEFDGDEEFYVDLERKETVWQLPLFRRFRRFDPQFALTNIAVLKHNLNIVIKRS
NSTAATNEVPEVTVFSKSPVTLGQPNTLICLVDNIFPPVVNITWLSNGHSVTEGVSETSFLSKSDHSFFKISYLTFLPSA
DEIYDCKVEHWGLDEPLLKHWEPETSGDDDDK
;
A,C
2 'polypeptide(L)'
;GGSIEGRGGSGASRDSPEDFVYQFKGMCYFTNGTERVRLVTRYIYNREEYARFDSDVGVYRAVTPLGPPAAEYWNSQKEV
LERTRAELDTVCRHNYQLELRTTLQRRVEPTVTISPSRTEALNHHNLLVCSVTDFYPAQIKVRWFRNDQEETTGVVSTPL
IRNGDWTFQILVMLEMTPQRGDVYTCHVEHPSLQNPIIVEWRAQSTGGDDDDK
;
B,D
3 'polypeptide(L)'
;DAKTTQPNSMESNEEEPVHLPCNHSTISGTDYIHWYRQLPSQGPEYVIHGLTSNVNNRMASLAIAEDRKSSTLILHRATL
RDAAVYYCILRDSRAQKLVFGQGTRLTINPNIQNPDPAVYQLRDSKSSDKSVCLFTDFDSQTNVSQSKDSDVYITDKCVL
DMRSMDFKSNSAVAWSNKSDFACANAFNNSIIPEDTFFPSPESS
;
E,G
4 'polypeptide(L)'
;DSGVTQTPKHLITATGQRVTLRCSPRSGDLSVYWYQQSLDQGLQFLIQYYNGEERAKGNILERFSAQQFPDLHSELNLSS
LELGDSALYFCASSAGTSGEYEQYFGPGTRLTVTEDLKNVFPPEVAVFEPSEAEISHTQKATLVCLATGFYPDHVELSWW
VNGKEVHSGVCTDPQPLKEQPALNDSRYALSSRLRVSATFWQNPRNHFRCQVQFYGLSENDEWTQDRAKPVTQIVSAEAW
GRAD
;
F,H
5 'polypeptide(L)' APSGEGSFQPSQENPQGS I,J
#
loop_
_chem_comp.id
_chem_comp.type
_chem_comp.name
_chem_comp.formula
FUC L-saccharide, alpha linking alpha-L-fucopyranose 'C6 H12 O5'
MAN D-saccharide, alpha linking alpha-D-mannopyranose 'C6 H12 O6'
NAG D-saccharide, beta linking 2-acetamido-2-deoxy-beta-D-glucopyranose 'C8 H15 N O6'
#
# COMPACT_ATOMS: atom_id res chain seq x y z
N VAL A 4 43.58 7.87 -23.57
CA VAL A 4 43.15 8.09 -24.95
C VAL A 4 41.75 7.51 -25.18
N ALA A 5 40.74 8.41 -25.32
CA ALA A 5 39.33 8.05 -25.53
C ALA A 5 38.58 9.09 -26.36
N ASP A 6 37.36 8.75 -26.84
CA ASP A 6 36.50 9.64 -27.62
C ASP A 6 35.89 10.72 -26.72
N HIS A 7 35.49 10.34 -25.49
CA HIS A 7 34.91 11.23 -24.50
C HIS A 7 35.45 10.92 -23.11
N VAL A 8 35.86 11.96 -22.37
CA VAL A 8 36.35 11.82 -21.00
C VAL A 8 35.44 12.63 -20.08
N ALA A 9 34.96 11.97 -19.02
CA ALA A 9 34.08 12.57 -18.04
C ALA A 9 34.57 12.34 -16.64
N SER A 10 34.32 13.31 -15.75
CA SER A 10 34.63 13.22 -14.31
C SER A 10 33.30 13.34 -13.58
N TYR A 11 32.83 12.24 -12.96
CA TYR A 11 31.57 12.22 -12.21
C TYR A 11 31.77 11.87 -10.71
N GLY A 12 32.48 12.69 -9.93
CA GLY A 12 33.10 13.94 -10.35
C GLY A 12 34.40 14.30 -9.68
N VAL A 13 34.72 15.60 -9.74
CA VAL A 13 35.91 16.18 -9.13
C VAL A 13 35.52 16.56 -7.70
N ASN A 14 36.10 15.85 -6.74
CA ASN A 14 35.87 16.07 -5.32
C ASN A 14 37.09 16.76 -4.74
N LEU A 15 36.89 17.94 -4.14
CA LEU A 15 37.97 18.72 -3.57
C LEU A 15 37.67 19.14 -2.14
N TYR A 16 38.67 18.96 -1.24
CA TYR A 16 38.61 19.38 0.16
C TYR A 16 40.01 19.78 0.62
N GLN A 17 40.13 20.98 1.21
CA GLN A 17 41.39 21.49 1.71
C GLN A 17 41.22 22.08 3.12
N SER A 18 42.29 22.05 3.92
CA SER A 18 42.33 22.53 5.30
C SER A 18 42.14 24.05 5.40
N TYR A 19 42.59 24.84 4.39
CA TYR A 19 42.46 26.29 4.39
C TYR A 19 40.99 26.70 4.23
N GLY A 20 40.42 27.15 5.34
CA GLY A 20 39.03 27.56 5.46
C GLY A 20 38.39 26.93 6.69
N PRO A 21 38.10 25.60 6.69
CA PRO A 21 38.26 24.62 5.59
C PRO A 21 37.29 24.88 4.45
N SER A 22 37.66 24.48 3.23
CA SER A 22 36.83 24.67 2.05
C SER A 22 36.88 23.46 1.11
N GLY A 23 35.81 23.30 0.33
CA GLY A 23 35.68 22.21 -0.62
C GLY A 23 34.99 22.58 -1.92
N GLN A 24 34.98 21.61 -2.88
CA GLN A 24 34.36 21.78 -4.18
C GLN A 24 33.89 20.44 -4.76
N TYR A 25 32.64 20.42 -5.27
CA TYR A 25 32.08 19.28 -5.98
C TYR A 25 31.58 19.74 -7.34
N SER A 26 32.01 19.03 -8.40
CA SER A 26 31.64 19.34 -9.78
C SER A 26 31.77 18.13 -10.69
N HIS A 27 30.97 18.11 -11.78
CA HIS A 27 31.01 17.10 -12.83
C HIS A 27 31.50 17.74 -14.10
N GLU A 28 32.46 17.11 -14.75
CA GLU A 28 33.04 17.59 -16.00
C GLU A 28 32.85 16.57 -17.11
N PHE A 29 32.69 17.05 -18.35
CA PHE A 29 32.55 16.23 -19.55
C PHE A 29 33.30 16.92 -20.69
N ASP A 30 34.30 16.20 -21.25
CA ASP A 30 35.18 16.64 -22.34
C ASP A 30 35.80 18.02 -22.05
N GLY A 31 36.31 18.16 -20.82
CA GLY A 31 37.01 19.34 -20.34
C GLY A 31 36.17 20.52 -19.89
N ASP A 32 34.83 20.38 -19.92
CA ASP A 32 33.94 21.46 -19.53
C ASP A 32 33.07 21.08 -18.33
N GLU A 33 32.80 22.08 -17.46
CA GLU A 33 32.02 21.99 -16.23
C GLU A 33 30.52 21.91 -16.52
N GLU A 34 29.89 20.78 -16.15
CA GLU A 34 28.45 20.56 -16.33
C GLU A 34 27.67 21.30 -15.27
N PHE A 35 28.08 21.07 -14.00
CA PHE A 35 27.49 21.67 -12.82
C PHE A 35 28.45 21.63 -11.66
N TYR A 36 28.15 22.40 -10.63
CA TYR A 36 28.83 22.38 -9.35
C TYR A 36 27.78 22.37 -8.26
N VAL A 37 28.15 21.92 -7.06
CA VAL A 37 27.22 21.93 -5.94
C VAL A 37 27.67 23.04 -4.97
N ASP A 38 26.78 24.00 -4.67
CA ASP A 38 27.03 25.04 -3.68
C ASP A 38 26.90 24.37 -2.31
N LEU A 39 28.04 24.02 -1.69
CA LEU A 39 28.10 23.29 -0.42
C LEU A 39 27.38 24.01 0.74
N GLU A 40 27.39 25.36 0.78
CA GLU A 40 26.72 26.16 1.81
C GLU A 40 25.21 26.25 1.57
N ARG A 41 24.78 26.30 0.30
CA ARG A 41 23.37 26.38 -0.07
C ARG A 41 22.73 25.00 -0.24
N LYS A 42 23.59 23.94 -0.38
CA LYS A 42 23.19 22.53 -0.60
C LYS A 42 22.30 22.49 -1.86
N GLU A 43 22.80 23.10 -2.94
CA GLU A 43 22.12 23.29 -4.22
C GLU A 43 23.01 22.96 -5.41
N THR A 44 22.44 22.28 -6.41
CA THR A 44 23.14 21.91 -7.65
C THR A 44 22.92 23.05 -8.66
N VAL A 45 24.04 23.60 -9.19
CA VAL A 45 24.03 24.72 -10.14
C VAL A 45 24.58 24.26 -11.49
N TRP A 46 23.67 24.03 -12.47
CA TRP A 46 24.05 23.59 -13.82
C TRP A 46 24.56 24.77 -14.62
N GLN A 47 25.59 24.54 -15.45
CA GLN A 47 26.27 25.58 -16.22
C GLN A 47 25.68 25.79 -17.63
N LEU A 48 24.52 25.16 -17.94
CA LEU A 48 23.84 25.32 -19.22
C LEU A 48 22.32 25.29 -19.06
N PRO A 49 21.54 26.06 -19.86
CA PRO A 49 20.07 26.02 -19.74
C PRO A 49 19.49 24.66 -20.14
N LEU A 50 20.16 23.96 -21.07
CA LEU A 50 19.80 22.62 -21.56
C LEU A 50 19.90 21.60 -20.41
N PHE A 51 20.97 21.72 -19.62
CA PHE A 51 21.27 20.89 -18.47
C PHE A 51 20.26 21.11 -17.35
N ARG A 52 19.91 22.38 -17.08
CA ARG A 52 18.94 22.75 -16.05
C ARG A 52 17.54 22.15 -16.33
N ARG A 53 17.11 22.12 -17.60
CA ARG A 53 15.80 21.64 -18.06
C ARG A 53 15.69 20.10 -18.17
N PHE A 54 16.82 19.42 -18.41
CA PHE A 54 16.86 17.97 -18.64
C PHE A 54 17.47 17.14 -17.53
N ARG A 55 18.49 17.67 -16.87
CA ARG A 55 19.29 16.88 -15.94
C ARG A 55 19.11 17.30 -14.48
N ARG A 56 19.23 16.30 -13.58
CA ARG A 56 19.06 16.46 -12.15
C ARG A 56 20.12 15.68 -11.37
N PHE A 57 20.74 16.31 -10.35
CA PHE A 57 21.71 15.71 -9.44
C PHE A 57 21.37 16.10 -8.01
N ASP A 58 21.28 15.11 -7.11
CA ASP A 58 20.98 15.29 -5.69
C ASP A 58 22.22 15.82 -4.96
N PRO A 59 22.19 17.07 -4.44
CA PRO A 59 23.36 17.64 -3.75
C PRO A 59 23.82 16.89 -2.48
N GLN A 60 22.93 16.08 -1.85
CA GLN A 60 23.25 15.31 -0.64
C GLN A 60 24.46 14.38 -0.88
N PHE A 61 24.57 13.81 -2.10
CA PHE A 61 25.64 12.90 -2.49
C PHE A 61 26.97 13.63 -2.57
N ALA A 62 26.93 14.91 -2.95
CA ALA A 62 28.11 15.76 -3.00
C ALA A 62 28.59 16.07 -1.58
N LEU A 63 27.65 16.42 -0.68
CA LEU A 63 27.94 16.74 0.70
C LEU A 63 28.43 15.52 1.48
N THR A 64 27.88 14.32 1.17
CA THR A 64 28.30 13.07 1.80
C THR A 64 29.74 12.76 1.36
N ASN A 65 30.07 13.02 0.10
CA ASN A 65 31.39 12.79 -0.47
C ASN A 65 32.48 13.66 0.18
N ILE A 66 32.16 14.95 0.44
CA ILE A 66 33.10 15.90 1.06
C ILE A 66 33.37 15.46 2.51
N ALA A 67 32.34 14.93 3.21
CA ALA A 67 32.47 14.42 4.57
C ALA A 67 33.47 13.26 4.65
N VAL A 68 33.52 12.38 3.60
CA VAL A 68 34.44 11.24 3.50
C VAL A 68 35.85 11.77 3.23
N LEU A 69 35.98 12.78 2.32
CA LEU A 69 37.25 13.43 1.97
C LEU A 69 37.90 14.07 3.19
N LYS A 70 37.09 14.70 4.07
CA LYS A 70 37.53 15.33 5.32
C LYS A 70 38.15 14.26 6.24
N HIS A 71 37.49 13.09 6.34
CA HIS A 71 37.96 11.95 7.13
C HIS A 71 39.28 11.42 6.53
N ASN A 72 39.29 11.18 5.20
CA ASN A 72 40.44 10.69 4.44
C ASN A 72 41.65 11.62 4.53
N LEU A 73 41.44 12.96 4.49
CA LEU A 73 42.52 13.95 4.56
C LEU A 73 43.25 13.90 5.91
N ASN A 74 42.48 13.87 7.03
CA ASN A 74 43.00 13.82 8.40
C ASN A 74 43.78 12.53 8.69
N ILE A 75 43.44 11.41 8.00
CA ILE A 75 44.12 10.12 8.13
C ILE A 75 45.49 10.19 7.41
N VAL A 76 45.50 10.69 6.16
CA VAL A 76 46.70 10.80 5.31
C VAL A 76 47.67 11.91 5.85
N ILE A 77 47.14 12.99 6.50
CA ILE A 77 48.00 14.04 7.10
C ILE A 77 48.93 13.39 8.13
N LYS A 78 48.37 12.53 9.01
CA LYS A 78 49.10 11.79 10.04
C LYS A 78 50.10 10.79 9.41
N ARG A 79 49.71 10.16 8.27
CA ARG A 79 50.53 9.19 7.54
C ARG A 79 51.74 9.84 6.88
N SER A 80 51.52 10.96 6.15
CA SER A 80 52.58 11.69 5.43
C SER A 80 53.42 12.61 6.35
N ASN A 81 53.31 12.44 7.70
CA ASN A 81 54.02 13.22 8.74
C ASN A 81 53.79 14.75 8.56
N SER A 82 52.53 15.13 8.23
CA SER A 82 52.03 16.48 8.00
C SER A 82 52.82 17.22 6.88
N THR A 83 52.67 16.73 5.63
CA THR A 83 53.29 17.31 4.44
C THR A 83 52.34 18.35 3.85
N ALA A 84 52.76 19.63 3.87
CA ALA A 84 51.98 20.73 3.34
C ALA A 84 52.05 20.81 1.82
N ALA A 85 51.07 21.49 1.20
CA ALA A 85 50.98 21.67 -0.25
C ALA A 85 52.04 22.65 -0.75
N THR A 86 52.65 22.35 -1.90
CA THR A 86 53.66 23.22 -2.52
C THR A 86 52.92 24.20 -3.43
N ASN A 87 53.16 25.51 -3.24
CA ASN A 87 52.52 26.58 -4.01
C ASN A 87 53.15 26.68 -5.41
N GLU A 88 52.30 26.63 -6.44
CA GLU A 88 52.70 26.73 -7.86
C GLU A 88 52.48 28.14 -8.39
N VAL A 89 53.24 28.54 -9.41
CA VAL A 89 53.12 29.85 -10.04
C VAL A 89 52.10 29.74 -11.18
N PRO A 90 50.97 30.49 -11.14
CA PRO A 90 49.96 30.33 -12.19
C PRO A 90 50.27 31.10 -13.47
N GLU A 91 49.76 30.58 -14.61
CA GLU A 91 49.90 31.17 -15.94
C GLU A 91 48.58 31.86 -16.32
N VAL A 92 48.65 33.15 -16.69
CA VAL A 92 47.47 33.96 -17.01
C VAL A 92 47.48 34.36 -18.50
N THR A 93 46.35 34.08 -19.21
CA THR A 93 46.16 34.41 -20.63
C THR A 93 44.82 35.17 -20.77
N VAL A 94 44.85 36.36 -21.40
CA VAL A 94 43.68 37.21 -21.60
C VAL A 94 43.38 37.32 -23.12
N PHE A 95 42.10 37.11 -23.50
CA PHE A 95 41.61 37.15 -24.88
C PHE A 95 40.09 37.41 -24.93
N SER A 96 39.58 37.74 -26.13
CA SER A 96 38.17 38.03 -26.40
C SER A 96 37.43 36.75 -26.85
N LYS A 97 36.11 36.68 -26.59
CA LYS A 97 35.28 35.53 -26.96
C LYS A 97 35.00 35.53 -28.48
N SER A 98 34.66 36.71 -29.04
CA SER A 98 34.32 36.91 -30.44
C SER A 98 35.13 38.10 -31.03
N PRO A 99 35.21 38.30 -32.37
CA PRO A 99 36.00 39.44 -32.90
C PRO A 99 35.52 40.79 -32.36
N VAL A 100 36.46 41.58 -31.84
CA VAL A 100 36.20 42.89 -31.24
C VAL A 100 35.89 43.95 -32.33
N THR A 101 34.73 44.61 -32.16
CA THR A 101 34.22 45.67 -33.03
C THR A 101 33.65 46.77 -32.12
N LEU A 102 34.10 48.03 -32.32
CA LEU A 102 33.68 49.19 -31.53
C LEU A 102 32.16 49.38 -31.61
N GLY A 103 31.51 49.32 -30.44
CA GLY A 103 30.06 49.48 -30.32
C GLY A 103 29.31 48.19 -30.07
N GLN A 104 29.78 47.07 -30.65
CA GLN A 104 29.13 45.76 -30.51
C GLN A 104 29.58 45.07 -29.20
N PRO A 105 28.62 44.59 -28.36
CA PRO A 105 29.00 43.97 -27.07
C PRO A 105 29.82 42.68 -27.22
N ASN A 106 30.84 42.53 -26.35
CA ASN A 106 31.76 41.39 -26.35
C ASN A 106 32.02 40.89 -24.92
N THR A 107 32.89 39.87 -24.77
CA THR A 107 33.28 39.31 -23.48
C THR A 107 34.79 39.07 -23.46
N LEU A 108 35.44 39.42 -22.34
CA LEU A 108 36.86 39.20 -22.13
C LEU A 108 37.07 37.98 -21.26
N ILE A 109 37.83 37.01 -21.75
CA ILE A 109 38.13 35.75 -21.09
C ILE A 109 39.51 35.83 -20.42
N CYS A 110 39.58 35.42 -19.14
CA CYS A 110 40.84 35.38 -18.40
C CYS A 110 41.12 33.95 -17.96
N LEU A 111 41.96 33.23 -18.73
CA LEU A 111 42.34 31.86 -18.43
C LEU A 111 43.48 31.89 -17.40
N VAL A 112 43.21 31.35 -16.20
CA VAL A 112 44.21 31.26 -15.13
C VAL A 112 44.52 29.78 -14.98
N ASP A 113 45.62 29.34 -15.62
CA ASP A 113 46.07 27.95 -15.66
C ASP A 113 47.10 27.68 -14.57
N ASN A 114 47.29 26.38 -14.21
CA ASN A 114 48.24 25.85 -13.23
C ASN A 114 48.04 26.52 -11.84
N ILE A 115 46.86 26.30 -11.24
CA ILE A 115 46.51 26.81 -9.92
C ILE A 115 46.68 25.70 -8.89
N PHE A 116 47.56 25.93 -7.91
CA PHE A 116 47.81 25.03 -6.79
C PHE A 116 48.52 25.75 -5.65
N PRO A 117 47.98 25.75 -4.40
CA PRO A 117 46.71 25.14 -3.95
C PRO A 117 45.49 25.85 -4.57
N PRO A 118 44.30 25.19 -4.68
CA PRO A 118 43.15 25.86 -5.31
C PRO A 118 42.52 26.97 -4.44
N VAL A 119 43.28 28.08 -4.27
CA VAL A 119 42.92 29.30 -3.55
C VAL A 119 43.42 30.47 -4.42
N VAL A 120 42.50 31.20 -5.08
CA VAL A 120 42.88 32.29 -5.98
C VAL A 120 41.83 33.43 -5.96
N ASN A 121 42.31 34.68 -6.15
CA ASN A 121 41.49 35.88 -6.24
C ASN A 121 41.62 36.46 -7.64
N ILE A 122 40.62 36.24 -8.51
CA ILE A 122 40.64 36.75 -9.89
C ILE A 122 39.64 37.90 -9.99
N THR A 123 40.17 39.12 -10.21
CA THR A 123 39.39 40.36 -10.33
C THR A 123 39.78 41.13 -11.61
N TRP A 124 38.88 42.03 -12.09
CA TRP A 124 39.09 42.85 -13.29
C TRP A 124 39.25 44.32 -12.92
N LEU A 125 40.17 45.03 -13.62
CA LEU A 125 40.44 46.45 -13.41
C LEU A 125 40.32 47.24 -14.71
N SER A 126 39.30 48.14 -14.81
CA SER A 126 39.09 48.99 -15.98
C SER A 126 39.74 50.35 -15.74
N ASN A 127 40.84 50.64 -16.47
CA ASN A 127 41.67 51.86 -16.40
C ASN A 127 42.23 52.07 -14.97
N GLY A 128 42.63 50.96 -14.33
CA GLY A 128 43.19 50.96 -12.98
C GLY A 128 42.17 50.81 -11.86
N HIS A 129 40.92 51.23 -12.12
CA HIS A 129 39.81 51.18 -11.16
C HIS A 129 39.10 49.84 -11.25
N SER A 130 38.67 49.30 -10.09
CA SER A 130 37.98 48.01 -9.98
C SER A 130 36.59 48.02 -10.62
N VAL A 131 36.18 46.87 -11.18
CA VAL A 131 34.89 46.63 -11.81
C VAL A 131 34.27 45.36 -11.24
N THR A 132 32.95 45.38 -10.98
CA THR A 132 32.20 44.24 -10.42
C THR A 132 31.02 43.85 -11.32
N GLU A 133 30.45 44.84 -12.04
CA GLU A 133 29.30 44.65 -12.93
C GLU A 133 29.65 43.80 -14.15
N GLY A 134 28.86 42.76 -14.39
CA GLY A 134 29.02 41.82 -15.50
C GLY A 134 30.22 40.90 -15.39
N VAL A 135 30.57 40.47 -14.17
CA VAL A 135 31.70 39.59 -13.93
C VAL A 135 31.19 38.21 -13.50
N SER A 136 31.61 37.17 -14.23
CA SER A 136 31.28 35.76 -13.95
C SER A 136 32.56 34.94 -13.90
N GLU A 137 32.52 33.75 -13.27
CA GLU A 137 33.68 32.89 -13.07
C GLU A 137 33.30 31.43 -13.09
N THR A 138 34.21 30.57 -13.55
CA THR A 138 34.01 29.12 -13.52
C THR A 138 34.54 28.60 -12.17
N SER A 139 34.35 27.31 -11.89
CA SER A 139 34.90 26.70 -10.68
C SER A 139 36.33 26.24 -10.99
N PHE A 140 37.04 25.65 -10.02
CA PHE A 140 38.39 25.15 -10.26
C PHE A 140 38.29 23.87 -11.11
N LEU A 141 38.54 24.00 -12.42
CA LEU A 141 38.48 22.88 -13.37
C LEU A 141 39.76 22.04 -13.27
N SER A 142 39.60 20.71 -13.23
CA SER A 142 40.69 19.75 -13.06
C SER A 142 41.59 19.61 -14.30
N LYS A 143 42.84 19.19 -14.04
CA LYS A 143 43.89 18.89 -15.03
C LYS A 143 44.42 17.50 -14.75
N SER A 144 45.04 16.85 -15.75
CA SER A 144 45.59 15.50 -15.63
C SER A 144 46.73 15.40 -14.60
N ASP A 145 47.46 16.52 -14.38
CA ASP A 145 48.59 16.62 -13.45
C ASP A 145 48.15 17.03 -12.02
N HIS A 146 46.84 16.89 -11.74
CA HIS A 146 46.16 17.15 -10.45
C HIS A 146 46.36 18.60 -9.95
N SER A 147 46.37 19.54 -10.91
CA SER A 147 46.41 20.98 -10.71
C SER A 147 45.07 21.53 -11.24
N PHE A 148 44.74 22.80 -10.98
CA PHE A 148 43.47 23.36 -11.43
C PHE A 148 43.65 24.58 -12.33
N PHE A 149 42.58 24.95 -13.04
CA PHE A 149 42.50 26.14 -13.89
C PHE A 149 41.12 26.76 -13.76
N LYS A 150 41.07 28.09 -13.66
CA LYS A 150 39.83 28.86 -13.51
C LYS A 150 39.74 29.90 -14.60
N ILE A 151 38.54 30.13 -15.15
CA ILE A 151 38.30 31.08 -16.22
C ILE A 151 37.29 32.13 -15.74
N SER A 152 37.71 33.40 -15.74
CA SER A 152 36.88 34.54 -15.32
C SER A 152 36.44 35.33 -16.55
N TYR A 153 35.23 35.91 -16.51
CA TYR A 153 34.67 36.66 -17.64
C TYR A 153 34.31 38.10 -17.28
N LEU A 154 34.28 38.97 -18.31
CA LEU A 154 33.93 40.38 -18.19
C LEU A 154 33.17 40.83 -19.45
N THR A 155 31.86 41.08 -19.31
CA THR A 155 31.01 41.57 -20.39
C THR A 155 31.22 43.08 -20.47
N PHE A 156 31.52 43.61 -21.66
CA PHE A 156 31.79 45.04 -21.81
C PHE A 156 31.34 45.58 -23.17
N LEU A 157 31.58 46.89 -23.37
CA LEU A 157 31.29 47.64 -24.57
C LEU A 157 32.63 48.24 -25.05
N PRO A 158 33.26 47.62 -26.07
CA PRO A 158 34.59 48.11 -26.53
C PRO A 158 34.57 49.55 -27.04
N SER A 159 35.54 50.33 -26.55
CA SER A 159 35.78 51.74 -26.88
C SER A 159 37.27 52.07 -26.76
N ALA A 160 37.68 53.20 -27.36
CA ALA A 160 39.07 53.68 -27.34
C ALA A 160 39.43 54.34 -25.99
N ASP A 161 38.44 54.45 -25.07
CA ASP A 161 38.60 55.07 -23.75
C ASP A 161 38.90 54.03 -22.64
N GLU A 162 38.42 52.79 -22.79
CA GLU A 162 38.58 51.75 -21.76
C GLU A 162 39.70 50.73 -22.07
N ILE A 163 40.61 50.56 -21.09
CA ILE A 163 41.72 49.62 -21.07
C ILE A 163 41.46 48.61 -19.92
N TYR A 164 41.70 47.31 -20.16
CA TYR A 164 41.38 46.30 -19.16
C TYR A 164 42.58 45.46 -18.71
N ASP A 165 42.55 45.06 -17.42
CA ASP A 165 43.56 44.23 -16.77
C ASP A 165 42.91 43.12 -15.92
N CYS A 166 43.50 41.92 -15.95
CA CYS A 166 43.04 40.79 -15.15
C CYS A 166 44.00 40.62 -13.96
N LYS A 167 43.55 41.02 -12.76
CA LYS A 167 44.34 40.94 -11.53
C LYS A 167 44.15 39.58 -10.88
N VAL A 168 45.27 38.85 -10.68
CA VAL A 168 45.28 37.49 -10.12
C VAL A 168 46.18 37.46 -8.87
N GLU A 169 45.59 37.09 -7.72
CA GLU A 169 46.28 36.97 -6.44
C GLU A 169 46.43 35.49 -6.06
N HIS A 170 47.67 35.04 -5.83
CA HIS A 170 47.97 33.65 -5.46
C HIS A 170 49.19 33.58 -4.54
N TRP A 171 49.24 32.56 -3.67
CA TRP A 171 50.33 32.32 -2.71
C TRP A 171 51.67 32.00 -3.42
N GLY A 172 51.57 31.43 -4.63
CA GLY A 172 52.72 31.12 -5.47
C GLY A 172 53.40 32.36 -6.04
N LEU A 173 52.69 33.51 -6.02
CA LEU A 173 53.17 34.81 -6.50
C LEU A 173 53.56 35.74 -5.35
N ASP A 174 54.68 36.47 -5.51
CA ASP A 174 55.18 37.44 -4.53
C ASP A 174 54.32 38.71 -4.57
N GLU A 175 54.07 39.23 -5.79
CA GLU A 175 53.26 40.42 -6.06
C GLU A 175 52.03 40.03 -6.90
N PRO A 176 50.85 40.70 -6.73
CA PRO A 176 49.67 40.32 -7.53
C PRO A 176 49.89 40.53 -9.03
N LEU A 177 49.81 39.43 -9.80
CA LEU A 177 50.02 39.39 -11.24
C LEU A 177 48.91 40.15 -12.00
N LEU A 178 49.30 40.90 -13.04
CA LEU A 178 48.38 41.69 -13.84
C LEU A 178 48.63 41.54 -15.34
N LYS A 179 47.69 40.91 -16.05
CA LYS A 179 47.77 40.73 -17.50
C LYS A 179 46.84 41.75 -18.17
N HIS A 180 47.42 42.63 -19.00
CA HIS A 180 46.73 43.72 -19.68
C HIS A 180 46.11 43.27 -21.01
N TRP A 181 45.08 44.02 -21.45
CA TRP A 181 44.38 43.83 -22.72
C TRP A 181 44.01 45.21 -23.29
N GLU A 182 44.11 45.35 -24.63
CA GLU A 182 43.86 46.62 -25.32
C GLU A 182 43.03 46.41 -26.61
N PRO A 183 41.98 47.25 -26.86
CA PRO A 183 41.21 47.08 -28.11
C PRO A 183 41.79 47.91 -29.27
N SER B 16 53.30 32.82 3.77
CA SER B 16 52.28 32.00 3.10
C SER B 16 51.55 31.08 4.09
N PRO B 17 50.21 30.91 3.96
CA PRO B 17 49.48 30.03 4.89
C PRO B 17 49.65 28.55 4.57
N GLU B 18 49.61 27.70 5.61
CA GLU B 18 49.73 26.25 5.51
C GLU B 18 48.42 25.64 4.98
N ASP B 19 48.52 24.74 3.99
CA ASP B 19 47.35 24.10 3.39
C ASP B 19 47.59 22.62 3.07
N PHE B 20 46.62 21.77 3.41
CA PHE B 20 46.62 20.33 3.15
C PHE B 20 45.44 20.05 2.23
N VAL B 21 45.73 19.71 0.95
CA VAL B 21 44.72 19.50 -0.09
C VAL B 21 44.47 18.00 -0.33
N TYR B 22 43.19 17.61 -0.45
CA TYR B 22 42.77 16.23 -0.77
C TYR B 22 41.85 16.28 -1.98
N GLN B 23 42.08 15.39 -2.94
CA GLN B 23 41.27 15.27 -4.16
C GLN B 23 40.85 13.84 -4.44
N PHE B 24 39.60 13.66 -4.90
CA PHE B 24 39.05 12.37 -5.35
C PHE B 24 38.41 12.59 -6.70
N LYS B 25 38.94 11.93 -7.74
CA LYS B 25 38.44 12.06 -9.10
C LYS B 25 37.93 10.72 -9.61
N GLY B 26 36.62 10.65 -9.85
CA GLY B 26 35.97 9.47 -10.39
C GLY B 26 35.75 9.70 -11.87
N MET B 27 36.65 9.16 -12.72
CA MET B 27 36.63 9.41 -14.15
C MET B 27 36.18 8.23 -15.01
N CYS B 28 35.40 8.55 -16.07
CA CYS B 28 34.87 7.63 -17.08
C CYS B 28 35.54 7.92 -18.43
N TYR B 29 35.92 6.85 -19.14
CA TYR B 29 36.57 6.92 -20.44
C TYR B 29 35.74 6.14 -21.46
N PHE B 30 35.11 6.85 -22.41
CA PHE B 30 34.25 6.26 -23.44
C PHE B 30 34.90 6.31 -24.82
N THR B 31 34.86 5.17 -25.53
CA THR B 31 35.41 5.00 -26.88
C THR B 31 34.42 4.19 -27.71
N ASN B 32 34.14 4.65 -28.94
CA ASN B 32 33.24 4.04 -29.94
C ASN B 32 31.83 3.82 -29.35
N GLY B 33 31.19 4.93 -28.98
CA GLY B 33 29.87 4.93 -28.38
C GLY B 33 29.83 4.24 -27.05
N THR B 34 29.09 3.13 -26.97
CA THR B 34 28.93 2.35 -25.74
C THR B 34 29.78 1.05 -25.76
N GLU B 35 30.54 0.80 -26.86
CA GLU B 35 31.37 -0.40 -27.03
C GLU B 35 32.45 -0.49 -25.93
N ARG B 36 33.28 0.56 -25.78
CA ARG B 36 34.35 0.56 -24.78
C ARG B 36 34.06 1.55 -23.65
N VAL B 37 34.05 1.03 -22.41
CA VAL B 37 33.87 1.83 -21.21
C VAL B 37 34.93 1.42 -20.19
N ARG B 38 35.61 2.41 -19.61
CA ARG B 38 36.65 2.21 -18.60
C ARG B 38 36.53 3.30 -17.51
N LEU B 39 36.69 2.91 -16.24
CA LEU B 39 36.65 3.89 -15.15
C LEU B 39 37.99 3.89 -14.40
N VAL B 40 38.43 5.08 -13.97
CA VAL B 40 39.64 5.26 -13.19
C VAL B 40 39.33 6.25 -12.05
N THR B 41 39.33 5.74 -10.81
CA THR B 41 39.10 6.56 -9.61
C THR B 41 40.47 6.92 -9.06
N ARG B 42 40.68 8.20 -8.70
CA ARG B 42 41.98 8.66 -8.25
C ARG B 42 41.89 9.32 -6.87
N TYR B 43 42.72 8.88 -5.94
CA TYR B 43 42.81 9.48 -4.62
C TYR B 43 44.16 10.19 -4.49
N ILE B 44 44.11 11.49 -4.29
CA ILE B 44 45.25 12.37 -4.39
C ILE B 44 45.47 13.18 -3.13
N TYR B 45 46.69 13.20 -2.63
CA TYR B 45 46.99 13.99 -1.47
C TYR B 45 47.85 15.11 -1.93
N ASN B 46 47.37 16.34 -1.76
CA ASN B 46 48.08 17.46 -2.33
C ASN B 46 48.07 17.24 -3.81
N ARG B 47 49.22 17.04 -4.42
CA ARG B 47 49.23 16.71 -5.83
C ARG B 47 49.59 15.30 -6.21
N GLU B 48 49.75 14.41 -5.24
CA GLU B 48 50.20 13.06 -5.57
C GLU B 48 49.18 11.95 -5.41
N GLU B 49 49.00 11.21 -6.48
CA GLU B 49 47.97 10.24 -6.54
C GLU B 49 48.50 9.00 -5.91
N TYR B 50 48.16 8.80 -4.65
CA TYR B 50 48.74 7.73 -3.85
C TYR B 50 48.09 6.36 -4.11
N ALA B 51 46.80 6.34 -4.44
CA ALA B 51 46.06 5.10 -4.72
C ALA B 51 45.03 5.32 -5.83
N ARG B 52 44.72 4.26 -6.60
CA ARG B 52 43.75 4.33 -7.70
C ARG B 52 43.04 3.00 -7.95
N PHE B 53 41.92 3.06 -8.70
CA PHE B 53 41.16 1.90 -9.15
C PHE B 53 40.90 2.02 -10.64
N ASP B 54 41.45 1.08 -11.41
CA ASP B 54 41.26 0.99 -12.86
C ASP B 54 40.38 -0.21 -13.15
N SER B 55 39.24 0.01 -13.84
CA SER B 55 38.27 -1.04 -14.18
C SER B 55 38.90 -2.16 -15.01
N ASP B 56 39.98 -1.85 -15.78
CA ASP B 56 40.72 -2.82 -16.57
C ASP B 56 41.56 -3.72 -15.66
N VAL B 57 42.00 -3.21 -14.50
CA VAL B 57 42.79 -3.96 -13.51
C VAL B 57 41.80 -4.78 -12.66
N GLY B 58 40.74 -4.13 -12.18
CA GLY B 58 39.68 -4.75 -11.40
C GLY B 58 39.85 -4.68 -9.90
N VAL B 59 41.03 -4.23 -9.42
CA VAL B 59 41.35 -4.11 -7.99
C VAL B 59 42.04 -2.77 -7.71
N TYR B 60 42.00 -2.30 -6.45
CA TYR B 60 42.66 -1.07 -6.01
C TYR B 60 44.18 -1.26 -6.06
N ARG B 61 44.93 -0.25 -6.55
CA ARG B 61 46.38 -0.34 -6.66
C ARG B 61 47.06 0.89 -6.07
N ALA B 62 48.10 0.65 -5.26
CA ALA B 62 48.90 1.69 -4.64
C ALA B 62 49.88 2.22 -5.68
N VAL B 63 49.92 3.55 -5.88
CA VAL B 63 50.78 4.15 -6.91
C VAL B 63 51.86 5.09 -6.31
N THR B 64 52.00 5.09 -4.96
CA THR B 64 52.96 5.86 -4.15
C THR B 64 53.13 5.12 -2.82
N PRO B 65 54.32 5.07 -2.15
CA PRO B 65 54.42 4.36 -0.86
C PRO B 65 53.45 4.87 0.24
N LEU B 66 52.64 5.88 -0.10
CA LEU B 66 51.60 6.48 0.75
C LEU B 66 50.25 5.74 0.55
N GLY B 67 50.18 4.92 -0.49
CA GLY B 67 48.99 4.15 -0.88
C GLY B 67 48.76 2.76 -0.28
N PRO B 68 49.80 1.93 0.03
CA PRO B 68 49.53 0.57 0.54
C PRO B 68 48.53 0.45 1.71
N PRO B 69 48.50 1.29 2.79
CA PRO B 69 47.48 1.09 3.84
C PRO B 69 46.06 1.31 3.36
N ALA B 70 45.88 2.19 2.36
CA ALA B 70 44.57 2.48 1.76
C ALA B 70 44.13 1.36 0.83
N ALA B 71 44.98 1.02 -0.18
CA ALA B 71 44.72 0.00 -1.21
C ALA B 71 44.46 -1.39 -0.62
N GLU B 72 45.25 -1.83 0.38
CA GLU B 72 45.12 -3.15 1.02
C GLU B 72 43.80 -3.26 1.80
N TYR B 73 43.40 -2.18 2.50
CA TYR B 73 42.19 -2.10 3.31
C TYR B 73 40.93 -2.16 2.45
N TRP B 74 40.91 -1.42 1.31
CA TRP B 74 39.79 -1.38 0.39
C TRP B 74 39.60 -2.70 -0.35
N ASN B 75 40.70 -3.41 -0.65
CA ASN B 75 40.66 -4.69 -1.34
C ASN B 75 40.21 -5.82 -0.40
N SER B 76 40.51 -5.71 0.92
CA SER B 76 40.12 -6.71 1.92
C SER B 76 38.60 -6.65 2.19
N GLN B 77 37.98 -5.47 1.98
CA GLN B 77 36.54 -5.26 2.15
C GLN B 77 35.81 -5.60 0.84
N LYS B 78 35.07 -6.72 0.81
CA LYS B 78 34.36 -7.19 -0.38
C LYS B 78 33.29 -6.18 -0.84
N GLU B 79 32.51 -5.60 0.11
CA GLU B 79 31.44 -4.64 -0.19
C GLU B 79 31.98 -3.38 -0.90
N VAL B 80 33.20 -2.92 -0.52
CA VAL B 80 33.87 -1.74 -1.10
C VAL B 80 34.32 -2.06 -2.53
N LEU B 81 34.96 -3.24 -2.73
CA LEU B 81 35.47 -3.72 -4.02
C LEU B 81 34.34 -3.88 -5.04
N GLU B 82 33.21 -4.50 -4.63
CA GLU B 82 32.07 -4.73 -5.51
C GLU B 82 31.34 -3.45 -5.88
N ARG B 83 31.24 -2.50 -4.95
CA ARG B 83 30.61 -1.22 -5.25
C ARG B 83 31.39 -0.49 -6.34
N THR B 84 32.74 -0.45 -6.21
CA THR B 84 33.63 0.22 -7.16
C THR B 84 33.56 -0.48 -8.53
N ARG B 85 33.53 -1.82 -8.56
CA ARG B 85 33.42 -2.60 -9.79
C ARG B 85 32.11 -2.25 -10.53
N ALA B 86 31.01 -2.14 -9.76
CA ALA B 86 29.68 -1.83 -10.25
C ALA B 86 29.53 -0.37 -10.67
N GLU B 87 30.50 0.50 -10.30
CA GLU B 87 30.44 1.93 -10.64
C GLU B 87 30.61 2.17 -12.16
N LEU B 88 30.94 1.11 -12.93
CA LEU B 88 31.05 1.17 -14.38
C LEU B 88 29.64 1.22 -14.98
N ASP B 89 28.68 0.65 -14.24
CA ASP B 89 27.27 0.60 -14.63
C ASP B 89 26.45 1.71 -13.94
N THR B 90 26.60 1.86 -12.60
CA THR B 90 25.85 2.84 -11.79
C THR B 90 26.29 4.28 -12.03
N VAL B 91 27.49 4.48 -12.61
CA VAL B 91 27.98 5.82 -12.89
C VAL B 91 28.19 6.00 -14.41
N CYS B 92 29.28 5.42 -14.94
CA CYS B 92 29.74 5.49 -16.33
C CYS B 92 28.65 5.16 -17.37
N ARG B 93 28.09 3.95 -17.34
CA ARG B 93 27.07 3.56 -18.32
C ARG B 93 25.74 4.29 -18.11
N HIS B 94 25.40 4.60 -16.85
CA HIS B 94 24.17 5.31 -16.48
C HIS B 94 24.17 6.74 -16.99
N ASN B 95 25.26 7.46 -16.78
CA ASN B 95 25.40 8.86 -17.18
C ASN B 95 25.61 9.02 -18.68
N TYR B 96 26.23 8.04 -19.38
CA TYR B 96 26.43 8.16 -20.83
C TYR B 96 25.09 8.26 -21.56
N GLN B 97 24.07 7.54 -21.07
CA GLN B 97 22.70 7.57 -21.60
C GLN B 97 22.09 8.96 -21.41
N LEU B 98 22.47 9.66 -20.33
CA LEU B 98 22.03 11.02 -20.03
C LEU B 98 22.82 12.02 -20.91
N GLU B 99 24.04 11.65 -21.32
CA GLU B 99 24.86 12.48 -22.21
C GLU B 99 24.38 12.39 -23.66
N LEU B 100 23.90 11.21 -24.08
CA LEU B 100 23.38 10.95 -25.42
C LEU B 100 22.18 11.82 -25.75
N ARG B 101 21.33 12.10 -24.75
CA ARG B 101 20.12 12.91 -24.91
C ARG B 101 20.40 14.42 -24.79
N THR B 102 21.54 14.81 -24.15
CA THR B 102 21.90 16.23 -23.95
C THR B 102 23.19 16.65 -24.68
N THR B 103 24.36 16.57 -24.01
CA THR B 103 25.70 16.98 -24.48
C THR B 103 26.03 16.47 -25.88
N LEU B 104 25.82 15.17 -26.15
CA LEU B 104 26.15 14.54 -27.43
C LEU B 104 25.19 14.97 -28.56
N GLN B 105 24.10 15.69 -28.21
CA GLN B 105 23.14 16.21 -29.20
C GLN B 105 23.28 17.73 -29.34
N ARG B 106 24.17 18.36 -28.52
CA ARG B 106 24.43 19.79 -28.56
C ARG B 106 25.19 20.12 -29.84
N ARG B 107 24.55 20.92 -30.72
CA ARG B 107 25.12 21.37 -31.99
C ARG B 107 24.95 22.89 -32.09
N VAL B 108 26.07 23.63 -31.94
CA VAL B 108 26.05 25.10 -32.00
C VAL B 108 26.82 25.55 -33.24
N GLU B 109 26.11 26.18 -34.19
CA GLU B 109 26.65 26.69 -35.46
C GLU B 109 27.69 27.80 -35.21
N PRO B 110 28.87 27.75 -35.87
CA PRO B 110 29.89 28.79 -35.62
C PRO B 110 29.59 30.12 -36.32
N THR B 111 30.11 31.20 -35.72
CA THR B 111 30.01 32.56 -36.25
C THR B 111 31.31 32.79 -37.03
N VAL B 112 31.19 33.04 -38.34
CA VAL B 112 32.38 33.21 -39.18
C VAL B 112 32.38 34.61 -39.83
N THR B 113 33.43 35.40 -39.53
CA THR B 113 33.63 36.77 -40.02
C THR B 113 35.09 37.00 -40.40
N ILE B 114 35.35 37.57 -41.59
CA ILE B 114 36.71 37.86 -42.07
C ILE B 114 37.00 39.35 -41.84
N SER B 115 38.07 39.64 -41.08
CA SER B 115 38.50 41.00 -40.74
C SER B 115 40.00 41.19 -41.06
N PRO B 116 40.42 42.37 -41.60
CA PRO B 116 41.85 42.56 -41.90
C PRO B 116 42.68 42.82 -40.65
N SER B 117 43.88 42.20 -40.56
CA SER B 117 44.79 42.34 -39.42
C SER B 117 46.25 42.28 -39.89
N LEU B 127 47.02 41.07 -44.16
CA LEU B 127 46.60 39.76 -43.65
C LEU B 127 45.09 39.73 -43.38
N LEU B 128 44.43 38.61 -43.76
CA LEU B 128 42.99 38.41 -43.56
C LEU B 128 42.77 37.20 -42.63
N VAL B 129 42.30 37.45 -41.41
CA VAL B 129 42.07 36.41 -40.40
C VAL B 129 40.60 35.91 -40.48
N CYS B 130 40.41 34.58 -40.48
CA CYS B 130 39.08 33.97 -40.50
C CYS B 130 38.71 33.61 -39.07
N SER B 131 37.84 34.42 -38.47
CA SER B 131 37.39 34.27 -37.09
C SER B 131 36.23 33.28 -37.02
N VAL B 132 36.51 32.06 -36.51
CA VAL B 132 35.52 30.99 -36.35
C VAL B 132 35.26 30.88 -34.84
N THR B 133 34.17 31.50 -34.36
CA THR B 133 33.87 31.57 -32.93
C THR B 133 32.52 30.95 -32.55
N ASP B 134 32.37 30.64 -31.24
CA ASP B 134 31.20 30.12 -30.53
C ASP B 134 30.58 28.86 -31.19
N PHE B 135 31.33 27.74 -31.17
CA PHE B 135 30.84 26.48 -31.70
C PHE B 135 31.08 25.31 -30.75
N TYR B 136 30.21 24.30 -30.86
CA TYR B 136 30.27 23.06 -30.09
C TYR B 136 29.64 21.95 -30.94
N PRO B 137 30.26 20.74 -31.06
CA PRO B 137 31.51 20.27 -30.41
C PRO B 137 32.79 20.80 -31.07
N ALA B 138 33.94 20.33 -30.57
CA ALA B 138 35.31 20.69 -30.96
C ALA B 138 35.63 20.40 -32.44
N GLN B 139 35.00 19.37 -33.05
CA GLN B 139 35.24 18.95 -34.44
C GLN B 139 35.02 20.11 -35.42
N ILE B 140 36.12 20.62 -36.00
CA ILE B 140 36.11 21.76 -36.93
C ILE B 140 37.19 21.59 -38.02
N LYS B 141 36.85 22.03 -39.25
CA LYS B 141 37.72 22.03 -40.43
C LYS B 141 37.60 23.37 -41.12
N VAL B 142 38.69 24.16 -41.09
CA VAL B 142 38.73 25.49 -41.71
C VAL B 142 39.83 25.51 -42.78
N ARG B 143 39.44 25.82 -44.02
CA ARG B 143 40.36 25.87 -45.17
C ARG B 143 40.10 27.10 -46.03
N TRP B 144 41.19 27.76 -46.49
CA TRP B 144 41.16 28.94 -47.36
C TRP B 144 41.23 28.53 -48.83
N PHE B 145 40.30 29.06 -49.66
CA PHE B 145 40.25 28.78 -51.10
C PHE B 145 40.03 30.06 -51.91
N GLN B 149 38.71 31.17 -56.90
CA GLN B 149 40.04 30.86 -56.41
C GLN B 149 40.13 29.41 -55.93
N GLU B 150 41.34 28.82 -56.00
CA GLU B 150 41.64 27.45 -55.56
C GLU B 150 42.18 27.45 -54.12
N GLU B 151 42.23 26.26 -53.47
CA GLU B 151 42.71 26.07 -52.09
C GLU B 151 44.18 26.48 -51.97
N THR B 152 44.51 27.25 -50.92
CA THR B 152 45.86 27.76 -50.68
C THR B 152 46.59 27.00 -49.56
N THR B 153 47.93 26.87 -49.69
CA THR B 153 48.81 26.20 -48.74
C THR B 153 49.86 27.23 -48.27
N GLY B 154 49.97 27.37 -46.95
CA GLY B 154 50.87 28.32 -46.28
C GLY B 154 50.10 29.22 -45.34
N VAL B 155 49.21 28.61 -44.53
CA VAL B 155 48.34 29.28 -43.56
C VAL B 155 48.78 29.00 -42.12
N VAL B 156 48.69 30.01 -41.24
CA VAL B 156 49.04 29.91 -39.83
C VAL B 156 47.76 29.85 -38.99
N SER B 157 47.48 28.69 -38.38
CA SER B 157 46.28 28.48 -37.55
C SER B 157 46.64 28.32 -36.08
N THR B 158 45.96 29.09 -35.21
CA THR B 158 46.15 29.05 -33.76
C THR B 158 45.54 27.76 -33.21
N PRO B 159 46.03 27.19 -32.07
CA PRO B 159 45.40 25.96 -31.54
C PRO B 159 43.95 26.19 -31.14
N LEU B 160 43.16 25.10 -31.04
CA LEU B 160 41.74 25.19 -30.65
C LEU B 160 41.63 25.74 -29.24
N ILE B 161 40.93 26.88 -29.11
CA ILE B 161 40.77 27.58 -27.83
C ILE B 161 39.47 27.19 -27.16
N ARG B 162 39.54 26.79 -25.87
CA ARG B 162 38.39 26.46 -25.04
C ARG B 162 37.95 27.74 -24.34
N ASN B 163 36.73 28.22 -24.63
CA ASN B 163 36.20 29.44 -24.02
C ASN B 163 35.74 29.20 -22.59
N GLY B 164 35.42 27.94 -22.26
CA GLY B 164 34.98 27.52 -20.94
C GLY B 164 33.48 27.64 -20.69
N ASP B 165 32.74 28.17 -21.67
CA ASP B 165 31.29 28.37 -21.58
C ASP B 165 30.57 27.43 -22.56
N TRP B 166 31.17 26.23 -22.78
CA TRP B 166 30.70 25.16 -23.65
C TRP B 166 30.71 25.58 -25.14
N THR B 167 31.67 26.44 -25.50
CA THR B 167 31.89 26.91 -26.88
C THR B 167 33.40 26.96 -27.17
N PHE B 168 33.77 26.75 -28.43
CA PHE B 168 35.17 26.83 -28.87
C PHE B 168 35.35 27.96 -29.88
N GLN B 169 36.60 28.40 -30.06
CA GLN B 169 36.97 29.41 -31.04
C GLN B 169 38.34 29.05 -31.64
N ILE B 170 38.54 29.37 -32.93
CA ILE B 170 39.78 29.12 -33.68
C ILE B 170 39.96 30.24 -34.72
N LEU B 171 41.20 30.74 -34.84
CA LEU B 171 41.54 31.81 -35.77
C LEU B 171 42.59 31.32 -36.76
N VAL B 172 42.32 31.48 -38.07
CA VAL B 172 43.26 31.06 -39.10
C VAL B 172 43.65 32.28 -39.96
N MET B 173 44.95 32.51 -40.08
CA MET B 173 45.54 33.63 -40.82
C MET B 173 46.22 33.10 -42.09
N LEU B 174 46.24 33.91 -43.16
CA LEU B 174 46.89 33.55 -44.43
C LEU B 174 47.85 34.65 -44.87
N GLU B 175 48.86 34.30 -45.71
CA GLU B 175 49.89 35.21 -46.21
C GLU B 175 49.31 36.33 -47.09
N MET B 176 48.58 35.96 -48.17
CA MET B 176 47.94 36.83 -49.18
C MET B 176 48.93 37.85 -49.77
N ARG B 180 44.56 42.12 -57.73
CA ARG B 180 43.25 42.68 -57.39
C ARG B 180 42.13 42.04 -58.24
N GLY B 181 40.90 42.17 -57.78
CA GLY B 181 39.72 41.62 -58.44
C GLY B 181 39.34 40.24 -57.90
N ASP B 182 40.35 39.50 -57.41
CA ASP B 182 40.20 38.15 -56.85
C ASP B 182 39.51 38.21 -55.48
N VAL B 183 38.55 37.30 -55.26
CA VAL B 183 37.76 37.24 -54.02
C VAL B 183 38.23 36.04 -53.18
N TYR B 184 38.50 36.27 -51.88
CA TYR B 184 38.95 35.24 -50.94
C TYR B 184 37.76 34.66 -50.18
N THR B 185 37.64 33.31 -50.19
CA THR B 185 36.56 32.60 -49.52
C THR B 185 37.08 31.72 -48.39
N CYS B 186 36.46 31.83 -47.21
CA CYS B 186 36.81 31.00 -46.05
C CYS B 186 35.77 29.89 -45.91
N HIS B 187 36.20 28.62 -46.04
CA HIS B 187 35.34 27.44 -45.95
C HIS B 187 35.40 26.84 -44.53
N VAL B 188 34.22 26.66 -43.90
CA VAL B 188 34.16 26.14 -42.54
C VAL B 188 33.20 24.95 -42.47
N GLU B 189 33.72 23.79 -42.01
CA GLU B 189 32.97 22.55 -41.84
C GLU B 189 32.78 22.25 -40.34
N HIS B 190 31.52 21.95 -39.95
CA HIS B 190 31.13 21.66 -38.57
C HIS B 190 29.92 20.69 -38.54
N PRO B 191 29.79 19.77 -37.53
CA PRO B 191 28.64 18.84 -37.52
C PRO B 191 27.26 19.50 -37.40
N SER B 192 27.21 20.76 -36.91
CA SER B 192 25.98 21.54 -36.74
C SER B 192 25.38 22.03 -38.07
N LEU B 193 26.17 22.00 -39.17
CA LEU B 193 25.74 22.50 -40.47
C LEU B 193 25.65 21.40 -41.51
N GLN B 194 24.50 21.35 -42.23
CA GLN B 194 24.25 20.40 -43.32
C GLN B 194 25.15 20.72 -44.51
N ASN B 195 25.38 22.03 -44.75
CA ASN B 195 26.24 22.56 -45.80
C ASN B 195 27.23 23.58 -45.20
N PRO B 196 28.48 23.70 -45.72
CA PRO B 196 29.44 24.66 -45.12
C PRO B 196 29.04 26.12 -45.30
N ILE B 197 29.40 26.98 -44.33
CA ILE B 197 29.12 28.41 -44.41
C ILE B 197 30.23 29.04 -45.25
N ILE B 198 29.83 29.69 -46.36
CA ILE B 198 30.73 30.37 -47.28
C ILE B 198 30.65 31.88 -46.99
N VAL B 199 31.80 32.49 -46.70
CA VAL B 199 31.96 33.93 -46.42
C VAL B 199 33.02 34.46 -47.37
N GLU B 200 32.64 35.43 -48.22
CA GLU B 200 33.51 36.05 -49.22
C GLU B 200 34.17 37.34 -48.71
N TRP B 201 35.31 37.71 -49.33
CA TRP B 201 36.05 38.94 -49.08
C TRP B 201 36.61 39.43 -50.42
N ARG B 202 35.84 40.31 -51.08
CA ARG B 202 36.17 40.88 -52.38
C ARG B 202 37.26 41.93 -52.25
N VAL C 4 -41.50 -31.60 -5.67
CA VAL C 4 -41.08 -33.01 -5.77
C VAL C 4 -39.68 -33.09 -6.40
N ALA C 5 -38.67 -33.44 -5.57
CA ALA C 5 -37.26 -33.57 -6.00
C ALA C 5 -36.50 -34.59 -5.12
N ASP C 6 -35.25 -34.93 -5.52
CA ASP C 6 -34.38 -35.84 -4.77
C ASP C 6 -33.84 -35.17 -3.51
N HIS C 7 -33.51 -33.87 -3.61
CA HIS C 7 -33.00 -33.07 -2.50
C HIS C 7 -33.61 -31.67 -2.53
N VAL C 8 -34.11 -31.20 -1.38
CA VAL C 8 -34.68 -29.86 -1.25
C VAL C 8 -33.85 -29.08 -0.22
N ALA C 9 -33.42 -27.88 -0.62
CA ALA C 9 -32.62 -27.01 0.22
C ALA C 9 -33.20 -25.61 0.26
N SER C 10 -33.03 -24.95 1.41
CA SER C 10 -33.42 -23.55 1.63
C SER C 10 -32.15 -22.78 1.95
N TYR C 11 -31.68 -21.92 1.03
CA TYR C 11 -30.47 -21.11 1.22
C TYR C 11 -30.77 -19.58 1.19
N GLY C 12 -31.54 -19.04 2.14
CA GLY C 12 -32.16 -19.76 3.25
C GLY C 12 -33.50 -19.27 3.69
N VAL C 13 -33.85 -19.62 4.93
CA VAL C 13 -35.09 -19.22 5.58
C VAL C 13 -34.82 -17.88 6.28
N ASN C 14 -35.44 -16.82 5.76
CA ASN C 14 -35.30 -15.48 6.29
C ASN C 14 -36.58 -15.13 7.04
N LEU C 15 -36.45 -14.81 8.33
CA LEU C 15 -37.58 -14.48 9.18
C LEU C 15 -37.38 -13.15 9.90
N TYR C 16 -38.43 -12.30 9.88
CA TYR C 16 -38.48 -11.02 10.59
C TYR C 16 -39.92 -10.75 11.02
N GLN C 17 -40.11 -10.44 12.31
CA GLN C 17 -41.43 -10.14 12.88
C GLN C 17 -41.36 -8.88 13.75
N SER C 18 -42.50 -8.17 13.84
CA SER C 18 -42.66 -6.94 14.60
C SER C 18 -42.52 -7.14 16.12
N TYR C 19 -42.91 -8.33 16.65
CA TYR C 19 -42.82 -8.64 18.08
C TYR C 19 -41.36 -8.78 18.50
N GLY C 20 -40.87 -7.77 19.21
CA GLY C 20 -39.50 -7.65 19.69
C GLY C 20 -38.95 -6.28 19.37
N PRO C 21 -38.62 -5.98 18.09
CA PRO C 21 -38.67 -6.83 16.89
C PRO C 21 -37.63 -7.94 16.95
N SER C 22 -37.89 -9.07 16.26
CA SER C 22 -36.98 -10.21 16.24
C SER C 22 -36.93 -10.87 14.86
N GLY C 23 -35.82 -11.54 14.58
CA GLY C 23 -35.60 -12.23 13.32
C GLY C 23 -34.85 -13.54 13.43
N GLN C 24 -34.73 -14.25 12.28
CA GLN C 24 -34.02 -15.54 12.18
C GLN C 24 -33.48 -15.77 10.76
N TYR C 25 -32.20 -16.17 10.68
CA TYR C 25 -31.56 -16.60 9.44
C TYR C 25 -30.99 -18.00 9.62
N SER C 26 -31.34 -18.90 8.67
CA SER C 26 -30.88 -20.28 8.71
C SER C 26 -30.91 -20.91 7.31
N HIS C 27 -30.06 -21.93 7.09
CA HIS C 27 -30.01 -22.73 5.88
C HIS C 27 -30.44 -24.14 6.22
N GLU C 28 -31.34 -24.69 5.42
CA GLU C 28 -31.86 -26.05 5.60
C GLU C 28 -31.56 -26.89 4.37
N PHE C 29 -31.35 -28.20 4.58
CA PHE C 29 -31.11 -29.18 3.53
C PHE C 29 -31.82 -30.48 3.93
N ASP C 30 -32.75 -30.92 3.07
CA ASP C 30 -33.58 -32.12 3.21
C ASP C 30 -34.28 -32.17 4.59
N GLY C 31 -34.86 -31.03 4.98
CA GLY C 31 -35.62 -30.86 6.20
C GLY C 31 -34.84 -30.65 7.49
N ASP C 32 -33.49 -30.57 7.40
CA ASP C 32 -32.65 -30.36 8.58
C ASP C 32 -31.85 -29.08 8.50
N GLU C 33 -31.65 -28.44 9.67
CA GLU C 33 -30.94 -27.17 9.88
C GLU C 33 -29.42 -27.34 9.80
N GLU C 34 -28.78 -26.71 8.80
CA GLU C 34 -27.33 -26.76 8.60
C GLU C 34 -26.63 -25.83 9.58
N PHE C 35 -27.12 -24.58 9.63
CA PHE C 35 -26.61 -23.51 10.48
C PHE C 35 -27.66 -22.44 10.66
N TYR C 36 -27.42 -21.59 11.65
CA TYR C 36 -28.20 -20.38 11.88
C TYR C 36 -27.21 -19.25 12.13
N VAL C 37 -27.66 -18.02 11.92
CA VAL C 37 -26.82 -16.86 12.19
C VAL C 37 -27.37 -16.22 13.46
N ASP C 38 -26.53 -16.10 14.49
CA ASP C 38 -26.89 -15.37 15.71
C ASP C 38 -26.79 -13.90 15.33
N LEU C 39 -27.95 -13.28 15.05
CA LEU C 39 -28.04 -11.90 14.58
C LEU C 39 -27.51 -10.89 15.61
N GLU C 40 -27.50 -11.27 16.89
CA GLU C 40 -27.01 -10.40 17.96
C GLU C 40 -25.50 -10.46 18.08
N ARG C 41 -24.89 -11.65 17.93
CA ARG C 41 -23.44 -11.87 18.00
C ARG C 41 -22.77 -11.69 16.63
N LYS C 42 -23.57 -11.67 15.53
CA LYS C 42 -23.13 -11.55 14.14
C LYS C 42 -22.16 -12.71 13.86
N GLU C 43 -22.62 -13.93 14.18
CA GLU C 43 -21.85 -15.17 14.13
C GLU C 43 -22.66 -16.31 13.50
N THR C 44 -22.00 -17.11 12.65
CA THR C 44 -22.60 -18.28 12.01
C THR C 44 -22.37 -19.50 12.91
N VAL C 45 -23.46 -20.20 13.28
CA VAL C 45 -23.42 -21.36 14.18
C VAL C 45 -23.87 -22.62 13.41
N TRP C 46 -22.89 -23.46 13.00
CA TRP C 46 -23.18 -24.71 12.28
C TRP C 46 -23.67 -25.78 13.24
N GLN C 47 -24.64 -26.59 12.79
CA GLN C 47 -25.29 -27.62 13.61
C GLN C 47 -24.61 -29.00 13.54
N LEU C 48 -23.43 -29.09 12.90
CA LEU C 48 -22.68 -30.34 12.81
C LEU C 48 -21.16 -30.09 12.88
N PRO C 49 -20.36 -31.00 13.50
CA PRO C 49 -18.90 -30.80 13.54
C PRO C 49 -18.26 -30.85 12.14
N LEU C 50 -18.85 -31.64 11.22
CA LEU C 50 -18.41 -31.80 9.84
C LEU C 50 -18.57 -30.47 9.09
N PHE C 51 -19.70 -29.78 9.34
CA PHE C 51 -20.05 -28.50 8.75
C PHE C 51 -19.12 -27.40 9.26
N ARG C 52 -18.80 -27.40 10.57
CA ARG C 52 -17.91 -26.41 11.18
C ARG C 52 -16.49 -26.49 10.60
N ARG C 53 -15.97 -27.73 10.45
CA ARG C 53 -14.64 -28.05 9.96
C ARG C 53 -14.39 -27.67 8.48
N PHE C 54 -15.37 -27.90 7.59
CA PHE C 54 -15.11 -27.66 6.17
C PHE C 54 -15.96 -26.57 5.50
N ARG C 55 -17.03 -26.07 6.15
CA ARG C 55 -17.91 -25.08 5.52
C ARG C 55 -17.85 -23.69 6.20
N ARG C 56 -18.16 -22.63 5.41
CA ARG C 56 -18.10 -21.23 5.87
C ARG C 56 -19.19 -20.36 5.24
N PHE C 57 -19.89 -19.57 6.06
CA PHE C 57 -20.90 -18.60 5.63
C PHE C 57 -20.68 -17.27 6.33
N ASP C 58 -20.61 -16.17 5.56
CA ASP C 58 -20.40 -14.80 6.04
C ASP C 58 -21.69 -14.27 6.67
N PRO C 59 -21.72 -14.02 8.01
CA PRO C 59 -22.96 -13.54 8.66
C PRO C 59 -23.47 -12.17 8.18
N GLN C 60 -22.60 -11.33 7.55
CA GLN C 60 -22.98 -10.01 7.03
C GLN C 60 -24.16 -10.12 6.02
N PHE C 61 -24.18 -11.19 5.20
CA PHE C 61 -25.20 -11.45 4.19
C PHE C 61 -26.53 -11.75 4.85
N ALA C 62 -26.51 -12.40 6.02
CA ALA C 62 -27.70 -12.70 6.81
C ALA C 62 -28.28 -11.41 7.39
N LEU C 63 -27.40 -10.56 7.94
CA LEU C 63 -27.79 -9.29 8.56
C LEU C 63 -28.30 -8.30 7.51
N THR C 64 -27.70 -8.31 6.31
CA THR C 64 -28.13 -7.44 5.20
C THR C 64 -29.53 -7.88 4.76
N ASN C 65 -29.78 -9.20 4.73
CA ASN C 65 -31.06 -9.78 4.33
C ASN C 65 -32.20 -9.39 5.28
N ILE C 66 -31.94 -9.41 6.60
CA ILE C 66 -32.94 -9.06 7.62
C ILE C 66 -33.29 -7.57 7.50
N ALA C 67 -32.30 -6.71 7.18
CA ALA C 67 -32.49 -5.27 6.97
C ALA C 67 -33.49 -5.01 5.80
N VAL C 68 -33.42 -5.84 4.72
CA VAL C 68 -34.30 -5.75 3.55
C VAL C 68 -35.73 -6.22 3.95
N LEU C 69 -35.81 -7.33 4.73
CA LEU C 69 -37.06 -7.90 5.24
C LEU C 69 -37.83 -6.88 6.09
N LYS C 70 -37.09 -6.11 6.93
CA LYS C 70 -37.64 -5.05 7.78
C LYS C 70 -38.30 -3.97 6.92
N HIS C 71 -37.61 -3.57 5.82
CA HIS C 71 -38.11 -2.59 4.85
C HIS C 71 -39.36 -3.14 4.16
N ASN C 72 -39.27 -4.39 3.64
CA ASN C 72 -40.34 -5.10 2.96
C ASN C 72 -41.59 -5.29 3.83
N LEU C 73 -41.41 -5.60 5.14
CA LEU C 73 -42.52 -5.82 6.08
C LEU C 73 -43.36 -4.54 6.26
N ASN C 74 -42.72 -3.39 6.50
CA ASN C 74 -43.40 -2.10 6.68
C ASN C 74 -44.17 -1.66 5.43
N ILE C 75 -43.66 -1.98 4.21
CA ILE C 75 -44.32 -1.67 2.94
C ILE C 75 -45.63 -2.49 2.81
N VAL C 76 -45.55 -3.82 3.03
CA VAL C 76 -46.68 -4.77 2.92
C VAL C 76 -47.69 -4.56 4.08
N ILE C 77 -47.24 -4.13 5.29
CA ILE C 77 -48.15 -3.84 6.41
C ILE C 77 -49.16 -2.78 5.94
N LYS C 78 -48.66 -1.70 5.29
CA LYS C 78 -49.44 -0.60 4.74
C LYS C 78 -50.38 -1.07 3.61
N ARG C 79 -49.86 -1.91 2.67
CA ARG C 79 -50.58 -2.45 1.52
C ARG C 79 -51.73 -3.39 1.93
N SER C 80 -51.59 -4.11 3.06
CA SER C 80 -52.60 -5.03 3.58
C SER C 80 -53.56 -4.35 4.59
N ASN C 81 -53.38 -3.01 4.82
CA ASN C 81 -54.15 -2.17 5.77
C ASN C 81 -53.97 -2.68 7.23
N SER C 82 -52.71 -3.04 7.58
CA SER C 82 -52.25 -3.55 8.88
C SER C 82 -53.02 -4.83 9.31
N THR C 83 -52.81 -5.92 8.58
CA THR C 83 -53.40 -7.24 8.86
C THR C 83 -52.43 -8.00 9.76
N ALA C 84 -52.87 -8.28 10.99
CA ALA C 84 -52.09 -8.99 12.00
C ALA C 84 -52.07 -10.50 11.72
N ALA C 85 -51.05 -11.21 12.27
CA ALA C 85 -50.88 -12.64 12.14
C ALA C 85 -51.93 -13.40 12.95
N THR C 86 -52.47 -14.48 12.38
CA THR C 86 -53.45 -15.34 13.05
C THR C 86 -52.68 -16.39 13.86
N ASN C 87 -52.98 -16.50 15.17
CA ASN C 87 -52.33 -17.45 16.07
C ASN C 87 -52.86 -18.86 15.83
N GLU C 88 -51.95 -19.81 15.61
CA GLU C 88 -52.26 -21.23 15.37
C GLU C 88 -52.05 -22.05 16.65
N VAL C 89 -52.77 -23.18 16.78
CA VAL C 89 -52.66 -24.07 17.94
C VAL C 89 -51.55 -25.09 17.62
N PRO C 90 -50.45 -25.15 18.41
CA PRO C 90 -49.37 -26.08 18.09
C PRO C 90 -49.62 -27.51 18.55
N GLU C 91 -49.03 -28.48 17.82
CA GLU C 91 -49.09 -29.92 18.10
C GLU C 91 -47.78 -30.36 18.76
N VAL C 92 -47.87 -31.01 19.93
CA VAL C 92 -46.70 -31.44 20.70
C VAL C 92 -46.63 -32.98 20.76
N THR C 93 -45.46 -33.54 20.40
CA THR C 93 -45.17 -34.98 20.40
C THR C 93 -43.85 -35.21 21.18
N VAL C 94 -43.89 -36.09 22.20
CA VAL C 94 -42.73 -36.41 23.06
C VAL C 94 -42.34 -37.89 22.84
N PHE C 95 -41.03 -38.13 22.62
CA PHE C 95 -40.45 -39.46 22.39
C PHE C 95 -38.94 -39.49 22.72
N SER C 96 -38.36 -40.69 22.85
CA SER C 96 -36.93 -40.88 23.14
C SER C 96 -36.14 -41.08 21.84
N LYS C 97 -34.83 -40.75 21.87
CA LYS C 97 -33.92 -40.89 20.72
C LYS C 97 -33.58 -42.35 20.45
N SER C 98 -33.30 -43.12 21.52
CA SER C 98 -32.91 -44.53 21.44
C SER C 98 -33.75 -45.38 22.43
N PRO C 99 -33.79 -46.74 22.32
CA PRO C 99 -34.59 -47.54 23.26
C PRO C 99 -34.18 -47.32 24.72
N VAL C 100 -35.19 -47.04 25.58
CA VAL C 100 -35.01 -46.76 27.00
C VAL C 100 -34.64 -48.03 27.79
N THR C 101 -33.53 -47.94 28.53
CA THR C 101 -32.99 -48.99 29.40
C THR C 101 -32.51 -48.32 30.68
N LEU C 102 -32.99 -48.81 31.85
CA LEU C 102 -32.67 -48.28 33.17
C LEU C 102 -31.16 -48.30 33.42
N GLY C 103 -30.60 -47.11 33.64
CA GLY C 103 -29.18 -46.92 33.90
C GLY C 103 -28.38 -46.38 32.74
N GLN C 104 -28.76 -46.73 31.50
CA GLN C 104 -28.07 -46.30 30.28
C GLN C 104 -28.56 -44.90 29.86
N PRO C 105 -27.64 -43.92 29.60
CA PRO C 105 -28.07 -42.55 29.25
C PRO C 105 -28.85 -42.46 27.93
N ASN C 106 -29.90 -41.62 27.91
CA ASN C 106 -30.77 -41.38 26.76
C ASN C 106 -31.08 -39.87 26.59
N THR C 107 -31.87 -39.53 25.55
CA THR C 107 -32.29 -38.17 25.24
C THR C 107 -33.79 -38.14 24.91
N LEU C 108 -34.52 -37.15 25.47
CA LEU C 108 -35.95 -36.99 25.21
C LEU C 108 -36.16 -35.87 24.20
N ILE C 109 -36.88 -36.18 23.12
CA ILE C 109 -37.16 -35.27 22.01
C ILE C 109 -38.60 -34.74 22.09
N CYS C 110 -38.75 -33.40 22.07
CA CYS C 110 -40.05 -32.73 22.11
C CYS C 110 -40.31 -31.99 20.79
N LEU C 111 -41.06 -32.64 19.88
CA LEU C 111 -41.42 -32.05 18.59
C LEU C 111 -42.62 -31.13 18.79
N VAL C 112 -42.42 -29.84 18.54
CA VAL C 112 -43.47 -28.83 18.65
C VAL C 112 -43.74 -28.37 17.21
N ASP C 113 -44.78 -28.96 16.60
CA ASP C 113 -45.18 -28.73 15.22
C ASP C 113 -46.28 -27.66 15.13
N ASN C 114 -46.44 -27.04 13.93
CA ASN C 114 -47.43 -26.01 13.59
C ASN C 114 -47.34 -24.79 14.55
N ILE C 115 -46.19 -24.09 14.51
CA ILE C 115 -45.94 -22.90 15.32
C ILE C 115 -46.14 -21.67 14.44
N PHE C 116 -47.09 -20.79 14.84
CA PHE C 116 -47.36 -19.53 14.18
C PHE C 116 -48.20 -18.61 15.09
N PRO C 117 -47.73 -17.37 15.38
CA PRO C 117 -46.47 -16.74 14.95
C PRO C 117 -45.25 -17.43 15.57
N PRO C 118 -44.03 -17.31 14.97
CA PRO C 118 -42.86 -18.01 15.54
C PRO C 118 -42.33 -17.38 16.84
N VAL C 119 -43.13 -17.51 17.92
CA VAL C 119 -42.86 -17.05 19.28
C VAL C 119 -43.35 -18.18 20.20
N VAL C 120 -42.41 -18.94 20.82
CA VAL C 120 -42.77 -20.07 21.67
C VAL C 120 -41.77 -20.24 22.84
N ASN C 121 -42.28 -20.73 23.99
CA ASN C 121 -41.50 -21.03 25.19
C ASN C 121 -41.57 -22.53 25.45
N ILE C 122 -40.50 -23.27 25.09
CA ILE C 122 -40.45 -24.73 25.29
C ILE C 122 -39.49 -25.01 26.44
N THR C 123 -40.06 -25.39 27.58
CA THR C 123 -39.33 -25.71 28.80
C THR C 123 -39.62 -27.16 29.20
N TRP C 124 -38.78 -27.71 30.07
CA TRP C 124 -38.92 -29.08 30.56
C TRP C 124 -39.12 -29.11 32.07
N LEU C 125 -39.93 -30.07 32.56
CA LEU C 125 -40.21 -30.25 33.98
C LEU C 125 -40.09 -31.72 34.39
N SER C 126 -39.23 -31.99 35.39
CA SER C 126 -38.99 -33.31 35.96
C SER C 126 -39.70 -33.40 37.32
N ASN C 127 -40.75 -34.24 37.39
CA ASN C 127 -41.62 -34.49 38.56
C ASN C 127 -42.27 -33.16 39.06
N GLY C 128 -42.68 -32.33 38.11
CA GLY C 128 -43.31 -31.04 38.38
C GLY C 128 -42.36 -29.87 38.52
N HIS C 129 -41.10 -30.14 38.94
CA HIS C 129 -40.06 -29.14 39.13
C HIS C 129 -39.30 -28.89 37.83
N SER C 130 -38.94 -27.63 37.56
CA SER C 130 -38.23 -27.20 36.36
C SER C 130 -36.79 -27.74 36.30
N VAL C 131 -36.30 -28.01 35.07
CA VAL C 131 -34.95 -28.50 34.79
C VAL C 131 -34.34 -27.62 33.68
N THR C 132 -33.04 -27.28 33.82
CA THR C 132 -32.30 -26.45 32.87
C THR C 132 -31.05 -27.17 32.36
N GLU C 133 -30.46 -28.06 33.20
CA GLU C 133 -29.26 -28.83 32.89
C GLU C 133 -29.49 -29.84 31.77
N GLY C 134 -28.64 -29.79 30.74
CA GLY C 134 -28.68 -30.68 29.59
C GLY C 134 -29.85 -30.45 28.64
N VAL C 135 -30.25 -29.18 28.48
CA VAL C 135 -31.38 -28.81 27.60
C VAL C 135 -30.83 -28.05 26.39
N SER C 136 -31.15 -28.54 25.18
CA SER C 136 -30.78 -27.93 23.90
C SER C 136 -32.04 -27.77 23.03
N GLU C 137 -31.98 -26.89 22.02
CA GLU C 137 -33.12 -26.58 21.16
C GLU C 137 -32.69 -26.26 19.73
N THR C 138 -33.55 -26.55 18.76
CA THR C 138 -33.31 -26.20 17.36
C THR C 138 -33.90 -24.81 17.12
N SER C 139 -33.71 -24.24 15.93
CA SER C 139 -34.32 -22.95 15.57
C SER C 139 -35.70 -23.24 14.99
N PHE C 140 -36.46 -22.21 14.60
CA PHE C 140 -37.77 -22.41 13.98
C PHE C 140 -37.57 -22.95 12.57
N LEU C 141 -37.75 -24.27 12.40
CA LEU C 141 -37.59 -24.94 11.11
C LEU C 141 -38.86 -24.74 10.25
N SER C 142 -38.66 -24.40 8.97
CA SER C 142 -39.74 -24.10 8.02
C SER C 142 -40.54 -25.32 7.58
N LYS C 143 -41.79 -25.06 7.17
CA LYS C 143 -42.77 -26.03 6.63
C LYS C 143 -43.27 -25.49 5.28
N SER C 144 -43.83 -26.38 4.44
CA SER C 144 -44.35 -26.03 3.12
C SER C 144 -45.53 -25.04 3.19
N ASP C 145 -46.32 -25.09 4.27
CA ASP C 145 -47.52 -24.23 4.46
C ASP C 145 -47.18 -22.88 5.12
N HIS C 146 -45.88 -22.57 5.25
CA HIS C 146 -45.29 -21.33 5.79
C HIS C 146 -45.56 -21.16 7.29
N SER C 147 -45.51 -22.28 8.02
CA SER C 147 -45.58 -22.35 9.48
C SER C 147 -44.24 -22.92 9.95
N PHE C 148 -43.99 -22.95 11.26
CA PHE C 148 -42.72 -23.45 11.77
C PHE C 148 -42.88 -24.61 12.75
N PHE C 149 -41.77 -25.32 13.02
CA PHE C 149 -41.68 -26.40 13.99
C PHE C 149 -40.32 -26.33 14.69
N LYS C 150 -40.32 -26.52 16.01
CA LYS C 150 -39.13 -26.47 16.85
C LYS C 150 -39.01 -27.77 17.63
N ILE C 151 -37.78 -28.29 17.76
CA ILE C 151 -37.50 -29.53 18.46
C ILE C 151 -36.54 -29.26 19.64
N SER C 152 -36.96 -29.63 20.86
CA SER C 152 -36.18 -29.46 22.08
C SER C 152 -35.66 -30.81 22.60
N TYR C 153 -34.50 -30.82 23.25
CA TYR C 153 -33.86 -32.05 23.73
C TYR C 153 -33.51 -32.00 25.20
N LEU C 154 -33.61 -33.15 25.87
CA LEU C 154 -33.25 -33.30 27.28
C LEU C 154 -32.44 -34.57 27.48
N THR C 155 -31.17 -34.41 27.88
CA THR C 155 -30.27 -35.52 28.17
C THR C 155 -30.57 -35.94 29.61
N PHE C 156 -30.90 -37.23 29.81
CA PHE C 156 -31.33 -37.75 31.10
C PHE C 156 -30.87 -39.19 31.38
N LEU C 157 -30.98 -39.62 32.66
CA LEU C 157 -30.67 -40.96 33.14
C LEU C 157 -32.00 -41.65 33.50
N PRO C 158 -32.48 -42.62 32.69
CA PRO C 158 -33.78 -43.26 32.97
C PRO C 158 -33.83 -44.05 34.28
N SER C 159 -34.83 -43.72 35.13
CA SER C 159 -35.10 -44.35 36.42
C SER C 159 -36.60 -44.39 36.71
N ALA C 160 -37.02 -45.25 37.66
CA ALA C 160 -38.42 -45.41 38.07
C ALA C 160 -38.89 -44.25 38.98
N ASP C 161 -37.97 -43.33 39.34
CA ASP C 161 -38.22 -42.18 40.21
C ASP C 161 -38.54 -40.90 39.44
N GLU C 162 -38.02 -40.74 38.20
CA GLU C 162 -38.22 -39.53 37.42
C GLU C 162 -39.28 -39.66 36.31
N ILE C 163 -40.24 -38.71 36.32
CA ILE C 163 -41.32 -38.55 35.34
C ILE C 163 -41.10 -37.20 34.63
N TYR C 164 -41.27 -37.15 33.30
CA TYR C 164 -40.98 -35.93 32.54
C TYR C 164 -42.17 -35.37 31.77
N ASP C 165 -42.21 -34.03 31.66
CA ASP C 165 -43.22 -33.25 30.95
C ASP C 165 -42.58 -32.16 30.09
N CYS C 166 -43.12 -31.94 28.88
CA CYS C 166 -42.67 -30.89 27.97
C CYS C 166 -43.68 -29.74 28.02
N LYS C 167 -43.33 -28.63 28.70
CA LYS C 167 -44.19 -27.46 28.85
C LYS C 167 -43.99 -26.51 27.66
N VAL C 168 -45.09 -26.23 26.94
CA VAL C 168 -45.10 -25.38 25.75
C VAL C 168 -46.07 -24.20 25.94
N GLU C 169 -45.53 -22.97 25.85
CA GLU C 169 -46.31 -21.72 25.97
C GLU C 169 -46.42 -21.05 24.61
N HIS C 170 -47.65 -20.79 24.15
CA HIS C 170 -47.92 -20.13 22.87
C HIS C 170 -49.21 -19.29 22.94
N TRP C 171 -49.28 -18.22 22.13
CA TRP C 171 -50.42 -17.30 22.05
C TRP C 171 -51.69 -18.00 21.53
N GLY C 172 -51.50 -19.04 20.72
CA GLY C 172 -52.59 -19.85 20.17
C GLY C 172 -53.27 -20.72 21.22
N LEU C 173 -52.60 -20.91 22.38
CA LEU C 173 -53.08 -21.69 23.53
C LEU C 173 -53.58 -20.78 24.65
N ASP C 174 -54.71 -21.16 25.28
CA ASP C 174 -55.30 -20.43 26.43
C ASP C 174 -54.49 -20.71 27.70
N GLU C 175 -54.19 -22.00 27.96
CA GLU C 175 -53.40 -22.48 29.09
C GLU C 175 -52.10 -23.14 28.58
N PRO C 176 -50.96 -23.08 29.33
CA PRO C 176 -49.73 -23.71 28.85
C PRO C 176 -49.87 -25.22 28.72
N LEU C 177 -49.70 -25.73 27.49
CA LEU C 177 -49.81 -27.15 27.13
C LEU C 177 -48.69 -27.98 27.75
N LEU C 178 -49.04 -29.19 28.23
CA LEU C 178 -48.10 -30.10 28.89
C LEU C 178 -48.27 -31.53 28.40
N LYS C 179 -47.25 -32.04 27.67
CA LYS C 179 -47.23 -33.41 27.16
C LYS C 179 -46.31 -34.24 28.06
N HIS C 180 -46.87 -35.28 28.70
CA HIS C 180 -46.18 -36.16 29.65
C HIS C 180 -45.47 -37.32 28.96
N TRP C 181 -44.44 -37.86 29.63
CA TRP C 181 -43.65 -39.01 29.22
C TRP C 181 -43.30 -39.87 30.44
N GLU C 182 -43.32 -41.20 30.29
CA GLU C 182 -43.07 -42.15 31.38
C GLU C 182 -42.15 -43.31 30.94
N PRO C 183 -41.11 -43.69 31.73
CA PRO C 183 -40.26 -44.82 31.34
C PRO C 183 -40.79 -46.15 31.85
N ASP D 15 -54.92 -12.04 27.05
CA ASP D 15 -54.70 -11.03 26.02
C ASP D 15 -53.43 -11.34 25.25
N SER D 16 -53.55 -11.53 23.92
CA SER D 16 -52.44 -11.86 23.02
C SER D 16 -51.86 -10.61 22.33
N PRO D 17 -50.51 -10.52 22.20
CA PRO D 17 -49.92 -9.33 21.54
C PRO D 17 -50.02 -9.40 20.01
N GLU D 18 -50.11 -8.21 19.38
CA GLU D 18 -50.21 -8.05 17.92
C GLU D 18 -48.84 -8.30 17.27
N ASP D 19 -48.82 -9.10 16.19
CA ASP D 19 -47.59 -9.44 15.48
C ASP D 19 -47.77 -9.46 13.96
N PHE D 20 -46.82 -8.87 13.24
CA PHE D 20 -46.76 -8.81 11.78
C PHE D 20 -45.50 -9.57 11.35
N VAL D 21 -45.68 -10.75 10.75
CA VAL D 21 -44.59 -11.65 10.37
C VAL D 21 -44.30 -11.56 8.86
N TYR D 22 -43.00 -11.50 8.50
CA TYR D 22 -42.54 -11.50 7.11
C TYR D 22 -41.54 -12.64 6.94
N GLN D 23 -41.69 -13.40 5.84
CA GLN D 23 -40.81 -14.51 5.51
C GLN D 23 -40.29 -14.44 4.07
N PHE D 24 -39.01 -14.78 3.87
CA PHE D 24 -38.41 -14.91 2.54
C PHE D 24 -37.69 -16.25 2.48
N LYS D 25 -38.14 -17.14 1.59
CA LYS D 25 -37.57 -18.48 1.46
C LYS D 25 -36.99 -18.66 0.07
N GLY D 26 -35.66 -18.81 0.00
CA GLY D 26 -34.95 -19.04 -1.24
C GLY D 26 -34.65 -20.52 -1.31
N MET D 27 -35.46 -21.27 -2.08
CA MET D 27 -35.35 -22.73 -2.12
C MET D 27 -34.82 -23.27 -3.44
N CYS D 28 -33.97 -24.32 -3.33
CA CYS D 28 -33.35 -25.07 -4.41
C CYS D 28 -33.92 -26.48 -4.46
N TYR D 29 -34.23 -26.97 -5.66
CA TYR D 29 -34.78 -28.30 -5.90
C TYR D 29 -33.87 -29.07 -6.85
N PHE D 30 -33.20 -30.12 -6.33
CA PHE D 30 -32.25 -30.94 -7.09
C PHE D 30 -32.78 -32.34 -7.38
N THR D 31 -32.59 -32.78 -8.62
CA THR D 31 -32.97 -34.09 -9.06
C THR D 31 -31.88 -34.67 -9.91
N ASN D 32 -31.63 -35.96 -9.75
CA ASN D 32 -30.65 -36.65 -10.56
C ASN D 32 -29.29 -36.04 -10.57
N GLY D 33 -28.76 -35.81 -9.40
CA GLY D 33 -27.49 -35.13 -9.27
C GLY D 33 -27.49 -33.71 -9.77
N THR D 34 -26.50 -33.39 -10.56
CA THR D 34 -26.33 -32.06 -11.10
C THR D 34 -27.35 -31.70 -12.15
N GLU D 35 -27.92 -32.69 -12.77
CA GLU D 35 -28.61 -32.48 -14.00
C GLU D 35 -29.83 -31.57 -13.99
N ARG D 36 -30.75 -31.74 -13.05
CA ARG D 36 -31.96 -30.95 -13.09
C ARG D 36 -32.07 -30.10 -11.86
N VAL D 37 -32.04 -28.79 -12.06
CA VAL D 37 -32.09 -27.87 -10.95
C VAL D 37 -33.14 -26.86 -11.16
N ARG D 38 -33.77 -26.46 -10.09
CA ARG D 38 -34.86 -25.51 -10.10
C ARG D 38 -34.84 -24.66 -8.82
N LEU D 39 -35.07 -23.35 -8.93
CA LEU D 39 -35.13 -22.49 -7.74
C LEU D 39 -36.52 -21.84 -7.64
N VAL D 40 -37.02 -21.71 -6.40
CA VAL D 40 -38.29 -21.05 -6.10
C VAL D 40 -38.09 -20.15 -4.90
N THR D 41 -38.14 -18.82 -5.11
CA THR D 41 -38.02 -17.82 -4.04
C THR D 41 -39.43 -17.45 -3.63
N ARG D 42 -39.70 -17.39 -2.32
CA ARG D 42 -41.04 -17.11 -1.82
C ARG D 42 -41.05 -15.90 -0.89
N TYR D 43 -41.93 -14.95 -1.17
CA TYR D 43 -42.12 -13.80 -0.31
C TYR D 43 -43.48 -13.95 0.33
N ILE D 44 -43.49 -14.04 1.66
CA ILE D 44 -44.65 -14.40 2.45
C ILE D 44 -44.93 -13.34 3.49
N TYR D 45 -46.16 -12.90 3.56
CA TYR D 45 -46.54 -11.94 4.57
C TYR D 45 -47.40 -12.72 5.51
N ASN D 46 -46.98 -12.81 6.77
CA ASN D 46 -47.70 -13.67 7.69
C ASN D 46 -47.65 -15.06 7.12
N ARG D 47 -48.78 -15.63 6.76
CA ARG D 47 -48.74 -16.84 5.98
C ARG D 47 -49.17 -16.72 4.52
N GLU D 48 -49.40 -15.51 4.06
CA GLU D 48 -49.72 -15.32 2.65
C GLU D 48 -48.50 -15.12 1.78
N GLU D 49 -48.25 -16.10 0.94
CA GLU D 49 -47.17 -16.01 0.02
C GLU D 49 -47.75 -15.26 -1.14
N TYR D 50 -47.44 -13.97 -1.17
CA TYR D 50 -48.04 -13.01 -2.09
C TYR D 50 -47.34 -12.94 -3.45
N ALA D 51 -46.02 -13.17 -3.50
CA ALA D 51 -45.23 -13.14 -4.72
C ALA D 51 -44.14 -14.22 -4.69
N ARG D 52 -43.75 -14.71 -5.89
CA ARG D 52 -42.71 -15.74 -6.01
C ARG D 52 -41.95 -15.67 -7.33
N PHE D 53 -40.78 -16.35 -7.38
CA PHE D 53 -39.97 -16.48 -8.59
C PHE D 53 -39.62 -17.95 -8.77
N ASP D 54 -40.08 -18.54 -9.88
CA ASP D 54 -39.81 -19.92 -10.26
C ASP D 54 -38.88 -19.88 -11.47
N SER D 55 -37.70 -20.54 -11.36
CA SER D 55 -36.68 -20.60 -12.42
C SER D 55 -37.24 -21.21 -13.72
N ASP D 56 -38.27 -22.08 -13.60
CA ASP D 56 -38.94 -22.69 -14.74
C ASP D 56 -39.81 -21.66 -15.47
N VAL D 57 -40.34 -20.66 -14.73
CA VAL D 57 -41.16 -19.57 -15.29
C VAL D 57 -40.21 -18.51 -15.88
N GLY D 58 -39.20 -18.13 -15.11
CA GLY D 58 -38.17 -17.17 -15.51
C GLY D 58 -38.43 -15.72 -15.13
N VAL D 59 -39.64 -15.42 -14.63
CA VAL D 59 -40.07 -14.07 -14.22
C VAL D 59 -40.80 -14.13 -12.87
N TYR D 60 -40.86 -13.00 -12.16
CA TYR D 60 -41.59 -12.89 -10.89
C TYR D 60 -43.08 -12.97 -11.15
N ARG D 61 -43.82 -13.71 -10.30
CA ARG D 61 -45.26 -13.89 -10.47
C ARG D 61 -46.01 -13.60 -9.18
N ALA D 62 -47.10 -12.82 -9.28
CA ALA D 62 -47.96 -12.48 -8.16
C ALA D 62 -48.89 -13.67 -7.88
N VAL D 63 -48.93 -14.12 -6.62
CA VAL D 63 -49.73 -15.26 -6.17
C VAL D 63 -51.11 -14.77 -5.70
N THR D 64 -51.13 -13.76 -4.81
CA THR D 64 -52.35 -13.19 -4.22
C THR D 64 -52.50 -11.71 -4.67
N PRO D 65 -53.69 -11.05 -4.56
CA PRO D 65 -53.81 -9.64 -4.99
C PRO D 65 -52.91 -8.66 -4.21
N LEU D 66 -52.11 -9.17 -3.26
CA LEU D 66 -51.14 -8.42 -2.46
C LEU D 66 -49.77 -8.38 -3.17
N GLY D 67 -49.61 -9.21 -4.20
CA GLY D 67 -48.38 -9.35 -4.97
C GLY D 67 -48.14 -8.47 -6.18
N PRO D 68 -49.18 -8.05 -6.99
CA PRO D 68 -48.90 -7.24 -8.19
C PRO D 68 -47.97 -6.01 -8.02
N PRO D 69 -48.04 -5.14 -6.96
CA PRO D 69 -47.09 -4.01 -6.89
C PRO D 69 -45.64 -4.45 -6.71
N ALA D 70 -45.43 -5.61 -6.06
CA ALA D 70 -44.09 -6.16 -5.85
C ALA D 70 -43.55 -6.81 -7.13
N ALA D 71 -44.33 -7.77 -7.71
CA ALA D 71 -43.98 -8.53 -8.91
C ALA D 71 -43.70 -7.66 -10.14
N GLU D 72 -44.56 -6.63 -10.40
CA GLU D 72 -44.43 -5.71 -11.54
C GLU D 72 -43.17 -4.85 -11.42
N TYR D 73 -42.84 -4.39 -10.20
CA TYR D 73 -41.68 -3.54 -9.90
C TYR D 73 -40.37 -4.29 -10.09
N TRP D 74 -40.30 -5.55 -9.60
CA TRP D 74 -39.12 -6.40 -9.71
C TRP D 74 -38.85 -6.83 -11.15
N ASN D 75 -39.91 -7.04 -11.95
CA ASN D 75 -39.78 -7.42 -13.35
C ASN D 75 -39.36 -6.23 -14.23
N SER D 76 -39.75 -4.99 -13.86
CA SER D 76 -39.39 -3.79 -14.60
C SER D 76 -37.90 -3.44 -14.42
N GLN D 77 -37.30 -3.87 -13.29
CA GLN D 77 -35.89 -3.66 -12.97
C GLN D 77 -35.07 -4.82 -13.56
N LYS D 78 -34.29 -4.56 -14.63
CA LYS D 78 -33.50 -5.59 -15.30
C LYS D 78 -32.43 -6.19 -14.36
N GLU D 79 -31.72 -5.35 -13.58
CA GLU D 79 -30.67 -5.78 -12.66
C GLU D 79 -31.20 -6.77 -11.59
N VAL D 80 -32.46 -6.57 -11.12
CA VAL D 80 -33.12 -7.42 -10.12
C VAL D 80 -33.48 -8.79 -10.75
N LEU D 81 -34.06 -8.76 -11.97
CA LEU D 81 -34.47 -9.94 -12.74
C LEU D 81 -33.27 -10.84 -13.06
N GLU D 82 -32.16 -10.24 -13.54
CA GLU D 82 -30.96 -10.98 -13.91
C GLU D 82 -30.25 -11.58 -12.69
N ARG D 83 -30.24 -10.86 -11.56
CA ARG D 83 -29.61 -11.40 -10.35
C ARG D 83 -30.36 -12.66 -9.91
N THR D 84 -31.70 -12.62 -9.89
CA THR D 84 -32.55 -13.75 -9.49
C THR D 84 -32.37 -14.93 -10.46
N ARG D 85 -32.31 -14.66 -11.78
CA ARG D 85 -32.09 -15.70 -12.80
C ARG D 85 -30.76 -16.40 -12.55
N ALA D 86 -29.70 -15.61 -12.25
CA ALA D 86 -28.35 -16.07 -11.99
C ALA D 86 -28.21 -16.80 -10.64
N GLU D 87 -29.22 -16.67 -9.75
CA GLU D 87 -29.19 -17.32 -8.43
C GLU D 87 -29.27 -18.85 -8.54
N LEU D 88 -29.53 -19.39 -9.75
CA LEU D 88 -29.54 -20.82 -10.04
C LEU D 88 -28.11 -21.33 -10.08
N ASP D 89 -27.16 -20.43 -10.40
CA ASP D 89 -25.73 -20.72 -10.45
C ASP D 89 -24.99 -20.23 -9.20
N THR D 90 -25.23 -18.98 -8.75
CA THR D 90 -24.55 -18.36 -7.61
C THR D 90 -25.02 -18.92 -6.27
N VAL D 91 -26.18 -19.60 -6.25
CA VAL D 91 -26.68 -20.20 -5.01
C VAL D 91 -26.79 -21.71 -5.17
N CYS D 92 -27.84 -22.17 -5.89
CA CYS D 92 -28.21 -23.58 -6.12
C CYS D 92 -27.05 -24.44 -6.64
N ARG D 93 -26.46 -24.12 -7.79
CA ARG D 93 -25.37 -24.93 -8.34
C ARG D 93 -24.08 -24.82 -7.53
N HIS D 94 -23.82 -23.63 -6.95
CA HIS D 94 -22.63 -23.36 -6.15
C HIS D 94 -22.63 -24.18 -4.86
N ASN D 95 -23.76 -24.18 -4.14
CA ASN D 95 -23.89 -24.88 -2.87
C ASN D 95 -24.01 -26.39 -3.03
N TYR D 96 -24.57 -26.89 -4.16
CA TYR D 96 -24.69 -28.34 -4.36
C TYR D 96 -23.30 -29.00 -4.37
N GLN D 97 -22.29 -28.32 -4.94
CA GLN D 97 -20.90 -28.78 -4.98
C GLN D 97 -20.34 -28.85 -3.56
N LEU D 98 -20.79 -27.96 -2.67
CA LEU D 98 -20.38 -27.94 -1.27
C LEU D 98 -21.13 -29.05 -0.50
N GLU D 99 -22.32 -29.44 -0.98
CA GLU D 99 -23.12 -30.52 -0.38
C GLU D 99 -22.55 -31.88 -0.74
N LEU D 100 -22.03 -32.02 -1.98
CA LEU D 100 -21.43 -33.26 -2.50
C LEU D 100 -20.24 -33.71 -1.68
N ARG D 101 -19.45 -32.74 -1.16
CA ARG D 101 -18.25 -33.02 -0.36
C ARG D 101 -18.58 -33.24 1.13
N THR D 102 -19.76 -32.76 1.61
CA THR D 102 -20.16 -32.87 3.03
C THR D 102 -21.41 -33.74 3.24
N THR D 103 -22.62 -33.12 3.27
CA THR D 103 -23.94 -33.72 3.53
C THR D 103 -24.19 -35.00 2.71
N LEU D 104 -23.93 -34.96 1.39
CA LEU D 104 -24.18 -36.10 0.50
C LEU D 104 -23.18 -37.25 0.71
N GLN D 105 -22.12 -37.02 1.53
CA GLN D 105 -21.14 -38.05 1.87
C GLN D 105 -21.33 -38.53 3.32
N ARG D 106 -22.28 -37.90 4.06
CA ARG D 106 -22.60 -38.27 5.44
C ARG D 106 -23.32 -39.62 5.44
N ARG D 107 -22.68 -40.62 6.07
CA ARG D 107 -23.19 -41.98 6.19
C ARG D 107 -23.09 -42.41 7.66
N VAL D 108 -24.25 -42.49 8.36
CA VAL D 108 -24.31 -42.87 9.77
C VAL D 108 -25.01 -44.22 9.89
N GLU D 109 -24.26 -45.27 10.32
CA GLU D 109 -24.76 -46.65 10.49
C GLU D 109 -25.85 -46.70 11.58
N PRO D 110 -26.99 -47.39 11.31
CA PRO D 110 -28.06 -47.42 12.33
C PRO D 110 -27.77 -48.38 13.48
N THR D 111 -28.36 -48.07 14.64
CA THR D 111 -28.28 -48.90 15.85
C THR D 111 -29.54 -49.77 15.83
N VAL D 112 -29.38 -51.11 15.76
CA VAL D 112 -30.51 -52.01 15.69
C VAL D 112 -30.52 -52.97 16.90
N THR D 113 -31.62 -52.90 17.68
CA THR D 113 -31.85 -53.70 18.90
C THR D 113 -33.30 -54.19 18.96
N ILE D 114 -33.50 -55.49 19.23
CA ILE D 114 -34.84 -56.09 19.34
C ILE D 114 -35.19 -56.22 20.83
N SER D 115 -36.32 -55.60 21.24
CA SER D 115 -36.81 -55.61 22.63
C SER D 115 -38.28 -56.05 22.68
N PRO D 116 -38.70 -56.87 23.68
CA PRO D 116 -40.11 -57.28 23.74
C PRO D 116 -41.03 -56.17 24.25
N SER D 117 -42.20 -55.99 23.61
CA SER D 117 -43.19 -54.98 23.97
C SER D 117 -44.60 -55.50 23.75
N LEU D 127 -45.09 -59.39 21.53
CA LEU D 127 -44.65 -58.57 20.41
C LEU D 127 -43.17 -58.23 20.51
N LEU D 128 -42.46 -58.29 19.36
CA LEU D 128 -41.04 -57.97 19.27
C LEU D 128 -40.82 -56.79 18.32
N VAL D 129 -40.46 -55.61 18.88
CA VAL D 129 -40.24 -54.37 18.13
C VAL D 129 -38.76 -54.27 17.65
N CYS D 130 -38.55 -53.92 16.37
CA CYS D 130 -37.22 -53.74 15.82
C CYS D 130 -36.90 -52.25 15.82
N SER D 131 -36.05 -51.83 16.77
CA SER D 131 -35.66 -50.44 16.96
C SER D 131 -34.47 -50.09 16.07
N VAL D 132 -34.73 -49.33 15.00
CA VAL D 132 -33.71 -48.87 14.03
C VAL D 132 -33.53 -47.37 14.27
N THR D 133 -32.49 -46.99 15.04
CA THR D 133 -32.27 -45.60 15.45
C THR D 133 -30.91 -45.04 15.00
N ASP D 134 -30.83 -43.68 15.00
CA ASP D 134 -29.67 -42.82 14.71
C ASP D 134 -28.99 -43.14 13.37
N PHE D 135 -29.68 -42.90 12.25
CA PHE D 135 -29.12 -43.11 10.92
C PHE D 135 -29.35 -41.92 9.99
N TYR D 136 -28.45 -41.76 9.02
CA TYR D 136 -28.50 -40.74 7.98
C TYR D 136 -27.79 -41.29 6.74
N PRO D 137 -28.35 -41.15 5.51
CA PRO D 137 -29.60 -40.47 5.14
C PRO D 137 -30.88 -41.27 5.45
N ALA D 138 -32.04 -40.73 5.04
CA ALA D 138 -33.40 -41.25 5.23
C ALA D 138 -33.64 -42.63 4.61
N GLN D 139 -32.93 -42.97 3.50
CA GLN D 139 -33.07 -44.23 2.77
C GLN D 139 -32.86 -45.44 3.68
N ILE D 140 -33.96 -46.16 4.00
CA ILE D 140 -33.94 -47.33 4.88
C ILE D 140 -34.96 -48.40 4.43
N LYS D 141 -34.58 -49.68 4.62
CA LYS D 141 -35.39 -50.85 4.30
C LYS D 141 -35.29 -51.83 5.46
N VAL D 142 -36.40 -52.03 6.18
CA VAL D 142 -36.46 -52.94 7.33
C VAL D 142 -37.50 -54.03 7.05
N ARG D 143 -37.06 -55.30 7.07
CA ARG D 143 -37.92 -56.46 6.82
C ARG D 143 -37.66 -57.58 7.83
N TRP D 144 -38.74 -58.22 8.31
CA TRP D 144 -38.70 -59.34 9.27
C TRP D 144 -38.66 -60.68 8.53
N PHE D 145 -37.69 -61.55 8.89
CA PHE D 145 -37.53 -62.88 8.30
C PHE D 145 -37.04 -63.88 9.35
N GLN D 149 -35.81 -69.03 9.34
CA GLN D 149 -37.15 -68.53 9.09
C GLN D 149 -37.22 -67.74 7.79
N GLU D 150 -38.42 -67.71 7.16
CA GLU D 150 -38.67 -66.98 5.91
C GLU D 150 -39.30 -65.60 6.22
N GLU D 151 -39.33 -64.70 5.21
CA GLU D 151 -39.87 -63.35 5.32
C GLU D 151 -41.38 -63.38 5.66
N THR D 152 -41.79 -62.55 6.64
CA THR D 152 -43.18 -62.49 7.11
C THR D 152 -43.92 -61.25 6.59
N THR D 153 -45.24 -61.40 6.37
CA THR D 153 -46.14 -60.34 5.90
C THR D 153 -47.26 -60.16 6.94
N GLY D 154 -47.44 -58.93 7.39
CA GLY D 154 -48.42 -58.53 8.40
C GLY D 154 -47.75 -57.79 9.53
N VAL D 155 -46.86 -56.83 9.18
CA VAL D 155 -46.07 -56.02 10.13
C VAL D 155 -46.56 -54.56 10.15
N VAL D 156 -46.57 -53.96 11.35
CA VAL D 156 -46.99 -52.57 11.54
C VAL D 156 -45.75 -51.68 11.76
N SER D 157 -45.47 -50.79 10.79
CA SER D 157 -44.31 -49.90 10.85
C SER D 157 -44.72 -48.44 11.00
N THR D 158 -44.17 -47.75 12.01
CA THR D 158 -44.42 -46.33 12.29
C THR D 158 -43.78 -45.48 11.18
N PRO D 159 -44.30 -44.25 10.86
CA PRO D 159 -43.65 -43.45 9.81
C PRO D 159 -42.22 -43.06 10.19
N LEU D 160 -41.40 -42.68 9.19
CA LEU D 160 -40.01 -42.28 9.41
C LEU D 160 -39.98 -41.02 10.28
N ILE D 161 -39.34 -41.12 11.44
CA ILE D 161 -39.27 -40.04 12.42
C ILE D 161 -37.97 -39.23 12.25
N ARG D 162 -38.11 -37.89 12.15
CA ARG D 162 -37.00 -36.96 12.06
C ARG D 162 -36.64 -36.55 13.48
N ASN D 163 -35.41 -36.88 13.92
CA ASN D 163 -34.97 -36.54 15.27
C ASN D 163 -34.58 -35.06 15.39
N GLY D 164 -34.22 -34.45 14.25
CA GLY D 164 -33.85 -33.05 14.14
C GLY D 164 -32.37 -32.77 14.38
N ASP D 165 -31.59 -33.80 14.73
CA ASP D 165 -30.15 -33.69 15.00
C ASP D 165 -29.35 -34.40 13.90
N TRP D 166 -29.89 -34.37 12.66
CA TRP D 166 -29.34 -34.96 11.44
C TRP D 166 -29.28 -36.50 11.52
N THR D 167 -30.25 -37.10 12.24
CA THR D 167 -30.43 -38.56 12.37
C THR D 167 -31.91 -38.92 12.29
N PHE D 168 -32.20 -40.14 11.82
CA PHE D 168 -33.55 -40.68 11.71
C PHE D 168 -33.72 -41.93 12.56
N GLN D 169 -34.98 -42.33 12.76
CA GLN D 169 -35.39 -43.53 13.47
C GLN D 169 -36.72 -44.04 12.89
N ILE D 170 -36.92 -45.37 12.96
CA ILE D 170 -38.13 -46.05 12.49
C ILE D 170 -38.32 -47.32 13.33
N LEU D 171 -39.55 -47.57 13.78
CA LEU D 171 -39.87 -48.75 14.59
C LEU D 171 -40.93 -49.60 13.88
N VAL D 172 -40.65 -50.90 13.73
CA VAL D 172 -41.53 -51.86 13.08
C VAL D 172 -41.88 -52.99 14.09
N MET D 173 -43.19 -53.36 14.16
CA MET D 173 -43.76 -54.34 15.10
C MET D 173 -44.15 -55.68 14.44
N LEU D 174 -44.29 -56.72 15.28
CA LEU D 174 -44.73 -58.08 14.96
C LEU D 174 -45.72 -58.57 16.02
N GLU D 175 -46.44 -59.70 15.74
CA GLU D 175 -47.45 -60.25 16.65
C GLU D 175 -46.79 -60.91 17.91
N MET D 176 -46.02 -61.99 17.79
CA MET D 176 -45.82 -62.73 16.55
C MET D 176 -46.38 -64.16 16.51
N THR D 177 -47.12 -64.60 17.54
CA THR D 177 -47.61 -66.00 17.63
C THR D 177 -46.52 -67.10 17.54
N PRO D 178 -45.44 -66.99 18.43
CA PRO D 178 -44.27 -67.78 18.03
C PRO D 178 -44.16 -69.18 18.56
N GLN D 179 -43.88 -70.13 17.68
CA GLN D 179 -43.56 -71.48 18.14
C GLN D 179 -42.16 -71.61 18.71
N ARG D 180 -41.96 -72.66 19.47
CA ARG D 180 -40.70 -72.89 20.17
C ARG D 180 -39.54 -73.15 19.25
N GLY D 181 -38.39 -72.62 19.64
CA GLY D 181 -37.09 -73.01 19.08
C GLY D 181 -36.67 -72.16 17.91
N ASP D 182 -37.66 -71.58 17.20
CA ASP D 182 -37.47 -70.71 16.04
C ASP D 182 -36.90 -69.35 16.47
N VAL D 183 -35.90 -68.86 15.72
CA VAL D 183 -35.22 -67.59 15.98
C VAL D 183 -35.68 -66.53 14.96
N TYR D 184 -36.06 -65.34 15.46
CA TYR D 184 -36.51 -64.22 14.64
C TYR D 184 -35.36 -63.28 14.30
N THR D 185 -35.18 -62.98 13.01
CA THR D 185 -34.11 -62.10 12.52
C THR D 185 -34.68 -60.83 11.91
N CYS D 186 -34.13 -59.67 12.31
CA CYS D 186 -34.51 -58.37 11.76
C CYS D 186 -33.44 -57.94 10.76
N HIS D 187 -33.83 -57.77 9.48
CA HIS D 187 -32.92 -57.37 8.40
C HIS D 187 -33.03 -55.86 8.15
N VAL D 188 -31.90 -55.15 8.17
CA VAL D 188 -31.87 -53.70 7.98
C VAL D 188 -30.87 -53.32 6.88
N GLU D 189 -31.38 -52.63 5.84
CA GLU D 189 -30.60 -52.14 4.70
C GLU D 189 -30.45 -50.62 4.77
N HIS D 190 -29.22 -50.11 4.62
CA HIS D 190 -28.87 -48.69 4.67
C HIS D 190 -27.64 -48.39 3.79
N PRO D 191 -27.52 -47.20 3.14
CA PRO D 191 -26.34 -46.93 2.28
C PRO D 191 -25.00 -46.91 3.03
N SER D 192 -25.01 -46.72 4.36
CA SER D 192 -23.82 -46.68 5.22
C SER D 192 -23.18 -48.07 5.43
N LEU D 193 -23.91 -49.15 5.11
CA LEU D 193 -23.43 -50.53 5.31
C LEU D 193 -23.26 -51.28 4.00
N GLN D 194 -22.07 -51.92 3.84
CA GLN D 194 -21.74 -52.74 2.67
C GLN D 194 -22.61 -54.00 2.66
N ASN D 195 -22.86 -54.56 3.86
CA ASN D 195 -23.69 -55.74 4.10
C ASN D 195 -24.75 -55.42 5.18
N PRO D 196 -25.97 -56.01 5.13
CA PRO D 196 -26.99 -55.68 6.15
C PRO D 196 -26.64 -56.17 7.55
N ILE D 197 -27.07 -55.44 8.59
CA ILE D 197 -26.84 -55.84 9.99
C ILE D 197 -27.92 -56.86 10.36
N ILE D 198 -27.47 -58.07 10.75
CA ILE D 198 -28.36 -59.15 11.16
C ILE D 198 -28.33 -59.23 12.69
N VAL D 199 -29.53 -59.12 13.30
CA VAL D 199 -29.75 -59.19 14.75
C VAL D 199 -30.78 -60.29 15.00
N GLU D 200 -30.39 -61.33 15.77
CA GLU D 200 -31.22 -62.50 16.09
C GLU D 200 -31.94 -62.34 17.44
N TRP D 201 -33.02 -63.13 17.63
CA TRP D 201 -33.86 -63.18 18.84
C TRP D 201 -33.39 -64.30 19.78
N ASP E 1 -1.39 -9.81 -4.16
CA ASP E 1 -2.46 -9.67 -3.17
C ASP E 1 -3.75 -9.09 -3.79
N ALA E 2 -3.63 -8.24 -4.83
CA ALA E 2 -4.76 -7.62 -5.55
C ALA E 2 -5.65 -8.70 -6.18
N LYS E 3 -6.99 -8.54 -6.09
CA LYS E 3 -7.94 -9.52 -6.63
C LYS E 3 -8.01 -9.52 -8.14
N THR E 4 -7.77 -8.34 -8.78
CA THR E 4 -7.76 -8.17 -10.24
C THR E 4 -6.46 -7.54 -10.73
N THR E 5 -5.98 -7.95 -11.91
CA THR E 5 -4.78 -7.37 -12.52
C THR E 5 -5.12 -6.85 -13.91
N GLN E 6 -4.78 -5.60 -14.15
CA GLN E 6 -5.02 -4.88 -15.40
C GLN E 6 -3.75 -4.21 -15.94
N PRO E 7 -3.58 -4.04 -17.27
CA PRO E 7 -2.41 -3.27 -17.75
C PRO E 7 -2.45 -1.86 -17.16
N ASN E 8 -1.29 -1.27 -16.83
CA ASN E 8 -1.27 0.05 -16.21
C ASN E 8 -1.87 1.13 -17.14
N SER E 9 -1.49 1.12 -18.43
CA SER E 9 -1.91 2.09 -19.42
C SER E 9 -2.33 1.45 -20.73
N MET E 10 -3.19 2.15 -21.47
CA MET E 10 -3.68 1.76 -22.80
C MET E 10 -3.92 3.00 -23.63
N GLU E 11 -3.36 3.00 -24.84
CA GLU E 11 -3.51 4.09 -25.79
C GLU E 11 -4.35 3.60 -26.96
N SER E 12 -5.26 4.44 -27.45
CA SER E 12 -6.15 4.12 -28.57
C SER E 12 -6.49 5.37 -29.38
N ASN E 13 -6.97 5.19 -30.62
CA ASN E 13 -7.39 6.28 -31.49
C ASN E 13 -8.86 6.59 -31.25
N GLU E 14 -9.28 7.84 -31.54
CA GLU E 14 -10.68 8.23 -31.38
C GLU E 14 -11.55 7.56 -32.46
N GLU E 15 -12.81 7.25 -32.09
CA GLU E 15 -13.84 6.62 -32.94
C GLU E 15 -13.37 5.23 -33.40
N GLU E 16 -12.78 4.48 -32.45
CA GLU E 16 -12.20 3.14 -32.65
C GLU E 16 -12.51 2.25 -31.45
N PRO E 17 -12.77 0.92 -31.63
CA PRO E 17 -13.05 0.07 -30.44
C PRO E 17 -11.82 -0.18 -29.55
N VAL E 18 -12.06 -0.38 -28.25
CA VAL E 18 -11.00 -0.66 -27.28
C VAL E 18 -11.37 -1.90 -26.47
N HIS E 19 -10.42 -2.83 -26.32
CA HIS E 19 -10.59 -4.06 -25.56
C HIS E 19 -9.69 -3.99 -24.33
N LEU E 20 -10.29 -3.68 -23.19
CA LEU E 20 -9.57 -3.54 -21.93
C LEU E 20 -9.55 -4.89 -21.21
N PRO E 21 -8.36 -5.53 -21.07
CA PRO E 21 -8.32 -6.86 -20.42
C PRO E 21 -8.16 -6.81 -18.89
N CYS E 22 -8.58 -7.90 -18.23
CA CYS E 22 -8.52 -8.05 -16.78
C CYS E 22 -8.37 -9.49 -16.37
N ASN E 23 -7.40 -9.78 -15.50
CA ASN E 23 -7.17 -11.11 -14.96
C ASN E 23 -7.68 -11.16 -13.52
N HIS E 24 -8.35 -12.26 -13.16
CA HIS E 24 -8.94 -12.46 -11.84
C HIS E 24 -9.10 -13.97 -11.59
N SER E 25 -7.97 -14.70 -11.59
CA SER E 25 -7.89 -16.16 -11.43
C SER E 25 -8.48 -16.69 -10.12
N THR E 26 -8.45 -15.88 -9.05
CA THR E 26 -8.91 -16.26 -7.70
C THR E 26 -10.42 -15.97 -7.47
N ILE E 27 -11.20 -15.77 -8.56
CA ILE E 27 -12.64 -15.50 -8.51
C ILE E 27 -13.44 -16.69 -7.92
N SER E 28 -14.58 -16.40 -7.28
CA SER E 28 -15.47 -17.40 -6.70
C SER E 28 -16.78 -17.47 -7.48
N GLY E 29 -17.50 -18.58 -7.35
CA GLY E 29 -18.79 -18.80 -8.02
C GLY E 29 -19.90 -17.84 -7.64
N THR E 30 -19.69 -17.03 -6.58
CA THR E 30 -20.65 -16.04 -6.06
C THR E 30 -20.24 -14.60 -6.43
N ASP E 31 -19.04 -14.41 -7.01
CA ASP E 31 -18.52 -13.11 -7.41
C ASP E 31 -19.01 -12.65 -8.77
N TYR E 32 -19.29 -11.36 -8.86
CA TYR E 32 -19.62 -10.67 -10.09
C TYR E 32 -18.37 -9.96 -10.57
N ILE E 33 -18.32 -9.64 -11.86
CA ILE E 33 -17.22 -8.87 -12.45
C ILE E 33 -17.79 -7.47 -12.71
N HIS E 34 -17.30 -6.47 -11.98
CA HIS E 34 -17.75 -5.10 -12.15
C HIS E 34 -16.72 -4.26 -12.87
N TRP E 35 -17.22 -3.35 -13.72
CA TRP E 35 -16.38 -2.39 -14.40
C TRP E 35 -16.92 -0.99 -14.11
N TYR E 36 -16.06 -0.14 -13.56
CA TYR E 36 -16.30 1.26 -13.25
C TYR E 36 -15.24 2.09 -13.95
N ARG E 37 -15.47 3.38 -14.08
CA ARG E 37 -14.48 4.27 -14.69
C ARG E 37 -14.50 5.62 -14.01
N GLN E 38 -13.40 6.37 -14.13
CA GLN E 38 -13.33 7.70 -13.57
C GLN E 38 -12.70 8.66 -14.57
N LEU E 39 -13.53 9.59 -15.06
CA LEU E 39 -13.11 10.65 -15.97
C LEU E 39 -12.35 11.70 -15.18
N PRO E 40 -11.40 12.44 -15.81
CA PRO E 40 -10.65 13.46 -15.06
C PRO E 40 -11.55 14.47 -14.36
N SER E 41 -11.26 14.73 -13.05
CA SER E 41 -11.96 15.66 -12.15
C SER E 41 -13.45 15.28 -11.92
N GLN E 42 -13.79 13.98 -12.11
CA GLN E 42 -15.17 13.50 -11.94
C GLN E 42 -15.28 12.36 -10.92
N GLY E 43 -16.50 12.08 -10.49
CA GLY E 43 -16.79 10.98 -9.59
C GLY E 43 -16.83 9.68 -10.37
N PRO E 44 -16.48 8.50 -9.76
CA PRO E 44 -16.55 7.23 -10.50
C PRO E 44 -17.92 6.98 -11.12
N GLU E 45 -17.95 6.22 -12.22
CA GLU E 45 -19.14 5.91 -12.99
C GLU E 45 -19.20 4.43 -13.33
N TYR E 46 -20.37 3.80 -13.12
CA TYR E 46 -20.61 2.40 -13.45
C TYR E 46 -20.63 2.21 -14.96
N VAL E 47 -20.01 1.12 -15.43
CA VAL E 47 -19.96 0.80 -16.85
C VAL E 47 -20.83 -0.43 -17.12
N ILE E 48 -20.49 -1.58 -16.51
CA ILE E 48 -21.19 -2.86 -16.70
C ILE E 48 -20.75 -3.84 -15.60
N HIS E 49 -21.54 -4.89 -15.39
CA HIS E 49 -21.23 -5.99 -14.49
C HIS E 49 -21.79 -7.32 -15.07
N GLY E 50 -21.13 -8.42 -14.74
CA GLY E 50 -21.53 -9.73 -15.25
C GLY E 50 -21.05 -10.90 -14.43
N LEU E 51 -21.64 -12.06 -14.68
CA LEU E 51 -21.31 -13.32 -14.02
C LEU E 51 -20.61 -14.23 -15.01
N THR E 52 -21.27 -14.57 -16.14
CA THR E 52 -20.66 -15.43 -17.15
C THR E 52 -20.79 -14.85 -18.55
N SER E 53 -19.99 -15.39 -19.49
CA SER E 53 -19.93 -15.11 -20.93
C SER E 53 -20.12 -13.63 -21.32
N ASN E 54 -20.76 -13.40 -22.48
CA ASN E 54 -20.96 -12.08 -23.07
C ASN E 54 -22.16 -11.35 -22.46
N VAL E 55 -21.90 -10.21 -21.82
CA VAL E 55 -22.89 -9.33 -21.19
C VAL E 55 -22.86 -8.03 -21.98
N ASN E 56 -24.01 -7.38 -22.18
CA ASN E 56 -24.12 -6.12 -22.93
C ASN E 56 -25.07 -5.15 -22.26
N ASN E 57 -24.93 -3.86 -22.56
CA ASN E 57 -25.80 -2.77 -22.11
C ASN E 57 -25.71 -1.62 -23.11
N ARG E 58 -26.19 -0.41 -22.75
CA ARG E 58 -26.19 0.74 -23.65
C ARG E 58 -24.79 1.35 -23.83
N MET E 59 -23.89 1.11 -22.87
CA MET E 59 -22.55 1.68 -22.82
C MET E 59 -21.45 0.78 -23.38
N ALA E 60 -21.48 -0.53 -23.08
CA ALA E 60 -20.41 -1.43 -23.44
C ALA E 60 -20.83 -2.89 -23.49
N SER E 61 -19.87 -3.75 -23.87
CA SER E 61 -19.98 -5.21 -23.86
C SER E 61 -18.91 -5.74 -22.90
N LEU E 62 -19.18 -6.87 -22.27
CA LEU E 62 -18.27 -7.54 -21.34
C LEU E 62 -18.16 -9.00 -21.73
N ALA E 63 -16.94 -9.42 -22.12
CA ALA E 63 -16.67 -10.79 -22.51
C ALA E 63 -15.91 -11.50 -21.40
N ILE E 64 -16.61 -12.38 -20.67
CA ILE E 64 -16.04 -13.15 -19.57
C ILE E 64 -15.63 -14.51 -20.12
N ALA E 65 -14.38 -14.93 -19.83
CA ALA E 65 -13.82 -16.22 -20.25
C ALA E 65 -14.65 -17.38 -19.70
N GLU E 66 -14.63 -18.53 -20.40
CA GLU E 66 -15.36 -19.74 -20.02
C GLU E 66 -14.97 -20.21 -18.60
N ASP E 67 -13.67 -20.10 -18.24
CA ASP E 67 -13.17 -20.49 -16.92
C ASP E 67 -13.41 -19.37 -15.87
N ARG E 68 -13.87 -18.17 -16.33
CA ARG E 68 -14.19 -16.97 -15.54
C ARG E 68 -12.93 -16.33 -14.88
N LYS E 69 -11.74 -16.84 -15.20
CA LYS E 69 -10.46 -16.36 -14.62
C LYS E 69 -9.96 -15.07 -15.31
N SER E 70 -10.64 -14.62 -16.39
CA SER E 70 -10.33 -13.39 -17.11
C SER E 70 -11.58 -12.83 -17.80
N SER E 71 -11.52 -11.54 -18.15
CA SER E 71 -12.60 -10.80 -18.81
C SER E 71 -12.05 -9.63 -19.61
N THR E 72 -12.89 -9.10 -20.50
CA THR E 72 -12.55 -7.98 -21.37
C THR E 72 -13.72 -7.00 -21.42
N LEU E 73 -13.42 -5.72 -21.28
CA LEU E 73 -14.41 -4.65 -21.46
C LEU E 73 -14.29 -4.18 -22.90
N ILE E 74 -15.42 -4.10 -23.62
CA ILE E 74 -15.40 -3.69 -25.01
C ILE E 74 -16.14 -2.36 -25.13
N LEU E 75 -15.38 -1.32 -25.49
CA LEU E 75 -15.89 0.01 -25.81
C LEU E 75 -15.87 0.03 -27.32
N HIS E 76 -17.05 -0.19 -27.92
CA HIS E 76 -17.25 -0.34 -29.37
C HIS E 76 -16.78 0.86 -30.22
N ARG E 77 -16.84 2.07 -29.69
CA ARG E 77 -16.40 3.27 -30.41
C ARG E 77 -15.99 4.33 -29.39
N ALA E 78 -14.79 4.18 -28.82
CA ALA E 78 -14.31 5.12 -27.81
C ALA E 78 -14.00 6.47 -28.43
N THR E 79 -14.53 7.53 -27.81
CA THR E 79 -14.35 8.92 -28.25
C THR E 79 -13.34 9.58 -27.31
N LEU E 80 -12.98 10.85 -27.58
CA LEU E 80 -12.05 11.61 -26.75
C LEU E 80 -12.60 11.79 -25.32
N ARG E 81 -13.93 11.68 -25.16
CA ARG E 81 -14.68 11.80 -23.90
C ARG E 81 -14.66 10.49 -23.08
N ASP E 82 -14.13 9.41 -23.67
CA ASP E 82 -14.05 8.10 -23.01
C ASP E 82 -12.64 7.89 -22.43
N ALA E 83 -11.79 8.93 -22.51
CA ALA E 83 -10.46 8.90 -21.92
C ALA E 83 -10.64 9.02 -20.40
N ALA E 84 -10.37 7.92 -19.69
CA ALA E 84 -10.58 7.77 -18.25
C ALA E 84 -9.78 6.60 -17.73
N VAL E 85 -9.85 6.36 -16.41
CA VAL E 85 -9.24 5.20 -15.75
C VAL E 85 -10.35 4.18 -15.60
N TYR E 86 -10.14 2.99 -16.16
CA TYR E 86 -11.12 1.90 -16.14
C TYR E 86 -10.72 0.88 -15.09
N TYR E 87 -11.60 0.69 -14.08
CA TYR E 87 -11.36 -0.24 -12.99
C TYR E 87 -12.17 -1.51 -13.12
N CYS E 88 -11.48 -2.65 -13.14
CA CYS E 88 -12.04 -4.00 -13.14
C CYS E 88 -12.06 -4.46 -11.68
N ILE E 89 -13.28 -4.63 -11.14
CA ILE E 89 -13.49 -4.95 -9.74
C ILE E 89 -14.29 -6.23 -9.56
N LEU E 90 -13.82 -7.10 -8.65
CA LEU E 90 -14.54 -8.29 -8.22
C LEU E 90 -15.36 -7.90 -6.99
N ARG E 91 -16.65 -8.17 -7.04
CA ARG E 91 -17.56 -7.90 -5.92
C ARG E 91 -18.53 -9.07 -5.80
N ASP E 92 -18.76 -9.52 -4.56
CA ASP E 92 -19.70 -10.61 -4.30
C ASP E 92 -21.09 -10.15 -4.70
N SER E 93 -21.85 -11.01 -5.39
CA SER E 93 -23.22 -10.75 -5.86
C SER E 93 -24.15 -10.23 -4.77
N ARG E 94 -23.73 -10.33 -3.50
CA ARG E 94 -24.50 -9.91 -2.33
C ARG E 94 -23.88 -8.71 -1.65
N ALA E 95 -22.65 -8.32 -2.05
CA ALA E 95 -21.95 -7.19 -1.42
C ALA E 95 -22.11 -5.90 -2.23
N GLN E 96 -21.83 -4.76 -1.56
CA GLN E 96 -21.90 -3.45 -2.19
C GLN E 96 -20.55 -2.76 -2.19
N LYS E 97 -19.73 -2.97 -1.14
CA LYS E 97 -18.39 -2.40 -0.99
C LYS E 97 -17.57 -2.64 -2.27
N LEU E 98 -17.08 -1.55 -2.90
CA LEU E 98 -16.28 -1.62 -4.13
C LEU E 98 -14.81 -1.41 -3.79
N VAL E 99 -13.97 -2.41 -4.15
CA VAL E 99 -12.52 -2.37 -3.91
C VAL E 99 -11.86 -2.02 -5.24
N PHE E 100 -11.36 -0.78 -5.35
CA PHE E 100 -10.71 -0.23 -6.54
C PHE E 100 -9.21 -0.48 -6.49
N GLY E 101 -8.69 -1.11 -7.54
CA GLY E 101 -7.26 -1.36 -7.70
C GLY E 101 -6.62 -0.24 -8.49
N GLN E 102 -5.43 -0.49 -9.08
CA GLN E 102 -4.73 0.53 -9.88
C GLN E 102 -5.56 0.93 -11.10
N GLY E 103 -6.05 -0.08 -11.83
CA GLY E 103 -6.87 0.11 -13.02
C GLY E 103 -6.06 0.40 -14.26
N THR E 104 -6.75 0.60 -15.40
CA THR E 104 -6.10 0.93 -16.68
C THR E 104 -6.41 2.38 -17.02
N ARG E 105 -5.37 3.20 -17.22
CA ARG E 105 -5.52 4.59 -17.64
C ARG E 105 -5.57 4.61 -19.17
N LEU E 106 -6.78 4.86 -19.72
CA LEU E 106 -7.01 4.87 -21.15
C LEU E 106 -6.85 6.25 -21.73
N THR E 107 -5.91 6.39 -22.65
CA THR E 107 -5.58 7.60 -23.39
C THR E 107 -6.17 7.46 -24.80
N ILE E 108 -6.94 8.47 -25.22
CA ILE E 108 -7.54 8.50 -26.54
C ILE E 108 -6.80 9.54 -27.36
N ASN E 109 -6.21 9.11 -28.48
CA ASN E 109 -5.47 9.96 -29.40
C ASN E 109 -6.38 10.62 -30.42
N PRO E 110 -6.36 11.98 -30.54
CA PRO E 110 -7.16 12.62 -31.59
C PRO E 110 -6.56 12.38 -32.97
N ASN E 111 -7.35 12.52 -34.03
CA ASN E 111 -6.86 12.37 -35.39
C ASN E 111 -6.42 13.73 -35.91
N ILE E 112 -5.09 13.95 -35.98
CA ILE E 112 -4.49 15.18 -36.46
C ILE E 112 -4.29 14.95 -37.96
N GLN E 113 -5.27 15.41 -38.76
CA GLN E 113 -5.36 15.27 -40.22
C GLN E 113 -4.13 15.85 -40.93
N ASN E 114 -3.73 17.10 -40.60
CA ASN E 114 -2.60 17.79 -41.21
C ASN E 114 -1.67 18.38 -40.15
N PRO E 115 -0.70 17.58 -39.63
CA PRO E 115 0.22 18.10 -38.60
C PRO E 115 1.07 19.25 -39.15
N ASP E 116 1.24 20.27 -38.31
CA ASP E 116 2.02 21.48 -38.60
C ASP E 116 2.74 21.91 -37.29
N PRO E 117 3.63 21.06 -36.71
CA PRO E 117 4.27 21.42 -35.44
C PRO E 117 4.99 22.77 -35.49
N ALA E 118 4.77 23.59 -34.44
CA ALA E 118 5.34 24.93 -34.32
C ALA E 118 5.35 25.44 -32.88
N VAL E 119 6.35 26.28 -32.56
CA VAL E 119 6.53 26.91 -31.26
C VAL E 119 6.42 28.41 -31.47
N TYR E 120 5.39 29.02 -30.89
CA TYR E 120 5.10 30.45 -30.99
C TYR E 120 5.29 31.17 -29.67
N GLN E 121 5.68 32.44 -29.74
CA GLN E 121 5.81 33.29 -28.56
C GLN E 121 4.58 34.19 -28.47
N LEU E 122 3.98 34.26 -27.29
CA LEU E 122 2.78 35.04 -27.00
C LEU E 122 3.11 36.11 -25.95
N ARG E 123 2.68 37.35 -26.20
CA ARG E 123 2.89 38.49 -25.31
C ARG E 123 1.62 38.80 -24.52
N ASP E 124 1.79 39.31 -23.28
CA ASP E 124 0.71 39.69 -22.35
C ASP E 124 -0.22 40.75 -22.98
N SER E 125 -1.55 40.64 -22.71
CA SER E 125 -2.56 41.60 -23.20
C SER E 125 -2.36 42.95 -22.54
N LYS E 126 -2.12 42.94 -21.21
CA LYS E 126 -1.84 44.13 -20.41
C LYS E 126 -0.39 44.51 -20.62
N SER E 127 -0.08 45.83 -20.58
CA SER E 127 1.28 46.32 -20.81
C SER E 127 2.24 45.76 -19.74
N SER E 128 2.79 44.58 -20.06
CA SER E 128 3.73 43.79 -19.26
C SER E 128 4.80 43.21 -20.17
N ASP E 129 5.95 42.82 -19.58
CA ASP E 129 7.06 42.23 -20.31
C ASP E 129 6.98 40.69 -20.23
N LYS E 130 5.87 40.17 -19.64
CA LYS E 130 5.57 38.75 -19.45
C LYS E 130 5.34 38.03 -20.78
N SER E 131 5.93 36.82 -20.92
CA SER E 131 5.81 36.03 -22.15
C SER E 131 5.61 34.54 -21.86
N VAL E 132 4.98 33.86 -22.82
CA VAL E 132 4.60 32.44 -22.79
C VAL E 132 4.97 31.79 -24.15
N CYS E 133 5.33 30.50 -24.13
CA CYS E 133 5.65 29.72 -25.33
C CYS E 133 4.54 28.73 -25.59
N LEU E 134 4.17 28.57 -26.87
CA LEU E 134 3.12 27.64 -27.23
C LEU E 134 3.60 26.65 -28.28
N PHE E 135 3.71 25.39 -27.86
CA PHE E 135 4.03 24.30 -28.75
C PHE E 135 2.69 23.72 -29.18
N THR E 136 2.40 23.82 -30.49
CA THR E 136 1.09 23.40 -31.01
C THR E 136 1.18 22.70 -32.37
N ASP E 137 0.03 22.13 -32.81
CA ASP E 137 -0.25 21.47 -34.09
C ASP E 137 0.67 20.26 -34.38
N PHE E 138 1.14 19.62 -33.29
CA PHE E 138 1.96 18.42 -33.34
C PHE E 138 1.04 17.21 -33.30
N ASP E 139 1.48 16.08 -33.87
CA ASP E 139 0.69 14.86 -33.90
C ASP E 139 0.80 14.15 -32.54
N SER E 140 -0.02 13.10 -32.36
CA SER E 140 -0.12 12.28 -31.16
C SER E 140 1.20 11.54 -30.80
N GLN E 141 2.09 11.35 -31.78
CA GLN E 141 3.39 10.69 -31.59
C GLN E 141 4.31 11.50 -30.68
N THR E 142 4.18 12.85 -30.72
CA THR E 142 4.96 13.78 -29.91
C THR E 142 4.44 13.80 -28.47
N ASN E 143 5.35 13.59 -27.50
CA ASN E 143 5.05 13.61 -26.07
C ASN E 143 5.85 14.73 -25.42
N VAL E 144 5.17 15.54 -24.61
CA VAL E 144 5.80 16.69 -23.94
C VAL E 144 6.35 16.24 -22.58
N SER E 145 7.67 16.41 -22.39
CA SER E 145 8.37 16.07 -21.16
C SER E 145 8.35 17.21 -20.17
N GLN E 146 8.29 16.89 -18.87
CA GLN E 146 8.27 17.88 -17.79
C GLN E 146 9.65 18.50 -17.60
N SER E 147 9.68 19.72 -17.04
CA SER E 147 10.90 20.45 -16.78
C SER E 147 11.61 19.98 -15.52
N LYS E 148 12.93 19.81 -15.61
CA LYS E 148 13.77 19.46 -14.46
C LYS E 148 14.17 20.76 -13.75
N ASP E 149 14.00 21.90 -14.45
CA ASP E 149 14.27 23.27 -13.99
C ASP E 149 13.09 23.77 -13.16
N SER E 150 13.39 24.21 -11.92
CA SER E 150 12.40 24.71 -10.96
C SER E 150 11.75 26.01 -11.43
N ASP E 151 12.53 26.90 -12.08
CA ASP E 151 12.06 28.21 -12.55
C ASP E 151 11.43 28.18 -13.97
N VAL E 152 11.33 26.99 -14.62
CA VAL E 152 10.76 26.84 -15.96
C VAL E 152 9.56 25.89 -15.85
N TYR E 153 8.34 26.38 -16.19
CA TYR E 153 7.11 25.59 -16.05
C TYR E 153 6.61 25.16 -17.42
N ILE E 154 6.43 23.83 -17.60
CA ILE E 154 5.96 23.22 -18.84
C ILE E 154 4.74 22.35 -18.53
N THR E 155 3.61 22.62 -19.20
CA THR E 155 2.36 21.89 -19.01
C THR E 155 2.39 20.62 -19.83
N ASP E 156 1.43 19.71 -19.59
CA ASP E 156 1.31 18.49 -20.38
C ASP E 156 0.43 18.80 -21.60
N LYS E 157 0.53 17.98 -22.67
CA LYS E 157 -0.27 18.19 -23.88
C LYS E 157 -1.77 18.10 -23.56
N CYS E 158 -2.55 18.91 -24.25
CA CYS E 158 -3.99 18.92 -24.08
C CYS E 158 -4.61 19.17 -25.48
N VAL E 159 -5.79 18.61 -25.76
CA VAL E 159 -6.42 18.70 -27.10
C VAL E 159 -7.68 19.57 -27.10
N LEU E 160 -7.73 20.58 -27.98
CA LEU E 160 -8.91 21.42 -28.17
C LEU E 160 -9.61 21.05 -29.47
N ASP E 161 -10.93 21.28 -29.53
CA ASP E 161 -11.73 20.98 -30.71
C ASP E 161 -12.52 22.22 -31.14
N MET E 162 -12.17 22.75 -32.33
CA MET E 162 -12.86 23.87 -32.98
C MET E 162 -13.99 23.23 -33.81
N ARG E 163 -15.06 22.81 -33.11
CA ARG E 163 -16.24 22.08 -33.62
C ARG E 163 -16.77 22.62 -34.97
N SER E 164 -16.97 23.95 -35.09
CA SER E 164 -17.50 24.65 -36.27
C SER E 164 -16.61 24.52 -37.53
N MET E 165 -15.34 24.09 -37.37
CA MET E 165 -14.39 23.96 -38.48
C MET E 165 -13.93 22.50 -38.66
N ASP E 166 -14.42 21.58 -37.79
CA ASP E 166 -14.08 20.15 -37.77
C ASP E 166 -12.56 20.00 -37.67
N PHE E 167 -11.97 20.74 -36.71
CA PHE E 167 -10.53 20.80 -36.52
C PHE E 167 -10.15 20.58 -35.07
N LYS E 168 -9.17 19.68 -34.86
CA LYS E 168 -8.59 19.34 -33.57
C LYS E 168 -7.10 19.66 -33.57
N SER E 169 -6.56 20.12 -32.42
CA SER E 169 -5.14 20.43 -32.30
C SER E 169 -4.63 20.17 -30.88
N ASN E 170 -3.35 19.74 -30.79
CA ASN E 170 -2.60 19.47 -29.57
C ASN E 170 -1.84 20.70 -29.19
N SER E 171 -1.65 20.93 -27.89
CA SER E 171 -0.89 22.08 -27.39
C SER E 171 -0.28 21.85 -26.02
N ALA E 172 0.87 22.46 -25.79
CA ALA E 172 1.60 22.50 -24.52
C ALA E 172 2.13 23.91 -24.34
N VAL E 173 2.10 24.42 -23.10
CA VAL E 173 2.56 25.77 -22.79
C VAL E 173 3.80 25.69 -21.87
N ALA E 174 4.75 26.61 -22.11
CA ALA E 174 5.94 26.80 -21.30
C ALA E 174 6.12 28.26 -20.99
N TRP E 175 6.57 28.59 -19.78
CA TRP E 175 6.84 29.96 -19.37
C TRP E 175 7.88 29.98 -18.23
N SER E 176 8.53 31.14 -18.02
CA SER E 176 9.53 31.37 -16.99
C SER E 176 9.69 32.86 -16.70
N ASN E 177 10.31 33.20 -15.55
CA ASN E 177 10.62 34.59 -15.17
C ASN E 177 12.07 34.95 -15.53
N LYS E 178 12.95 33.93 -15.60
CA LYS E 178 14.39 34.05 -15.90
C LYS E 178 14.66 34.70 -17.25
N SER E 179 15.75 35.51 -17.31
CA SER E 179 16.20 36.21 -18.52
C SER E 179 16.80 35.22 -19.53
N ASP E 180 17.42 34.14 -19.02
CA ASP E 180 18.06 33.08 -19.81
C ASP E 180 17.00 32.20 -20.55
N PHE E 181 15.69 32.52 -20.40
CA PHE E 181 14.61 31.77 -21.03
C PHE E 181 14.24 32.31 -22.41
N ALA E 182 13.97 31.38 -23.33
CA ALA E 182 13.56 31.61 -24.72
C ALA E 182 12.70 30.43 -25.22
N CYS E 183 11.78 30.72 -26.15
CA CYS E 183 10.85 29.73 -26.72
C CYS E 183 11.57 28.70 -27.58
N ALA E 184 12.66 29.11 -28.26
CA ALA E 184 13.50 28.24 -29.08
C ALA E 184 14.09 27.08 -28.23
N ASN E 185 14.36 27.31 -26.93
CA ASN E 185 14.91 26.31 -26.01
C ASN E 185 13.86 25.79 -25.00
N ALA E 186 12.64 26.37 -25.00
CA ALA E 186 11.56 25.99 -24.08
C ALA E 186 11.19 24.50 -24.23
N PHE E 187 10.83 24.09 -25.46
CA PHE E 187 10.42 22.73 -25.77
C PHE E 187 11.60 21.95 -26.38
N ASN E 188 12.78 22.60 -26.46
CA ASN E 188 14.01 21.98 -26.95
C ASN E 188 14.85 21.50 -25.75
N ASN E 189 14.96 20.17 -25.54
CA ASN E 189 14.39 19.17 -26.43
C ASN E 189 13.23 18.38 -25.78
N SER E 190 12.47 17.72 -26.65
CA SER E 190 11.33 16.84 -26.38
C SER E 190 11.19 15.96 -27.62
N ILE E 191 9.99 15.37 -27.87
CA ILE E 191 9.77 14.54 -29.06
C ILE E 191 9.44 15.46 -30.28
N ILE E 192 10.01 16.70 -30.29
CA ILE E 192 9.83 17.75 -31.31
C ILE E 192 10.24 17.25 -32.70
N PRO E 193 9.30 17.25 -33.69
CA PRO E 193 9.67 16.77 -35.04
C PRO E 193 10.69 17.69 -35.72
N GLU E 194 11.38 17.16 -36.74
CA GLU E 194 12.40 17.88 -37.51
C GLU E 194 11.81 19.05 -38.33
N ASP E 195 10.48 18.99 -38.61
CA ASP E 195 9.75 19.97 -39.40
C ASP E 195 9.06 21.06 -38.53
N THR E 196 9.43 21.17 -37.23
CA THR E 196 8.84 22.16 -36.32
C THR E 196 9.21 23.58 -36.77
N PHE E 197 8.19 24.42 -37.02
CA PHE E 197 8.34 25.79 -37.47
C PHE E 197 8.67 26.73 -36.29
N PHE E 198 9.82 27.42 -36.37
CA PHE E 198 10.28 28.40 -35.38
C PHE E 198 10.44 29.77 -36.06
N PRO E 199 9.50 30.71 -35.83
CA PRO E 199 9.60 32.04 -36.48
C PRO E 199 10.73 32.89 -35.90
N ASP F 1 -25.45 15.27 -12.85
CA ASP F 1 -25.94 14.38 -13.90
C ASP F 1 -26.33 13.01 -13.34
N SER F 2 -25.51 12.45 -12.40
CA SER F 2 -25.76 11.14 -11.76
C SER F 2 -27.02 11.16 -10.87
N GLY F 3 -27.25 12.28 -10.18
CA GLY F 3 -28.38 12.47 -9.29
C GLY F 3 -27.97 12.75 -7.85
N VAL F 4 -26.73 12.38 -7.51
CA VAL F 4 -26.15 12.56 -6.16
C VAL F 4 -25.50 13.96 -6.09
N THR F 5 -25.78 14.68 -4.98
CA THR F 5 -25.25 16.02 -4.72
C THR F 5 -24.43 16.01 -3.44
N GLN F 6 -23.36 16.82 -3.41
CA GLN F 6 -22.45 16.92 -2.28
C GLN F 6 -22.13 18.38 -1.93
N THR F 7 -22.07 18.69 -0.62
CA THR F 7 -21.72 20.01 -0.12
C THR F 7 -20.75 19.90 1.04
N PRO F 8 -19.66 20.71 1.07
CA PRO F 8 -19.22 21.69 0.05
C PRO F 8 -18.51 21.01 -1.10
N LYS F 9 -18.23 21.74 -2.18
CA LYS F 9 -17.48 21.19 -3.31
C LYS F 9 -16.01 21.20 -2.95
N HIS F 10 -15.57 22.25 -2.23
CA HIS F 10 -14.19 22.45 -1.80
C HIS F 10 -14.12 22.79 -0.31
N LEU F 11 -13.00 22.42 0.33
CA LEU F 11 -12.75 22.69 1.73
C LEU F 11 -11.28 22.95 1.98
N ILE F 12 -10.99 24.04 2.69
CA ILE F 12 -9.63 24.38 3.09
C ILE F 12 -9.69 24.56 4.61
N THR F 13 -9.02 23.64 5.31
CA THR F 13 -9.01 23.55 6.76
C THR F 13 -7.58 23.43 7.28
N ALA F 14 -7.40 23.81 8.56
CA ALA F 14 -6.15 23.73 9.31
C ALA F 14 -6.06 22.41 10.07
N THR F 15 -4.82 21.95 10.36
CA THR F 15 -4.56 20.71 11.10
C THR F 15 -5.17 20.81 12.51
N GLY F 16 -5.81 19.71 12.95
CA GLY F 16 -6.47 19.62 14.24
C GLY F 16 -7.94 19.97 14.24
N GLN F 17 -8.44 20.60 13.16
CA GLN F 17 -9.84 21.02 13.06
C GLN F 17 -10.78 19.86 12.72
N ARG F 18 -12.10 20.10 12.89
CA ARG F 18 -13.20 19.17 12.63
C ARG F 18 -13.99 19.68 11.46
N VAL F 19 -14.39 18.77 10.56
CA VAL F 19 -15.14 19.19 9.39
C VAL F 19 -16.29 18.20 9.07
N THR F 20 -17.41 18.73 8.58
CA THR F 20 -18.61 17.96 8.27
C THR F 20 -18.92 18.09 6.77
N LEU F 21 -19.11 16.93 6.11
CA LEU F 21 -19.41 16.81 4.67
C LEU F 21 -20.82 16.32 4.48
N ARG F 22 -21.62 17.00 3.66
CA ARG F 22 -23.02 16.63 3.45
C ARG F 22 -23.19 15.92 2.12
N CYS F 23 -24.18 15.02 2.04
CA CYS F 23 -24.50 14.31 0.82
C CYS F 23 -25.98 13.98 0.75
N SER F 24 -26.53 14.18 -0.45
CA SER F 24 -27.91 13.82 -0.75
C SER F 24 -27.91 12.72 -1.82
N PRO F 25 -28.45 11.53 -1.49
CA PRO F 25 -28.50 10.45 -2.48
C PRO F 25 -29.54 10.74 -3.54
N ARG F 26 -29.56 9.95 -4.65
CA ARG F 26 -30.57 10.08 -5.71
C ARG F 26 -31.97 9.90 -5.15
N SER F 27 -32.96 10.57 -5.75
CA SER F 27 -34.36 10.43 -5.34
C SER F 27 -34.77 8.96 -5.43
N GLY F 28 -35.11 8.39 -4.29
CA GLY F 28 -35.50 6.98 -4.20
C GLY F 28 -34.44 6.04 -3.66
N ASP F 29 -33.15 6.38 -3.83
CA ASP F 29 -32.03 5.56 -3.36
C ASP F 29 -32.03 5.46 -1.84
N LEU F 30 -32.04 4.22 -1.33
CA LEU F 30 -32.10 3.95 0.10
C LEU F 30 -30.72 3.79 0.72
N SER F 31 -29.78 3.12 0.01
CA SER F 31 -28.41 2.92 0.47
C SER F 31 -27.47 4.08 0.06
N VAL F 32 -26.64 4.57 0.99
CA VAL F 32 -25.68 5.66 0.79
C VAL F 32 -24.27 5.19 1.22
N TYR F 33 -23.22 5.66 0.51
CA TYR F 33 -21.81 5.25 0.68
C TYR F 33 -20.84 6.44 0.76
N TRP F 34 -19.67 6.20 1.38
CA TRP F 34 -18.59 7.18 1.44
C TRP F 34 -17.28 6.53 1.05
N TYR F 35 -16.52 7.26 0.23
CA TYR F 35 -15.23 6.87 -0.29
C TYR F 35 -14.24 7.99 -0.12
N GLN F 36 -12.97 7.66 -0.01
CA GLN F 36 -11.87 8.62 0.08
C GLN F 36 -10.91 8.35 -1.09
N GLN F 37 -10.54 9.41 -1.83
CA GLN F 37 -9.59 9.30 -2.93
C GLN F 37 -8.37 10.16 -2.63
N SER F 38 -7.35 9.51 -2.07
CA SER F 38 -6.07 10.12 -1.71
C SER F 38 -5.03 9.75 -2.76
N LEU F 39 -3.94 10.55 -2.86
CA LEU F 39 -2.86 10.29 -3.82
C LEU F 39 -2.09 9.01 -3.46
N ASP F 40 -1.96 8.72 -2.15
CA ASP F 40 -1.21 7.58 -1.61
C ASP F 40 -1.99 6.25 -1.64
N GLN F 41 -3.31 6.26 -1.36
CA GLN F 41 -4.10 5.01 -1.27
C GLN F 41 -5.16 4.81 -2.37
N GLY F 42 -5.33 5.79 -3.25
CA GLY F 42 -6.35 5.73 -4.31
C GLY F 42 -7.76 5.78 -3.74
N LEU F 43 -8.72 5.18 -4.47
CA LEU F 43 -10.12 5.11 -4.05
C LEU F 43 -10.30 4.04 -2.98
N GLN F 44 -10.74 4.48 -1.77
CA GLN F 44 -10.92 3.63 -0.61
C GLN F 44 -12.33 3.76 -0.06
N PHE F 45 -13.00 2.63 0.14
CA PHE F 45 -14.33 2.57 0.73
C PHE F 45 -14.21 2.86 2.23
N LEU F 46 -15.13 3.70 2.74
CA LEU F 46 -15.16 4.03 4.15
C LEU F 46 -16.31 3.35 4.85
N ILE F 47 -17.56 3.62 4.44
CA ILE F 47 -18.77 3.13 5.11
C ILE F 47 -20.00 3.11 4.18
N GLN F 48 -20.98 2.25 4.52
CA GLN F 48 -22.27 2.10 3.86
C GLN F 48 -23.39 2.20 4.88
N TYR F 49 -24.44 2.97 4.54
CA TYR F 49 -25.66 3.09 5.32
C TYR F 49 -26.86 2.70 4.44
N TYR F 50 -27.78 1.93 5.00
CA TYR F 50 -29.02 1.48 4.34
C TYR F 50 -30.17 1.70 5.28
N ASN F 51 -31.13 2.54 4.86
CA ASN F 51 -32.34 2.95 5.59
C ASN F 51 -32.01 3.53 6.99
N GLY F 52 -30.87 4.21 7.10
CA GLY F 52 -30.41 4.86 8.33
C GLY F 52 -29.44 4.07 9.20
N GLU F 53 -29.25 2.78 8.91
CA GLU F 53 -28.35 1.90 9.68
C GLU F 53 -27.11 1.51 8.87
N GLU F 54 -25.97 1.35 9.58
CA GLU F 54 -24.68 0.97 9.02
C GLU F 54 -24.72 -0.50 8.56
N ARG F 55 -24.32 -0.77 7.30
CA ARG F 55 -24.32 -2.11 6.70
C ARG F 55 -22.91 -2.65 6.48
N ALA F 56 -21.98 -1.81 6.01
CA ALA F 56 -20.60 -2.20 5.74
C ALA F 56 -19.65 -1.08 6.13
N LYS F 57 -18.45 -1.47 6.56
CA LYS F 57 -17.37 -0.58 7.00
C LYS F 57 -16.07 -0.93 6.29
N GLY F 58 -15.28 0.09 5.98
CA GLY F 58 -13.98 -0.06 5.35
C GLY F 58 -12.88 0.11 6.38
N ASN F 59 -11.73 0.62 5.96
CA ASN F 59 -10.60 0.88 6.85
C ASN F 59 -10.71 2.36 7.34
N ILE F 60 -11.92 2.70 7.84
CA ILE F 60 -12.32 4.00 8.36
C ILE F 60 -11.71 4.21 9.76
N LEU F 61 -11.04 5.35 9.94
CA LEU F 61 -10.40 5.73 11.20
C LEU F 61 -11.43 6.06 12.27
N GLU F 62 -11.01 6.08 13.55
CA GLU F 62 -11.88 6.39 14.68
C GLU F 62 -12.35 7.86 14.60
N ARG F 63 -11.46 8.76 14.11
CA ARG F 63 -11.69 10.21 13.89
C ARG F 63 -12.81 10.45 12.88
N PHE F 64 -12.97 9.52 11.91
CA PHE F 64 -13.99 9.57 10.86
C PHE F 64 -15.25 8.88 11.36
N SER F 65 -16.38 9.56 11.24
CA SER F 65 -17.68 9.03 11.66
C SER F 65 -18.73 9.51 10.68
N ALA F 66 -19.77 8.71 10.46
CA ALA F 66 -20.82 9.09 9.51
C ALA F 66 -22.22 8.78 10.07
N GLN F 67 -23.26 9.23 9.34
CA GLN F 67 -24.65 9.08 9.74
C GLN F 67 -25.59 9.21 8.56
N GLN F 68 -26.67 8.40 8.56
CA GLN F 68 -27.75 8.51 7.57
C GLN F 68 -29.00 8.90 8.34
N PHE F 69 -29.55 10.06 7.97
CA PHE F 69 -30.70 10.70 8.59
C PHE F 69 -32.04 10.16 8.03
N PRO F 70 -33.21 10.46 8.68
CA PRO F 70 -34.49 9.91 8.19
C PRO F 70 -34.83 10.30 6.74
N ASP F 71 -34.36 11.47 6.25
CA ASP F 71 -34.59 11.89 4.86
C ASP F 71 -33.57 11.23 3.90
N LEU F 72 -32.89 10.15 4.37
CA LEU F 72 -31.89 9.30 3.68
C LEU F 72 -30.57 10.05 3.36
N HIS F 73 -30.47 11.37 3.65
CA HIS F 73 -29.26 12.16 3.40
C HIS F 73 -28.17 11.73 4.41
N SER F 74 -26.90 11.92 4.04
CA SER F 74 -25.78 11.48 4.88
C SER F 74 -24.79 12.60 5.19
N GLU F 75 -24.09 12.46 6.32
CA GLU F 75 -23.06 13.41 6.78
C GLU F 75 -21.80 12.66 7.22
N LEU F 76 -20.64 13.11 6.72
CA LEU F 76 -19.34 12.54 7.06
C LEU F 76 -18.56 13.54 7.90
N ASN F 77 -18.16 13.15 9.12
CA ASN F 77 -17.42 14.02 10.04
C ASN F 77 -15.97 13.57 10.21
N LEU F 78 -15.04 14.44 9.78
CA LEU F 78 -13.60 14.18 9.87
C LEU F 78 -13.01 15.09 10.98
N SER F 79 -12.62 14.48 12.11
CA SER F 79 -12.05 15.20 13.28
C SER F 79 -10.53 15.04 13.36
N SER F 80 -9.85 15.86 14.20
CA SER F 80 -8.39 15.88 14.40
C SER F 80 -7.68 15.70 13.05
N LEU F 81 -8.02 16.60 12.10
CA LEU F 81 -7.55 16.59 10.73
C LEU F 81 -6.02 16.67 10.63
N GLU F 82 -5.46 15.79 9.81
CA GLU F 82 -4.03 15.66 9.54
C GLU F 82 -3.76 16.01 8.08
N LEU F 83 -2.52 16.40 7.76
CA LEU F 83 -2.14 16.75 6.39
C LEU F 83 -2.48 15.59 5.41
N GLY F 84 -2.34 14.36 5.89
CA GLY F 84 -2.64 13.14 5.14
C GLY F 84 -4.10 12.96 4.75
N ASP F 85 -5.00 13.71 5.42
CA ASP F 85 -6.45 13.67 5.16
C ASP F 85 -6.82 14.46 3.88
N SER F 86 -5.84 15.16 3.26
CA SER F 86 -6.05 15.89 2.01
C SER F 86 -6.36 14.89 0.91
N ALA F 87 -7.63 14.82 0.52
CA ALA F 87 -8.17 13.90 -0.47
C ALA F 87 -9.51 14.38 -1.03
N LEU F 88 -10.05 13.57 -1.95
CA LEU F 88 -11.38 13.71 -2.55
C LEU F 88 -12.31 12.79 -1.78
N TYR F 89 -13.39 13.34 -1.25
CA TYR F 89 -14.34 12.52 -0.49
C TYR F 89 -15.60 12.40 -1.32
N PHE F 90 -15.80 11.21 -1.89
CA PHE F 90 -16.93 10.93 -2.74
C PHE F 90 -18.03 10.23 -2.01
N CYS F 91 -19.23 10.66 -2.31
CA CYS F 91 -20.44 10.06 -1.83
C CYS F 91 -21.04 9.25 -2.98
N ALA F 92 -21.77 8.20 -2.64
CA ALA F 92 -22.42 7.34 -3.62
C ALA F 92 -23.75 6.87 -3.07
N SER F 93 -24.64 6.43 -3.96
CA SER F 93 -25.93 5.87 -3.58
C SER F 93 -26.37 4.82 -4.60
N SER F 94 -27.13 3.83 -4.11
CA SER F 94 -27.72 2.76 -4.92
C SER F 94 -29.18 2.58 -4.47
N ALA F 95 -30.04 1.99 -5.33
CA ALA F 95 -31.46 1.79 -5.04
C ALA F 95 -31.66 1.01 -3.71
N GLY F 96 -30.83 0.01 -3.48
CA GLY F 96 -30.83 -0.79 -2.27
C GLY F 96 -29.47 -1.37 -1.98
N THR F 97 -29.40 -2.26 -0.98
CA THR F 97 -28.17 -2.91 -0.53
C THR F 97 -27.92 -4.26 -1.29
N SER F 98 -28.86 -4.66 -2.15
CA SER F 98 -28.74 -5.88 -2.96
C SER F 98 -27.60 -5.70 -3.98
N GLY F 99 -26.70 -6.67 -4.02
CA GLY F 99 -25.48 -6.68 -4.84
C GLY F 99 -25.55 -6.41 -6.34
N GLU F 100 -26.76 -6.44 -6.93
CA GLU F 100 -26.95 -6.16 -8.36
C GLU F 100 -27.04 -4.65 -8.64
N TYR F 101 -27.32 -3.85 -7.58
CA TYR F 101 -27.50 -2.42 -7.69
C TYR F 101 -26.18 -1.68 -7.85
N GLU F 102 -26.07 -0.96 -8.98
CA GLU F 102 -24.92 -0.13 -9.32
C GLU F 102 -24.90 1.11 -8.41
N GLN F 103 -23.73 1.75 -8.30
CA GLN F 103 -23.57 2.92 -7.46
C GLN F 103 -23.45 4.17 -8.28
N TYR F 104 -24.18 5.21 -7.88
CA TYR F 104 -24.18 6.53 -8.51
C TYR F 104 -23.41 7.44 -7.60
N PHE F 105 -22.34 8.07 -8.11
CA PHE F 105 -21.45 8.89 -7.32
C PHE F 105 -21.72 10.37 -7.48
N GLY F 106 -21.48 11.10 -6.39
CA GLY F 106 -21.58 12.55 -6.33
C GLY F 106 -20.35 13.21 -6.94
N PRO F 107 -20.30 14.55 -7.02
CA PRO F 107 -19.13 15.21 -7.64
C PRO F 107 -17.88 15.22 -6.74
N GLY F 108 -18.05 14.91 -5.45
CA GLY F 108 -16.97 14.90 -4.48
C GLY F 108 -16.67 16.22 -3.80
N THR F 109 -16.07 16.12 -2.61
CA THR F 109 -15.62 17.24 -1.79
C THR F 109 -14.10 17.19 -1.80
N ARG F 110 -13.48 18.20 -2.42
CA ARG F 110 -12.02 18.32 -2.49
C ARG F 110 -11.56 18.99 -1.19
N LEU F 111 -10.83 18.25 -0.35
CA LEU F 111 -10.36 18.77 0.94
C LEU F 111 -8.84 18.94 0.93
N THR F 112 -8.37 20.11 1.36
CA THR F 112 -6.94 20.37 1.51
C THR F 112 -6.74 20.77 2.96
N VAL F 113 -5.91 20.00 3.68
CA VAL F 113 -5.54 20.28 5.08
C VAL F 113 -4.17 20.95 5.04
N THR F 114 -4.03 22.08 5.75
CA THR F 114 -2.82 22.89 5.80
C THR F 114 -2.39 23.14 7.26
N GLU F 115 -1.10 23.44 7.50
CA GLU F 115 -0.61 23.72 8.86
C GLU F 115 -1.09 25.09 9.32
N ASP F 116 -1.15 26.05 8.39
CA ASP F 116 -1.58 27.42 8.63
C ASP F 116 -2.49 27.88 7.51
N LEU F 117 -3.62 28.54 7.86
CA LEU F 117 -4.54 29.09 6.86
C LEU F 117 -3.96 30.36 6.23
N LYS F 118 -2.78 30.81 6.69
CA LYS F 118 -2.03 31.96 6.17
C LYS F 118 -1.32 31.55 4.88
N ASN F 119 -1.30 30.23 4.59
CA ASN F 119 -0.72 29.66 3.36
C ASN F 119 -1.63 29.84 2.15
N VAL F 120 -2.91 30.24 2.37
CA VAL F 120 -3.92 30.42 1.35
C VAL F 120 -3.71 31.77 0.62
N PHE F 121 -3.65 31.70 -0.71
CA PHE F 121 -3.47 32.85 -1.60
C PHE F 121 -4.41 32.75 -2.80
N PRO F 122 -5.04 33.85 -3.25
CA PRO F 122 -5.87 33.78 -4.47
C PRO F 122 -4.99 33.69 -5.73
N PRO F 123 -5.50 33.39 -6.94
CA PRO F 123 -4.61 33.36 -8.10
C PRO F 123 -4.42 34.74 -8.73
N GLU F 124 -3.38 34.85 -9.56
CA GLU F 124 -3.10 36.01 -10.41
C GLU F 124 -3.37 35.54 -11.82
N VAL F 125 -4.26 36.23 -12.54
CA VAL F 125 -4.66 35.80 -13.88
C VAL F 125 -4.11 36.76 -14.94
N ALA F 126 -3.56 36.18 -16.03
CA ALA F 126 -3.02 36.90 -17.17
C ALA F 126 -3.43 36.25 -18.50
N VAL F 127 -3.74 37.07 -19.51
CA VAL F 127 -4.11 36.62 -20.85
C VAL F 127 -2.96 37.03 -21.80
N PHE F 128 -2.47 36.06 -22.57
CA PHE F 128 -1.37 36.22 -23.53
C PHE F 128 -1.99 36.17 -24.92
N GLU F 129 -1.92 37.30 -25.63
CA GLU F 129 -2.51 37.51 -26.94
C GLU F 129 -1.86 36.62 -28.01
N PRO F 130 -2.65 36.19 -29.03
CA PRO F 130 -2.10 35.32 -30.08
C PRO F 130 -0.89 35.88 -30.86
N SER F 131 -0.02 34.94 -31.29
CA SER F 131 1.20 35.19 -32.05
C SER F 131 0.86 35.62 -33.48
N GLU F 132 1.50 36.70 -33.96
CA GLU F 132 1.29 37.19 -35.32
C GLU F 132 1.78 36.16 -36.33
N ALA F 133 2.84 35.40 -35.96
CA ALA F 133 3.40 34.32 -36.76
C ALA F 133 2.44 33.13 -36.87
N GLU F 134 1.65 32.85 -35.80
CA GLU F 134 0.64 31.78 -35.81
C GLU F 134 -0.46 32.14 -36.80
N ILE F 135 -0.99 33.38 -36.69
CA ILE F 135 -2.01 33.98 -37.55
C ILE F 135 -1.58 33.88 -39.04
N SER F 136 -0.30 34.19 -39.32
CA SER F 136 0.25 34.17 -40.68
C SER F 136 0.39 32.74 -41.23
N HIS F 137 0.91 31.81 -40.40
CA HIS F 137 1.20 30.43 -40.78
C HIS F 137 -0.03 29.50 -40.83
N THR F 138 -1.02 29.68 -39.93
CA THR F 138 -2.16 28.77 -39.81
C THR F 138 -3.54 29.40 -40.07
N GLN F 139 -3.63 30.76 -40.02
CA GLN F 139 -4.86 31.54 -40.14
C GLN F 139 -5.80 31.28 -38.93
N LYS F 140 -5.19 30.80 -37.81
CA LYS F 140 -5.85 30.54 -36.53
C LYS F 140 -5.15 31.36 -35.46
N ALA F 141 -5.85 31.66 -34.37
CA ALA F 141 -5.32 32.48 -33.28
C ALA F 141 -5.56 31.82 -31.95
N THR F 142 -4.48 31.49 -31.22
CA THR F 142 -4.59 30.83 -29.91
C THR F 142 -4.30 31.82 -28.78
N LEU F 143 -5.29 32.01 -27.89
CA LEU F 143 -5.13 32.82 -26.69
C LEU F 143 -4.73 31.87 -25.56
N VAL F 144 -3.80 32.30 -24.71
CA VAL F 144 -3.36 31.49 -23.59
C VAL F 144 -3.67 32.25 -22.28
N CYS F 145 -4.24 31.55 -21.30
CA CYS F 145 -4.53 32.11 -19.98
C CYS F 145 -3.63 31.50 -18.95
N LEU F 146 -3.24 32.30 -17.95
CA LEU F 146 -2.37 31.80 -16.90
C LEU F 146 -2.81 32.24 -15.53
N ALA F 147 -3.19 31.25 -14.71
CA ALA F 147 -3.56 31.42 -13.30
C ALA F 147 -2.36 30.99 -12.50
N THR F 148 -1.77 31.92 -11.75
CA THR F 148 -0.54 31.64 -11.02
C THR F 148 -0.62 32.08 -9.56
N GLY F 149 0.22 31.45 -8.72
CA GLY F 149 0.44 31.73 -7.30
C GLY F 149 -0.68 31.50 -6.32
N PHE F 150 -1.53 30.51 -6.60
CA PHE F 150 -2.68 30.23 -5.75
C PHE F 150 -2.46 29.03 -4.85
N TYR F 151 -3.13 29.06 -3.70
CA TYR F 151 -3.12 27.99 -2.73
C TYR F 151 -4.46 27.96 -2.03
N PRO F 152 -5.19 26.82 -1.99
CA PRO F 152 -4.84 25.49 -2.56
C PRO F 152 -5.20 25.40 -4.06
N ASP F 153 -4.93 24.23 -4.69
CA ASP F 153 -5.24 23.99 -6.11
C ASP F 153 -6.76 23.76 -6.33
N HIS F 154 -7.60 24.62 -5.73
CA HIS F 154 -9.05 24.58 -5.79
C HIS F 154 -9.53 25.71 -6.72
N VAL F 155 -9.52 25.43 -8.03
CA VAL F 155 -9.79 26.44 -9.05
C VAL F 155 -10.66 25.88 -10.22
N GLU F 156 -11.51 26.75 -10.82
CA GLU F 156 -12.35 26.44 -11.97
C GLU F 156 -12.15 27.50 -13.03
N LEU F 157 -11.44 27.15 -14.10
CA LEU F 157 -11.12 28.07 -15.21
C LEU F 157 -12.16 27.96 -16.33
N SER F 158 -12.58 29.13 -16.86
CA SER F 158 -13.55 29.21 -17.94
C SER F 158 -13.25 30.38 -18.87
N TRP F 159 -13.55 30.20 -20.17
CA TRP F 159 -13.37 31.25 -21.19
C TRP F 159 -14.71 31.85 -21.52
N TRP F 160 -14.71 33.17 -21.64
CA TRP F 160 -15.91 33.95 -21.91
C TRP F 160 -15.63 34.80 -23.13
N VAL F 161 -16.43 34.60 -24.17
CA VAL F 161 -16.32 35.36 -25.41
C VAL F 161 -17.60 36.16 -25.58
N ASN F 162 -17.47 37.50 -25.61
CA ASN F 162 -18.55 38.46 -25.80
C ASN F 162 -19.66 38.32 -24.72
N GLY F 163 -19.26 37.96 -23.50
CA GLY F 163 -20.15 37.78 -22.36
C GLY F 163 -20.84 36.42 -22.32
N LYS F 164 -20.38 35.48 -23.15
CA LYS F 164 -20.92 34.12 -23.27
C LYS F 164 -19.82 33.09 -22.97
N GLU F 165 -20.10 32.11 -22.09
CA GLU F 165 -19.13 31.07 -21.77
C GLU F 165 -18.97 30.14 -22.97
N VAL F 166 -17.71 29.82 -23.33
CA VAL F 166 -17.44 28.98 -24.50
C VAL F 166 -16.76 27.67 -24.09
N HIS F 167 -16.92 26.63 -24.91
CA HIS F 167 -16.34 25.31 -24.68
C HIS F 167 -15.60 24.84 -25.94
N SER F 168 -16.10 25.27 -27.12
CA SER F 168 -15.48 24.95 -28.41
C SER F 168 -14.14 25.71 -28.54
N GLY F 169 -13.10 25.01 -28.99
CA GLY F 169 -11.76 25.56 -29.15
C GLY F 169 -11.04 25.83 -27.84
N VAL F 170 -11.57 25.31 -26.72
CA VAL F 170 -11.03 25.50 -25.37
C VAL F 170 -10.39 24.21 -24.88
N CYS F 171 -9.25 24.34 -24.19
CA CYS F 171 -8.52 23.22 -23.63
C CYS F 171 -7.71 23.68 -22.39
N THR F 172 -7.99 23.08 -21.21
CA THR F 172 -7.30 23.41 -19.96
C THR F 172 -6.51 22.22 -19.45
N ASP F 173 -5.36 22.47 -18.80
CA ASP F 173 -4.51 21.43 -18.19
C ASP F 173 -5.35 20.56 -17.23
N PRO F 174 -5.14 19.22 -17.20
CA PRO F 174 -5.96 18.36 -16.32
C PRO F 174 -5.90 18.77 -14.85
N GLN F 175 -4.71 19.17 -14.36
CA GLN F 175 -4.53 19.64 -12.98
C GLN F 175 -3.48 20.76 -12.89
N PRO F 176 -3.57 21.68 -11.87
CA PRO F 176 -2.53 22.71 -11.72
C PRO F 176 -1.19 22.13 -11.28
N LEU F 177 -0.08 22.64 -11.84
CA LEU F 177 1.27 22.20 -11.51
C LEU F 177 1.84 23.03 -10.33
N LYS F 178 2.85 22.48 -9.63
CA LYS F 178 3.49 23.11 -8.47
C LYS F 178 4.54 24.11 -8.90
N GLU F 179 4.51 25.32 -8.30
CA GLU F 179 5.49 26.37 -8.56
C GLU F 179 6.80 26.10 -7.82
N GLN F 180 6.71 25.38 -6.68
CA GLN F 180 7.83 24.95 -5.84
C GLN F 180 7.67 23.43 -5.57
N PRO F 181 7.98 22.52 -6.54
CA PRO F 181 7.72 21.07 -6.33
C PRO F 181 8.37 20.44 -5.09
N ALA F 182 9.54 20.93 -4.68
CA ALA F 182 10.27 20.43 -3.51
C ALA F 182 9.60 20.84 -2.19
N LEU F 183 8.87 21.97 -2.20
CA LEU F 183 8.24 22.54 -1.00
C LEU F 183 6.82 22.03 -0.76
N ASN F 184 6.46 21.90 0.54
CA ASN F 184 5.12 21.52 0.98
C ASN F 184 4.31 22.81 1.11
N ASP F 185 3.01 22.75 0.74
CA ASP F 185 2.07 23.89 0.72
C ASP F 185 2.56 24.94 -0.30
N SER F 186 3.18 24.44 -1.38
CA SER F 186 3.68 25.16 -2.55
C SER F 186 2.51 25.77 -3.30
N ARG F 187 2.68 26.98 -3.83
CA ARG F 187 1.63 27.66 -4.58
C ARG F 187 1.55 27.05 -5.99
N TYR F 188 0.36 27.11 -6.62
CA TYR F 188 0.14 26.44 -7.90
C TYR F 188 -0.04 27.40 -9.08
N ALA F 189 0.04 26.83 -10.30
CA ALA F 189 -0.16 27.51 -11.58
C ALA F 189 -0.98 26.63 -12.53
N LEU F 190 -1.82 27.24 -13.36
CA LEU F 190 -2.67 26.53 -14.30
C LEU F 190 -2.82 27.32 -15.59
N SER F 191 -2.74 26.63 -16.74
CA SER F 191 -2.88 27.27 -18.05
C SER F 191 -4.07 26.71 -18.84
N SER F 192 -4.54 27.49 -19.80
CA SER F 192 -5.67 27.14 -20.66
C SER F 192 -5.52 27.82 -21.99
N ARG F 193 -6.02 27.15 -23.02
CA ARG F 193 -5.99 27.59 -24.40
C ARG F 193 -7.38 27.86 -24.92
N LEU F 194 -7.48 28.89 -25.76
CA LEU F 194 -8.68 29.25 -26.49
C LEU F 194 -8.23 29.53 -27.89
N ARG F 195 -8.69 28.71 -28.85
CA ARG F 195 -8.31 28.93 -30.24
C ARG F 195 -9.52 29.33 -31.06
N VAL F 196 -9.36 30.45 -31.78
CA VAL F 196 -10.36 31.06 -32.65
C VAL F 196 -9.75 31.25 -34.03
N SER F 197 -10.56 31.62 -35.03
CA SER F 197 -10.03 31.92 -36.37
C SER F 197 -9.33 33.27 -36.30
N ALA F 198 -8.34 33.50 -37.18
CA ALA F 198 -7.61 34.77 -37.22
C ALA F 198 -8.56 35.93 -37.46
N THR F 199 -9.57 35.75 -38.36
CA THR F 199 -10.56 36.79 -38.66
C THR F 199 -11.36 37.19 -37.41
N PHE F 200 -11.70 36.21 -36.55
CA PHE F 200 -12.44 36.44 -35.30
C PHE F 200 -11.59 37.24 -34.30
N TRP F 201 -10.30 36.91 -34.18
CA TRP F 201 -9.40 37.63 -33.27
C TRP F 201 -9.12 39.04 -33.82
N GLN F 202 -9.03 39.18 -35.15
CA GLN F 202 -8.74 40.45 -35.83
C GLN F 202 -9.91 41.47 -35.75
N ASN F 203 -11.13 41.04 -35.36
CA ASN F 203 -12.26 41.94 -35.18
C ASN F 203 -12.11 42.64 -33.83
N PRO F 204 -11.84 43.97 -33.79
CA PRO F 204 -11.62 44.66 -32.50
C PRO F 204 -12.84 44.75 -31.58
N ARG F 205 -14.03 44.38 -32.08
CA ARG F 205 -15.28 44.44 -31.31
C ARG F 205 -15.50 43.17 -30.46
N ASN F 206 -14.68 42.14 -30.68
CA ASN F 206 -14.79 40.87 -29.95
C ASN F 206 -14.04 40.97 -28.65
N HIS F 207 -14.69 40.50 -27.57
CA HIS F 207 -14.14 40.54 -26.22
C HIS F 207 -13.89 39.13 -25.69
N PHE F 208 -12.70 38.93 -25.13
CA PHE F 208 -12.26 37.64 -24.60
C PHE F 208 -11.92 37.79 -23.14
N ARG F 209 -12.47 36.94 -22.29
CA ARG F 209 -12.17 37.00 -20.88
C ARG F 209 -11.93 35.62 -20.31
N CYS F 210 -10.78 35.49 -19.65
CA CYS F 210 -10.44 34.30 -18.92
C CYS F 210 -10.87 34.51 -17.48
N GLN F 211 -11.72 33.62 -16.96
CA GLN F 211 -12.25 33.69 -15.60
C GLN F 211 -11.76 32.51 -14.79
N VAL F 212 -11.19 32.80 -13.61
CA VAL F 212 -10.71 31.77 -12.69
C VAL F 212 -11.48 31.90 -11.38
N GLN F 213 -12.33 30.90 -11.09
CA GLN F 213 -13.06 30.85 -9.83
C GLN F 213 -12.15 30.15 -8.81
N PHE F 214 -11.76 30.89 -7.77
CA PHE F 214 -10.92 30.40 -6.69
C PHE F 214 -11.77 30.06 -5.49
N TYR F 215 -11.46 28.93 -4.85
CA TYR F 215 -12.14 28.44 -3.66
C TYR F 215 -11.16 28.49 -2.48
N GLY F 216 -11.32 29.52 -1.64
CA GLY F 216 -10.46 29.76 -0.48
C GLY F 216 -11.18 29.87 0.84
N LEU F 217 -10.80 30.88 1.66
CA LEU F 217 -11.40 31.12 2.98
C LEU F 217 -12.86 31.63 2.90
N SER F 218 -13.60 31.47 4.00
CA SER F 218 -15.01 31.90 4.07
C SER F 218 -15.22 32.85 5.22
N GLU F 219 -16.46 33.36 5.38
CA GLU F 219 -16.83 34.25 6.48
C GLU F 219 -16.68 33.57 7.86
N ASN F 220 -16.53 32.21 7.91
CA ASN F 220 -16.35 31.46 9.15
C ASN F 220 -14.86 31.27 9.49
N ASP F 221 -13.97 31.62 8.55
CA ASP F 221 -12.52 31.49 8.74
C ASP F 221 -11.92 32.76 9.33
N GLU F 222 -11.01 32.59 10.28
CA GLU F 222 -10.33 33.69 10.99
C GLU F 222 -9.29 34.35 10.07
N TRP F 223 -8.95 35.63 10.35
CA TRP F 223 -7.94 36.37 9.61
C TRP F 223 -7.36 37.47 10.50
N THR F 224 -6.02 37.47 10.64
CA THR F 224 -5.29 38.40 11.51
C THR F 224 -4.14 39.12 10.78
N GLN F 225 -3.98 38.86 9.46
CA GLN F 225 -2.88 39.42 8.65
C GLN F 225 -3.24 40.75 7.96
N ASP F 226 -2.21 41.55 7.65
CA ASP F 226 -2.33 42.83 6.96
C ASP F 226 -2.81 42.63 5.50
N ARG F 227 -2.39 41.51 4.87
CA ARG F 227 -2.76 41.10 3.53
C ARG F 227 -4.27 40.84 3.46
N ALA F 228 -4.93 41.17 2.32
CA ALA F 228 -6.36 40.94 2.13
C ALA F 228 -6.68 39.45 2.32
N LYS F 229 -7.76 39.14 3.08
CA LYS F 229 -8.18 37.77 3.37
C LYS F 229 -8.39 36.99 2.05
N PRO F 230 -7.69 35.84 1.87
CA PRO F 230 -7.78 35.07 0.59
C PRO F 230 -9.06 34.27 0.49
N VAL F 231 -10.17 35.00 0.31
CA VAL F 231 -11.54 34.47 0.26
C VAL F 231 -11.84 33.86 -1.12
N THR F 232 -12.92 33.05 -1.16
CA THR F 232 -13.50 32.48 -2.38
C THR F 232 -13.85 33.69 -3.26
N GLN F 233 -13.27 33.75 -4.47
CA GLN F 233 -13.42 34.89 -5.38
C GLN F 233 -13.18 34.52 -6.84
N ILE F 234 -13.57 35.43 -7.74
CA ILE F 234 -13.32 35.35 -9.17
C ILE F 234 -12.23 36.38 -9.52
N VAL F 235 -11.12 35.88 -10.08
CA VAL F 235 -10.02 36.71 -10.58
C VAL F 235 -10.04 36.48 -12.11
N SER F 236 -10.08 37.58 -12.89
CA SER F 236 -10.16 37.55 -14.35
C SER F 236 -9.07 38.38 -15.04
N ALA F 237 -8.87 38.07 -16.34
CA ALA F 237 -8.01 38.78 -17.27
C ALA F 237 -8.74 38.85 -18.60
N GLU F 238 -8.75 40.02 -19.24
CA GLU F 238 -9.44 40.18 -20.50
C GLU F 238 -8.54 40.78 -21.58
N ALA F 239 -8.97 40.65 -22.84
CA ALA F 239 -8.31 41.14 -24.04
C ALA F 239 -9.32 41.36 -25.12
N TRP F 240 -9.07 42.37 -25.95
CA TRP F 240 -9.93 42.73 -27.07
C TRP F 240 -9.29 42.30 -28.36
N GLY F 241 -10.11 42.10 -29.37
CA GLY F 241 -9.65 41.80 -30.73
C GLY F 241 -8.72 42.88 -31.21
N ARG F 242 -7.66 42.49 -31.91
CA ARG F 242 -6.61 43.39 -32.40
C ARG F 242 -6.44 43.23 -33.91
N ALA F 243 -6.53 44.36 -34.66
CA ALA F 243 -6.38 44.39 -36.11
C ALA F 243 -4.93 44.68 -36.50
N ALA G 2 4.39 3.18 -2.45
CA ALA G 2 5.44 2.26 -2.04
C ALA G 2 6.37 1.90 -3.21
N LYS G 3 7.70 1.97 -2.98
CA LYS G 3 8.70 1.68 -4.01
C LYS G 3 8.78 0.19 -4.35
N THR G 4 8.50 -0.70 -3.37
CA THR G 4 8.51 -2.17 -3.54
C THR G 4 7.18 -2.80 -3.10
N THR G 5 6.75 -3.87 -3.78
CA THR G 5 5.52 -4.59 -3.42
C THR G 5 5.86 -6.06 -3.19
N GLN G 6 5.45 -6.59 -2.04
CA GLN G 6 5.68 -7.96 -1.59
C GLN G 6 4.39 -8.62 -1.12
N PRO G 7 4.23 -9.97 -1.23
CA PRO G 7 3.04 -10.61 -0.65
C PRO G 7 2.98 -10.34 0.85
N ASN G 8 1.79 -10.16 1.43
CA ASN G 8 1.69 -9.84 2.85
C ASN G 8 2.24 -10.97 3.74
N SER G 9 1.89 -12.23 3.44
CA SER G 9 2.29 -13.41 4.20
C SER G 9 2.77 -14.55 3.33
N MET G 10 3.60 -15.42 3.92
CA MET G 10 4.14 -16.63 3.31
C MET G 10 4.33 -17.71 4.37
N GLU G 11 3.78 -18.90 4.11
CA GLU G 11 3.91 -20.06 5.00
C GLU G 11 4.81 -21.09 4.33
N SER G 12 5.68 -21.75 5.12
CA SER G 12 6.61 -22.76 4.63
C SER G 12 6.91 -23.80 5.70
N ASN G 13 7.44 -24.96 5.30
CA ASN G 13 7.84 -26.02 6.21
C ASN G 13 9.27 -25.82 6.62
N GLU G 14 9.66 -26.31 7.79
CA GLU G 14 11.03 -26.20 8.27
C GLU G 14 11.96 -27.08 7.44
N GLU G 15 13.22 -26.66 7.28
CA GLU G 15 14.29 -27.35 6.52
C GLU G 15 13.89 -27.51 5.04
N GLU G 16 13.28 -26.47 4.49
CA GLU G 16 12.78 -26.40 3.11
C GLU G 16 13.11 -25.03 2.49
N PRO G 17 13.42 -24.94 1.17
CA PRO G 17 13.71 -23.61 0.59
C PRO G 17 12.47 -22.71 0.47
N VAL G 18 12.69 -21.38 0.54
CA VAL G 18 11.63 -20.38 0.41
C VAL G 18 12.06 -19.34 -0.62
N HIS G 19 11.15 -19.00 -1.55
CA HIS G 19 11.37 -17.99 -2.58
C HIS G 19 10.46 -16.82 -2.32
N LEU G 20 11.02 -15.76 -1.74
CA LEU G 20 10.27 -14.56 -1.39
C LEU G 20 10.31 -13.56 -2.55
N PRO G 21 9.16 -13.29 -3.22
CA PRO G 21 9.19 -12.39 -4.38
C PRO G 21 9.00 -10.91 -4.03
N CYS G 22 9.46 -10.02 -4.92
CA CYS G 22 9.39 -8.57 -4.76
C CYS G 22 9.31 -7.86 -6.11
N ASN G 23 8.33 -6.97 -6.25
CA ASN G 23 8.17 -6.15 -7.45
C ASN G 23 8.65 -4.73 -7.16
N HIS G 24 9.40 -4.15 -8.11
CA HIS G 24 9.97 -2.82 -8.03
C HIS G 24 10.21 -2.29 -9.44
N SER G 25 9.10 -2.03 -10.15
CA SER G 25 9.10 -1.57 -11.56
C SER G 25 9.70 -0.17 -11.75
N THR G 26 9.61 0.69 -10.72
CA THR G 26 10.07 2.08 -10.78
C THR G 26 11.55 2.25 -10.38
N ILE G 27 12.33 1.16 -10.39
CA ILE G 27 13.76 1.15 -10.02
C ILE G 27 14.61 2.01 -11.01
N SER G 28 15.73 2.56 -10.52
CA SER G 28 16.65 3.36 -11.33
C SER G 28 17.99 2.62 -11.47
N GLY G 29 18.77 3.00 -12.48
CA GLY G 29 20.07 2.41 -12.77
C GLY G 29 21.13 2.59 -11.68
N THR G 30 20.84 3.45 -10.68
CA THR G 30 21.73 3.76 -9.54
C THR G 30 21.25 3.08 -8.24
N ASP G 31 20.07 2.45 -8.27
CA ASP G 31 19.48 1.79 -7.12
C ASP G 31 19.97 0.37 -6.93
N TYR G 32 20.18 0.00 -5.67
CA TYR G 32 20.50 -1.34 -5.25
C TYR G 32 19.22 -1.99 -4.74
N ILE G 33 19.16 -3.33 -4.71
CA ILE G 33 18.03 -4.05 -4.12
C ILE G 33 18.55 -4.64 -2.81
N HIS G 34 18.01 -4.16 -1.69
CA HIS G 34 18.39 -4.61 -0.36
C HIS G 34 17.33 -5.48 0.24
N TRP G 35 17.75 -6.50 0.96
CA TRP G 35 16.87 -7.37 1.73
C TRP G 35 17.33 -7.38 3.18
N TYR G 36 16.41 -7.02 4.07
CA TYR G 36 16.57 -7.01 5.52
C TYR G 36 15.47 -7.89 6.12
N ARG G 37 15.63 -8.29 7.37
CA ARG G 37 14.60 -9.09 8.04
C ARG G 37 14.54 -8.70 9.51
N GLN G 38 13.40 -8.98 10.14
CA GLN G 38 13.23 -8.72 11.55
C GLN G 38 12.58 -9.91 12.25
N LEU G 39 13.37 -10.57 13.11
CA LEU G 39 12.92 -11.69 13.92
C LEU G 39 12.06 -11.13 15.06
N PRO G 40 11.09 -11.92 15.58
CA PRO G 40 10.23 -11.40 16.66
C PRO G 40 11.05 -10.90 17.86
N SER G 41 10.70 -9.68 18.35
CA SER G 41 11.31 -8.98 19.49
C SER G 41 12.82 -8.67 19.28
N GLN G 42 13.26 -8.59 18.00
CA GLN G 42 14.67 -8.31 17.68
C GLN G 42 14.83 -7.09 16.78
N GLY G 43 16.07 -6.58 16.68
CA GLY G 43 16.41 -5.47 15.79
C GLY G 43 16.53 -5.96 14.36
N PRO G 44 16.24 -5.12 13.33
CA PRO G 44 16.40 -5.58 11.94
C PRO G 44 17.80 -6.11 11.64
N GLU G 45 17.90 -7.02 10.67
CA GLU G 45 19.12 -7.71 10.29
C GLU G 45 19.28 -7.74 8.78
N TYR G 46 20.47 -7.39 8.27
CA TYR G 46 20.80 -7.41 6.85
C TYR G 46 20.87 -8.83 6.34
N VAL G 47 20.32 -9.07 5.14
CA VAL G 47 20.32 -10.40 4.53
C VAL G 47 21.27 -10.40 3.32
N ILE G 48 20.98 -9.58 2.31
CA ILE G 48 21.76 -9.47 1.07
C ILE G 48 21.35 -8.20 0.31
N HIS G 49 22.20 -7.76 -0.63
CA HIS G 49 21.93 -6.65 -1.51
C HIS G 49 22.60 -6.94 -2.88
N GLY G 50 22.07 -6.34 -3.94
CA GLY G 50 22.60 -6.54 -5.28
C GLY G 50 22.17 -5.46 -6.25
N LEU G 51 22.62 -5.58 -7.49
CA LEU G 51 22.31 -4.63 -8.55
C LEU G 51 21.70 -5.41 -9.71
N THR G 52 22.38 -6.45 -10.21
CA THR G 52 21.86 -7.25 -11.33
C THR G 52 22.02 -8.75 -11.08
N SER G 53 21.33 -9.56 -11.91
CA SER G 53 21.31 -11.02 -11.96
C SER G 53 21.29 -11.71 -10.57
N ASN G 54 22.04 -12.83 -10.44
CA ASN G 54 22.11 -13.65 -9.24
C ASN G 54 23.24 -13.21 -8.32
N VAL G 55 22.90 -12.93 -7.05
CA VAL G 55 23.83 -12.48 -6.01
C VAL G 55 23.76 -13.52 -4.89
N ASN G 56 24.91 -13.95 -4.36
CA ASN G 56 24.96 -14.93 -3.29
C ASN G 56 25.84 -14.47 -2.14
N ASN G 57 25.62 -15.03 -0.95
CA ASN G 57 26.42 -14.80 0.25
C ASN G 57 26.25 -16.03 1.16
N ARG G 58 26.68 -15.95 2.43
CA ARG G 58 26.61 -17.08 3.36
C ARG G 58 25.18 -17.36 3.86
N MET G 59 24.30 -16.34 3.79
CA MET G 59 22.93 -16.39 4.28
C MET G 59 21.88 -16.74 3.23
N ALA G 60 21.99 -16.17 2.01
CA ALA G 60 20.97 -16.35 0.98
C ALA G 60 21.48 -16.09 -0.42
N SER G 61 20.60 -16.31 -1.41
CA SER G 61 20.78 -15.99 -2.81
C SER G 61 19.72 -14.95 -3.20
N LEU G 62 20.05 -14.09 -4.14
CA LEU G 62 19.17 -13.04 -4.64
C LEU G 62 19.15 -13.10 -6.15
N ALA G 63 17.99 -13.42 -6.73
CA ALA G 63 17.84 -13.50 -8.17
C ALA G 63 17.09 -12.26 -8.68
N ILE G 64 17.81 -11.35 -9.35
CA ILE G 64 17.21 -10.13 -9.88
C ILE G 64 16.90 -10.37 -11.36
N ALA G 65 15.67 -10.01 -11.81
CA ALA G 65 15.20 -10.13 -13.18
C ALA G 65 16.08 -9.33 -14.16
N GLU G 66 16.14 -9.76 -15.43
CA GLU G 66 16.91 -9.11 -16.50
C GLU G 66 16.52 -7.63 -16.66
N ASP G 67 15.21 -7.31 -16.54
CA ASP G 67 14.70 -5.93 -16.65
C ASP G 67 14.87 -5.17 -15.33
N ARG G 68 15.27 -5.88 -14.24
CA ARG G 68 15.51 -5.37 -12.88
C ARG G 68 14.22 -4.88 -12.17
N LYS G 69 13.05 -5.08 -12.80
CA LYS G 69 11.74 -4.64 -12.28
C LYS G 69 11.18 -5.59 -11.21
N SER G 70 11.87 -6.73 -10.96
CA SER G 70 11.50 -7.71 -9.93
C SER G 70 12.73 -8.49 -9.47
N SER G 71 12.61 -9.12 -8.28
CA SER G 71 13.66 -9.92 -7.65
C SER G 71 13.05 -10.97 -6.70
N THR G 72 13.87 -11.95 -6.31
CA THR G 72 13.49 -13.04 -5.44
C THR G 72 14.60 -13.28 -4.43
N LEU G 73 14.22 -13.42 -3.15
CA LEU G 73 15.14 -13.82 -2.10
C LEU G 73 15.03 -15.33 -1.95
N ILE G 74 16.16 -16.03 -1.98
CA ILE G 74 16.15 -17.47 -1.85
C ILE G 74 16.80 -17.88 -0.54
N LEU G 75 16.00 -18.46 0.36
CA LEU G 75 16.44 -19.04 1.62
C LEU G 75 16.46 -20.51 1.34
N HIS G 76 17.65 -21.05 1.06
CA HIS G 76 17.90 -22.43 0.62
C HIS G 76 17.39 -23.51 1.58
N ARG G 77 17.39 -23.24 2.89
CA ARG G 77 16.92 -24.20 3.89
C ARG G 77 16.46 -23.44 5.12
N ALA G 78 15.25 -22.84 5.04
CA ALA G 78 14.70 -22.06 6.14
C ALA G 78 14.34 -22.96 7.32
N THR G 79 14.81 -22.57 8.51
CA THR G 79 14.58 -23.28 9.77
C THR G 79 13.51 -22.52 10.56
N LEU G 80 13.10 -23.05 11.70
CA LEU G 80 12.12 -22.40 12.59
C LEU G 80 12.63 -21.03 13.09
N ARG G 81 13.97 -20.83 13.08
CA ARG G 81 14.67 -19.62 13.48
C ARG G 81 14.67 -18.56 12.38
N ASP G 82 14.23 -18.92 11.17
CA ASP G 82 14.17 -18.00 10.03
C ASP G 82 12.76 -17.41 9.87
N ALA G 83 11.86 -17.71 10.82
CA ALA G 83 10.52 -17.15 10.84
C ALA G 83 10.65 -15.69 11.27
N ALA G 84 10.42 -14.78 10.33
CA ALA G 84 10.61 -13.34 10.48
C ALA G 84 9.85 -12.59 9.40
N VAL G 85 9.91 -11.25 9.45
CA VAL G 85 9.35 -10.38 8.42
C VAL G 85 10.51 -10.01 7.51
N TYR G 86 10.38 -10.30 6.23
CA TYR G 86 11.41 -10.04 5.24
C TYR G 86 11.04 -8.80 4.43
N TYR G 87 11.91 -7.78 4.50
CA TYR G 87 11.70 -6.50 3.82
C TYR G 87 12.59 -6.35 2.61
N CYS G 88 11.96 -6.14 1.44
CA CYS G 88 12.60 -5.86 0.17
C CYS G 88 12.62 -4.33 0.02
N ILE G 89 13.84 -3.76 0.02
CA ILE G 89 14.05 -2.32 0.03
C ILE G 89 14.90 -1.85 -1.13
N LEU G 90 14.46 -0.79 -1.80
CA LEU G 90 15.24 -0.09 -2.82
C LEU G 90 16.00 1.03 -2.14
N ARG G 91 17.32 1.06 -2.34
CA ARG G 91 18.17 2.10 -1.77
C ARG G 91 19.20 2.49 -2.83
N ASP G 92 19.43 3.80 -2.99
CA ASP G 92 20.42 4.31 -3.94
C ASP G 92 21.78 3.84 -3.48
N SER G 93 22.62 3.35 -4.42
CA SER G 93 23.97 2.86 -4.17
C SER G 93 24.84 3.83 -3.36
N ARG G 94 24.40 5.10 -3.23
CA ARG G 94 25.11 6.16 -2.52
C ARG G 94 24.38 6.58 -1.25
N ALA G 95 23.15 6.07 -1.03
CA ALA G 95 22.37 6.43 0.14
C ALA G 95 22.47 5.37 1.24
N GLN G 96 22.12 5.77 2.48
CA GLN G 96 22.14 4.89 3.63
C GLN G 96 20.74 4.72 4.22
N LYS G 97 19.91 5.79 4.19
CA LYS G 97 18.53 5.79 4.69
C LYS G 97 17.77 4.56 4.15
N LEU G 98 17.23 3.71 5.05
CA LEU G 98 16.47 2.52 4.67
C LEU G 98 14.98 2.77 4.82
N VAL G 99 14.22 2.61 3.72
CA VAL G 99 12.76 2.82 3.70
C VAL G 99 12.12 1.43 3.73
N PHE G 100 11.56 1.06 4.88
CA PHE G 100 10.91 -0.22 5.13
C PHE G 100 9.42 -0.14 4.82
N GLY G 101 8.95 -1.03 3.95
CA GLY G 101 7.54 -1.14 3.62
C GLY G 101 6.85 -2.15 4.51
N GLN G 102 5.71 -2.68 4.07
CA GLN G 102 4.97 -3.69 4.85
C GLN G 102 5.81 -4.96 5.01
N GLY G 103 6.36 -5.47 3.91
CA GLY G 103 7.20 -6.67 3.88
C GLY G 103 6.40 -7.95 3.86
N THR G 104 7.11 -9.10 3.85
CA THR G 104 6.47 -10.42 3.89
C THR G 104 6.71 -11.08 5.24
N ARG G 105 5.62 -11.44 5.94
CA ARG G 105 5.71 -12.15 7.23
C ARG G 105 5.80 -13.65 6.93
N LEU G 106 6.98 -14.21 7.13
CA LEU G 106 7.25 -15.61 6.86
C LEU G 106 7.04 -16.46 8.11
N THR G 107 6.11 -17.42 8.00
CA THR G 107 5.75 -18.40 9.02
C THR G 107 6.38 -19.73 8.64
N ILE G 108 7.10 -20.33 9.58
CA ILE G 108 7.73 -21.64 9.37
C ILE G 108 6.99 -22.67 10.20
N ASN G 109 6.45 -23.70 9.52
CA ASN G 109 5.70 -24.79 10.14
C ASN G 109 6.63 -25.90 10.64
N PRO G 110 6.57 -26.31 11.93
CA PRO G 110 7.42 -27.42 12.38
C PRO G 110 6.90 -28.76 11.87
N ASN G 111 7.75 -29.78 11.84
CA ASN G 111 7.33 -31.11 11.42
C ASN G 111 6.90 -31.91 12.66
N ILE G 112 5.59 -32.08 12.83
CA ILE G 112 5.01 -32.84 13.94
C ILE G 112 4.91 -34.28 13.43
N GLN G 113 5.94 -35.09 13.75
CA GLN G 113 6.12 -36.48 13.34
C GLN G 113 4.91 -37.37 13.72
N ASN G 114 4.47 -37.31 14.99
CA ASN G 114 3.37 -38.12 15.50
C ASN G 114 2.35 -37.26 16.26
N PRO G 115 1.36 -36.65 15.54
CA PRO G 115 0.38 -35.81 16.21
C PRO G 115 -0.47 -36.61 17.20
N ASP G 116 -0.75 -36.01 18.36
CA ASP G 116 -1.56 -36.59 19.43
C ASP G 116 -2.36 -35.44 20.08
N PRO G 117 -3.26 -34.74 19.34
CA PRO G 117 -3.98 -33.60 19.92
C PRO G 117 -4.75 -33.95 21.20
N ALA G 118 -4.63 -33.08 22.22
CA ALA G 118 -5.28 -33.24 23.52
C ALA G 118 -5.40 -31.92 24.28
N VAL G 119 -6.42 -31.83 25.15
CA VAL G 119 -6.68 -30.67 26.01
C VAL G 119 -6.59 -31.16 27.45
N TYR G 120 -5.57 -30.69 28.20
CA TYR G 120 -5.35 -31.12 29.59
C TYR G 120 -5.64 -30.00 30.59
N GLN G 121 -6.02 -30.38 31.81
CA GLN G 121 -6.27 -29.45 32.90
C GLN G 121 -5.10 -29.50 33.87
N LEU G 122 -4.60 -28.32 34.26
CA LEU G 122 -3.47 -28.14 35.17
C LEU G 122 -3.90 -27.39 36.43
N ARG G 123 -3.48 -27.89 37.61
CA ARG G 123 -3.81 -27.27 38.90
C ARG G 123 -2.64 -26.44 39.40
N ASP G 124 -2.94 -25.30 40.06
CA ASP G 124 -1.95 -24.36 40.60
C ASP G 124 -1.14 -25.00 41.71
N SER G 125 0.16 -24.65 41.76
CA SER G 125 1.10 -25.11 42.78
C SER G 125 0.73 -24.56 44.17
N LYS G 126 0.37 -23.26 44.26
CA LYS G 126 -0.02 -22.58 45.50
C LYS G 126 -1.51 -22.86 45.83
N SER G 127 -2.45 -22.29 45.04
CA SER G 127 -3.90 -22.45 45.23
C SER G 127 -4.65 -22.13 43.94
N LYS G 130 -7.74 -19.11 39.67
CA LYS G 130 -8.01 -19.58 38.30
C LYS G 130 -7.43 -20.99 38.01
N SER G 131 -7.85 -21.58 36.88
CA SER G 131 -7.37 -22.89 36.40
C SER G 131 -6.96 -22.76 34.93
N VAL G 132 -5.96 -23.54 34.52
CA VAL G 132 -5.40 -23.48 33.16
C VAL G 132 -5.69 -24.76 32.36
N CYS G 133 -6.08 -24.58 31.08
CA CYS G 133 -6.34 -25.65 30.12
C CYS G 133 -5.28 -25.58 29.04
N LEU G 134 -4.60 -26.71 28.76
CA LEU G 134 -3.53 -26.75 27.77
C LEU G 134 -3.89 -27.59 26.55
N PHE G 135 -3.94 -26.95 25.39
CA PHE G 135 -4.18 -27.63 24.11
C PHE G 135 -2.80 -27.88 23.52
N THR G 136 -2.43 -29.16 23.38
CA THR G 136 -1.10 -29.52 22.91
C THR G 136 -1.11 -30.73 21.93
N ASP G 137 0.08 -30.97 21.33
CA ASP G 137 0.44 -32.09 20.44
C ASP G 137 -0.41 -32.15 19.15
N PHE G 138 -0.91 -30.99 18.69
CA PHE G 138 -1.68 -30.86 17.45
C PHE G 138 -0.71 -30.52 16.31
N ASP G 139 -1.10 -30.84 15.06
CA ASP G 139 -0.26 -30.58 13.89
C ASP G 139 -0.44 -29.12 13.40
N SER G 140 0.39 -28.70 12.42
CA SER G 140 0.43 -27.36 11.82
C SER G 140 -0.89 -26.97 11.13
N GLN G 141 -1.72 -27.95 10.74
CA GLN G 141 -3.02 -27.73 10.09
C GLN G 141 -4.00 -27.04 11.06
N THR G 142 -3.88 -27.36 12.36
CA THR G 142 -4.69 -26.79 13.42
C THR G 142 -4.24 -25.34 13.69
N ASN G 143 -5.21 -24.42 13.74
CA ASN G 143 -5.02 -23.00 14.04
C ASN G 143 -5.86 -22.65 15.26
N VAL G 144 -5.26 -21.96 16.23
CA VAL G 144 -5.96 -21.60 17.46
C VAL G 144 -6.63 -20.23 17.28
N SER G 145 -7.96 -20.19 17.45
CA SER G 145 -8.78 -19.00 17.33
C SER G 145 -8.86 -18.26 18.67
N GLN G 146 -8.99 -16.93 18.61
CA GLN G 146 -9.09 -16.09 19.80
C GLN G 146 -10.48 -16.22 20.43
N SER G 147 -10.58 -15.91 21.72
CA SER G 147 -11.82 -16.02 22.49
C SER G 147 -12.77 -14.85 22.22
N LYS G 148 -14.05 -15.16 22.06
CA LYS G 148 -15.11 -14.15 21.90
C LYS G 148 -15.55 -13.68 23.29
N ASP G 149 -15.21 -14.50 24.33
CA ASP G 149 -15.49 -14.25 25.74
C ASP G 149 -14.42 -13.33 26.33
N SER G 150 -14.85 -12.21 26.93
CA SER G 150 -13.96 -11.22 27.54
C SER G 150 -13.19 -11.77 28.76
N ASP G 151 -13.87 -12.60 29.57
CA ASP G 151 -13.32 -13.20 30.79
C ASP G 151 -12.54 -14.51 30.54
N VAL G 152 -12.40 -14.94 29.27
CA VAL G 152 -11.64 -16.14 28.89
C VAL G 152 -10.47 -15.68 28.02
N TYR G 153 -9.25 -16.07 28.38
CA TYR G 153 -8.04 -15.69 27.65
C TYR G 153 -7.42 -16.91 26.99
N ILE G 154 -7.20 -16.83 25.66
CA ILE G 154 -6.61 -17.88 24.85
C ILE G 154 -5.41 -17.31 24.09
N THR G 155 -4.24 -17.93 24.27
CA THR G 155 -2.99 -17.54 23.63
C THR G 155 -2.93 -18.12 22.21
N ASP G 156 -1.98 -17.67 21.39
CA ASP G 156 -1.76 -18.20 20.06
C ASP G 156 -0.82 -19.41 20.18
N LYS G 157 -0.83 -20.32 19.18
CA LYS G 157 0.04 -21.50 19.19
C LYS G 157 1.52 -21.08 19.24
N CYS G 158 2.32 -21.89 19.92
CA CYS G 158 3.73 -21.66 20.12
C CYS G 158 4.41 -23.03 20.06
N VAL G 159 5.60 -23.13 19.42
CA VAL G 159 6.28 -24.43 19.27
C VAL G 159 7.54 -24.55 20.15
N LEU G 160 7.59 -25.58 21.01
CA LEU G 160 8.75 -25.87 21.85
C LEU G 160 9.54 -27.03 21.27
N ASP G 161 10.85 -27.07 21.55
CA ASP G 161 11.72 -28.12 21.05
C ASP G 161 12.50 -28.75 22.20
N MET G 162 12.21 -30.03 22.47
CA MET G 162 12.91 -30.85 23.45
C MET G 162 14.10 -31.49 22.72
N ARG G 163 15.15 -30.65 22.48
CA ARG G 163 16.37 -30.95 21.72
C ARG G 163 16.97 -32.35 21.99
N SER G 164 17.14 -32.71 23.27
CA SER G 164 17.72 -33.99 23.74
C SER G 164 16.91 -35.24 23.33
N MET G 165 15.64 -35.07 22.90
CA MET G 165 14.76 -36.17 22.51
C MET G 165 14.33 -36.08 21.05
N ASP G 166 14.80 -35.02 20.33
CA ASP G 166 14.50 -34.74 18.92
C ASP G 166 12.96 -34.70 18.75
N PHE G 167 12.31 -33.92 19.62
CA PHE G 167 10.86 -33.82 19.67
C PHE G 167 10.40 -32.37 19.72
N LYS G 168 9.44 -32.03 18.85
CA LYS G 168 8.80 -30.74 18.75
C LYS G 168 7.29 -30.88 19.01
N SER G 169 6.68 -29.89 19.68
CA SER G 169 5.25 -29.91 19.95
C SER G 169 4.66 -28.51 19.97
N ASN G 170 3.39 -28.40 19.55
CA ASN G 170 2.63 -27.16 19.54
C ASN G 170 1.83 -27.04 20.83
N SER G 171 1.55 -25.81 21.26
CA SER G 171 0.79 -25.59 22.49
C SER G 171 0.14 -24.23 22.53
N ALA G 172 -1.11 -24.22 23.01
CA ALA G 172 -1.91 -23.03 23.24
C ALA G 172 -2.50 -23.14 24.64
N VAL G 173 -2.52 -22.03 25.36
CA VAL G 173 -3.01 -22.00 26.74
C VAL G 173 -4.30 -21.16 26.81
N ALA G 174 -5.26 -21.64 27.60
CA ALA G 174 -6.54 -21.00 27.89
C ALA G 174 -6.77 -20.98 29.39
N TRP G 175 -7.22 -19.84 29.95
CA TRP G 175 -7.52 -19.69 31.36
C TRP G 175 -8.66 -18.68 31.57
N SER G 176 -9.40 -18.82 32.69
CA SER G 176 -10.53 -17.97 33.08
C SER G 176 -10.82 -18.08 34.58
N ASN G 177 -11.43 -17.02 35.16
CA ASN G 177 -11.83 -16.95 36.58
C ASN G 177 -13.26 -17.46 36.77
N LYS G 178 -14.08 -17.43 35.70
CA LYS G 178 -15.49 -17.85 35.67
C LYS G 178 -15.69 -19.31 36.08
N SER G 179 -16.80 -19.58 36.79
CA SER G 179 -17.19 -20.91 37.26
C SER G 179 -17.64 -21.79 36.10
N ASP G 180 -18.24 -21.17 35.06
CA ASP G 180 -18.74 -21.82 33.85
C ASP G 180 -17.60 -22.32 32.93
N PHE G 181 -16.35 -21.94 33.22
CA PHE G 181 -15.20 -22.33 32.41
C PHE G 181 -14.71 -23.73 32.76
N ALA G 182 -14.57 -24.57 31.73
CA ALA G 182 -14.07 -25.94 31.80
C ALA G 182 -13.24 -26.22 30.55
N CYS G 183 -12.32 -27.21 30.61
CA CYS G 183 -11.41 -27.54 29.52
C CYS G 183 -12.11 -28.08 28.27
N ALA G 184 -13.30 -28.69 28.43
CA ALA G 184 -14.04 -29.25 27.31
C ALA G 184 -14.56 -28.18 26.35
N ASN G 185 -14.97 -27.02 26.88
CA ASN G 185 -15.52 -25.91 26.13
C ASN G 185 -14.51 -24.75 25.91
N ALA G 186 -13.32 -24.84 26.52
CA ALA G 186 -12.26 -23.83 26.47
C ALA G 186 -11.88 -23.40 25.04
N PHE G 187 -11.72 -24.37 24.11
CA PHE G 187 -11.29 -24.11 22.72
C PHE G 187 -12.43 -24.33 21.70
N ASN G 188 -13.69 -24.04 22.10
CA ASN G 188 -14.89 -24.20 21.28
C ASN G 188 -14.91 -23.29 20.05
N ASN G 189 -14.36 -22.06 20.14
CA ASN G 189 -14.31 -21.13 18.99
C ASN G 189 -13.22 -21.54 17.99
N SER G 190 -12.35 -22.48 18.38
CA SER G 190 -11.26 -22.99 17.54
C SER G 190 -11.70 -24.28 16.82
N ILE G 191 -11.14 -24.48 15.61
CA ILE G 191 -11.37 -25.63 14.73
C ILE G 191 -10.34 -26.75 15.13
N ILE G 192 -10.60 -27.38 16.29
CA ILE G 192 -9.71 -28.40 16.88
C ILE G 192 -9.98 -29.79 16.27
N PRO G 193 -8.99 -30.72 16.27
CA PRO G 193 -9.19 -32.04 15.63
C PRO G 193 -10.30 -32.91 16.26
N GLU G 194 -10.79 -33.86 15.46
CA GLU G 194 -11.85 -34.81 15.86
C GLU G 194 -11.29 -35.82 16.85
N ASP G 195 -10.04 -36.29 16.62
CA ASP G 195 -9.30 -37.27 17.42
C ASP G 195 -8.66 -36.66 18.69
N THR G 196 -9.06 -35.43 19.09
CA THR G 196 -8.54 -34.74 20.27
C THR G 196 -8.95 -35.50 21.52
N PHE G 197 -7.96 -35.84 22.36
CA PHE G 197 -8.18 -36.59 23.58
C PHE G 197 -8.59 -35.65 24.71
N PHE G 198 -9.75 -35.94 25.33
CA PHE G 198 -10.28 -35.19 26.46
C PHE G 198 -10.39 -36.13 27.65
N PRO G 199 -9.43 -36.05 28.60
CA PRO G 199 -9.47 -36.95 29.77
C PRO G 199 -10.63 -36.65 30.72
N SER G 200 -11.07 -37.65 31.50
CA SER G 200 -12.12 -37.51 32.51
C SER G 200 -11.47 -37.06 33.85
N PRO G 201 -11.82 -35.85 34.39
CA PRO G 201 -11.14 -35.39 35.63
C PRO G 201 -11.53 -36.19 36.88
N SER H 2 25.09 -8.47 17.14
CA SER H 2 25.41 -7.56 16.04
C SER H 2 26.64 -6.67 16.34
N GLY H 3 26.78 -6.25 17.59
CA GLY H 3 27.87 -5.38 18.04
C GLY H 3 27.39 -4.06 18.62
N VAL H 4 26.16 -3.65 18.23
CA VAL H 4 25.53 -2.41 18.66
C VAL H 4 24.80 -2.65 20.00
N THR H 5 25.00 -1.73 20.95
CA THR H 5 24.38 -1.77 22.28
C THR H 5 23.52 -0.52 22.50
N GLN H 6 22.40 -0.69 23.22
CA GLN H 6 21.46 0.38 23.51
C GLN H 6 21.03 0.40 24.99
N THR H 7 20.92 1.61 25.56
CA THR H 7 20.49 1.80 26.95
C THR H 7 19.51 2.98 27.03
N PRO H 8 18.38 2.83 27.77
CA PRO H 8 17.91 1.63 28.47
C PRO H 8 17.25 0.65 27.50
N LYS H 9 16.94 -0.56 27.97
CA LYS H 9 16.26 -1.54 27.13
C LYS H 9 14.76 -1.21 27.13
N HIS H 10 14.26 -0.73 28.29
CA HIS H 10 12.86 -0.38 28.50
C HIS H 10 12.73 1.00 29.15
N LEU H 11 11.63 1.69 28.85
CA LEU H 11 11.32 3.01 29.40
C LEU H 11 9.84 3.20 29.60
N ILE H 12 9.48 3.66 30.80
CA ILE H 12 8.10 3.98 31.12
C ILE H 12 8.10 5.42 31.60
N THR H 13 7.46 6.28 30.80
CA THR H 13 7.41 7.71 31.00
C THR H 13 5.98 8.23 30.91
N ALA H 14 5.73 9.40 31.52
CA ALA H 14 4.47 10.12 31.53
C ALA H 14 4.43 11.14 30.39
N THR H 15 3.23 11.49 29.92
CA THR H 15 3.03 12.49 28.86
C THR H 15 3.59 13.86 29.28
N GLY H 16 4.27 14.52 28.35
CA GLY H 16 4.91 15.81 28.56
C GLY H 16 6.36 15.75 29.00
N GLN H 17 6.84 14.58 29.43
CA GLN H 17 8.22 14.41 29.91
C GLN H 17 9.24 14.34 28.77
N ARG H 18 10.54 14.47 29.12
CA ARG H 18 11.69 14.41 28.23
C ARG H 18 12.49 13.16 28.53
N VAL H 19 12.97 12.47 27.50
CA VAL H 19 13.72 11.25 27.72
C VAL H 19 14.94 11.16 26.78
N THR H 20 16.05 10.57 27.28
CA THR H 20 17.31 10.42 26.55
C THR H 20 17.64 8.94 26.37
N LEU H 21 17.91 8.54 25.12
CA LEU H 21 18.25 7.17 24.70
C LEU H 21 19.70 7.09 24.27
N ARG H 22 20.47 6.15 24.82
CA ARG H 22 21.89 6.04 24.50
C ARG H 22 22.14 4.90 23.52
N CYS H 23 23.19 5.03 22.71
CA CYS H 23 23.58 4.00 21.77
C CYS H 23 25.07 4.02 21.53
N SER H 24 25.64 2.81 21.49
CA SER H 24 27.04 2.61 21.17
C SER H 24 27.16 1.82 19.87
N PRO H 25 27.79 2.39 18.82
CA PRO H 25 27.97 1.64 17.57
C PRO H 25 28.97 0.50 17.72
N ARG H 26 29.13 -0.34 16.67
CA ARG H 26 30.14 -1.39 16.66
C ARG H 26 31.51 -0.74 16.70
N SER H 27 32.50 -1.42 17.28
CA SER H 27 33.86 -0.91 17.34
C SER H 27 34.40 -0.76 15.92
N GLY H 28 34.73 0.47 15.56
CA GLY H 28 35.23 0.81 14.23
C GLY H 28 34.23 1.52 13.35
N ASP H 29 32.91 1.36 13.63
CA ASP H 29 31.82 1.98 12.86
C ASP H 29 31.76 3.47 13.10
N LEU H 30 31.71 4.25 12.00
CA LEU H 30 31.74 5.72 12.02
C LEU H 30 30.33 6.33 11.87
N SER H 31 29.47 5.69 11.09
CA SER H 31 28.10 6.12 10.86
C SER H 31 27.15 5.49 11.88
N VAL H 32 26.26 6.32 12.49
CA VAL H 32 25.25 5.91 13.47
C VAL H 32 23.87 6.37 12.94
N TYR H 33 22.81 5.57 13.22
CA TYR H 33 21.44 5.79 12.72
C TYR H 33 20.39 5.58 13.79
N TRP H 34 19.25 6.26 13.66
CA TRP H 34 18.11 6.09 14.56
C TRP H 34 16.86 5.84 13.76
N TYR H 35 16.08 4.87 14.24
CA TYR H 35 14.83 4.43 13.66
C TYR H 35 13.77 4.34 14.73
N GLN H 36 12.50 4.50 14.34
CA GLN H 36 11.35 4.37 15.22
C GLN H 36 10.45 3.28 14.66
N GLN H 37 10.02 2.33 15.50
CA GLN H 37 9.11 1.26 15.10
C GLN H 37 7.83 1.36 15.91
N SER H 38 6.84 2.04 15.34
CA SER H 38 5.52 2.26 15.92
C SER H 38 4.53 1.31 15.26
N LEU H 39 3.39 1.03 15.93
CA LEU H 39 2.35 0.15 15.38
C LEU H 39 1.65 0.79 14.17
N ASP H 40 1.52 2.14 14.19
CA ASP H 40 0.83 2.91 13.15
C ASP H 40 1.68 3.18 11.90
N GLN H 41 3.01 3.43 12.04
CA GLN H 41 3.87 3.80 10.90
C GLN H 41 4.95 2.77 10.53
N GLY H 42 5.10 1.71 11.31
CA GLY H 42 6.12 0.68 11.10
C GLY H 42 7.51 1.22 11.37
N LEU H 43 8.54 0.67 10.67
CA LEU H 43 9.93 1.09 10.79
C LEU H 43 10.15 2.40 10.01
N GLN H 44 10.50 3.49 10.74
CA GLN H 44 10.71 4.80 10.17
C GLN H 44 12.09 5.36 10.49
N PHE H 45 12.84 5.81 9.46
CA PHE H 45 14.16 6.42 9.62
C PHE H 45 14.01 7.78 10.23
N LEU H 46 14.89 8.11 11.20
CA LEU H 46 14.82 9.42 11.84
C LEU H 46 16.00 10.28 11.45
N ILE H 47 17.23 9.81 11.71
CA ILE H 47 18.43 10.59 11.46
C ILE H 47 19.68 9.71 11.33
N GLN H 48 20.71 10.26 10.66
CA GLN H 48 22.01 9.63 10.50
C GLN H 48 23.11 10.62 10.84
N TYR H 49 24.11 10.13 11.54
CA TYR H 49 25.31 10.88 11.89
C TYR H 49 26.52 10.13 11.40
N TYR H 50 27.51 10.87 10.92
CA TYR H 50 28.78 10.36 10.42
C TYR H 50 29.88 11.26 10.88
N ASN H 51 30.79 10.70 11.69
CA ASN H 51 31.93 11.36 12.31
C ASN H 51 31.50 12.61 13.09
N GLY H 52 30.37 12.48 13.80
CA GLY H 52 29.83 13.54 14.65
C GLY H 52 28.90 14.54 13.97
N GLU H 53 28.80 14.51 12.62
CA GLU H 53 27.94 15.43 11.87
C GLU H 53 26.75 14.70 11.23
N GLU H 54 25.60 15.40 11.16
CA GLU H 54 24.34 14.94 10.58
C GLU H 54 24.48 14.82 9.06
N ARG H 55 24.14 13.65 8.49
CA ARG H 55 24.22 13.37 7.06
C ARG H 55 22.85 13.27 6.38
N ALA H 56 21.90 12.59 7.04
CA ALA H 56 20.55 12.38 6.53
C ALA H 56 19.52 12.51 7.65
N LYS H 57 18.33 13.01 7.29
CA LYS H 57 17.19 13.23 8.18
C LYS H 57 15.94 12.58 7.59
N GLY H 58 15.10 12.04 8.46
CA GLY H 58 13.83 11.45 8.09
C GLY H 58 12.70 12.40 8.41
N ASN H 59 11.53 11.84 8.76
CA ASN H 59 10.37 12.63 9.15
C ASN H 59 10.39 12.80 10.69
N ILE H 60 11.56 13.24 11.19
CA ILE H 60 11.87 13.48 12.60
C ILE H 60 11.21 14.82 13.04
N LEU H 61 10.43 14.77 14.14
CA LEU H 61 9.74 15.93 14.73
C LEU H 61 10.74 16.85 15.41
N GLU H 62 10.37 18.12 15.64
CA GLU H 62 11.21 19.14 16.29
C GLU H 62 11.50 18.76 17.75
N ARG H 63 10.54 18.05 18.39
CA ARG H 63 10.61 17.49 19.74
C ARG H 63 11.76 16.49 19.85
N PHE H 64 12.03 15.79 18.74
CA PHE H 64 13.10 14.81 18.67
C PHE H 64 14.38 15.51 18.20
N SER H 65 15.51 15.14 18.81
CA SER H 65 16.83 15.68 18.48
C SER H 65 17.87 14.63 18.84
N ALA H 66 18.96 14.59 18.09
CA ALA H 66 20.01 13.60 18.33
C ALA H 66 21.41 14.23 18.25
N GLN H 67 22.44 13.44 18.59
CA GLN H 67 23.83 13.87 18.63
C GLN H 67 24.79 12.69 18.56
N GLN H 68 25.91 12.84 17.86
CA GLN H 68 27.00 11.87 17.84
C GLN H 68 28.21 12.54 18.46
N PHE H 69 28.67 11.97 19.58
CA PHE H 69 29.76 12.45 20.43
C PHE H 69 31.15 12.06 19.87
N PRO H 70 32.28 12.63 20.38
CA PRO H 70 33.61 12.29 19.83
C PRO H 70 33.96 10.80 19.90
N ASP H 71 33.43 10.06 20.89
CA ASP H 71 33.68 8.62 21.01
C ASP H 71 32.72 7.83 20.07
N LEU H 72 32.08 8.56 19.12
CA LEU H 72 31.16 8.13 18.06
C LEU H 72 29.82 7.55 18.60
N HIS H 73 29.64 7.50 19.94
CA HIS H 73 28.39 7.05 20.55
C HIS H 73 27.31 8.11 20.29
N SER H 74 26.03 7.69 20.30
CA SER H 74 24.92 8.58 19.98
C SER H 74 23.86 8.64 21.07
N GLU H 75 23.16 9.77 21.13
CA GLU H 75 22.08 10.02 22.07
C GLU H 75 20.84 10.57 21.34
N LEU H 76 19.67 9.99 21.62
CA LEU H 76 18.40 10.42 21.06
C LEU H 76 17.55 11.02 22.17
N ASN H 77 17.16 12.29 22.00
CA ASN H 77 16.34 13.01 22.96
C ASN H 77 14.92 13.20 22.44
N LEU H 78 13.93 12.62 23.17
CA LEU H 78 12.50 12.76 22.83
C LEU H 78 11.83 13.63 23.89
N SER H 79 11.44 14.86 23.52
CA SER H 79 10.80 15.86 24.40
C SER H 79 9.28 15.95 24.17
N SER H 80 8.54 16.60 25.10
CA SER H 80 7.07 16.78 25.07
C SER H 80 6.40 15.47 24.57
N LEU H 81 6.71 14.37 25.27
CA LEU H 81 6.26 13.02 24.95
C LEU H 81 4.74 12.90 24.92
N GLU H 82 4.25 12.28 23.85
CA GLU H 82 2.84 12.01 23.57
C GLU H 82 2.60 10.50 23.60
N LEU H 83 1.34 10.08 23.84
CA LEU H 83 0.98 8.66 23.87
C LEU H 83 1.40 7.95 22.57
N GLY H 84 1.33 8.66 21.45
CA GLY H 84 1.72 8.18 20.12
C GLY H 84 3.20 7.88 19.96
N ASP H 85 4.04 8.39 20.89
CA ASP H 85 5.49 8.16 20.88
C ASP H 85 5.87 6.76 21.41
N SER H 86 4.87 5.98 21.91
CA SER H 86 5.07 4.61 22.37
C SER H 86 5.45 3.76 21.17
N ALA H 87 6.74 3.40 21.10
CA ALA H 87 7.35 2.64 20.02
C ALA H 87 8.67 2.01 20.45
N LEU H 88 9.29 1.29 19.49
CA LEU H 88 10.62 0.70 19.59
C LEU H 88 11.59 1.67 18.92
N TYR H 89 12.62 2.08 19.63
CA TYR H 89 13.59 3.00 19.07
C TYR H 89 14.88 2.22 18.86
N PHE H 90 15.17 1.94 17.59
CA PHE H 90 16.33 1.17 17.19
C PHE H 90 17.45 2.05 16.74
N CYS H 91 18.63 1.68 17.20
CA CYS H 91 19.86 2.29 16.79
C CYS H 91 20.54 1.35 15.78
N ALA H 92 21.32 1.92 14.88
CA ALA H 92 22.06 1.17 13.88
C ALA H 92 23.39 1.82 13.61
N SER H 93 24.33 1.06 13.07
CA SER H 93 25.64 1.58 12.69
C SER H 93 26.18 0.83 11.48
N SER H 94 26.99 1.53 10.67
CA SER H 94 27.67 1.01 9.49
C SER H 94 29.11 1.51 9.52
N ALA H 95 30.03 0.81 8.82
CA ALA H 95 31.46 1.19 8.78
C ALA H 95 31.66 2.65 8.33
N GLY H 96 30.88 3.08 7.34
CA GLY H 96 30.89 4.44 6.82
C GLY H 96 29.55 4.81 6.19
N THR H 97 29.50 5.96 5.52
CA THR H 97 28.29 6.45 4.85
C THR H 97 28.14 5.91 3.43
N SER H 98 29.21 5.32 2.89
CA SER H 98 29.19 4.76 1.53
C SER H 98 28.08 3.71 1.41
N GLY H 99 27.25 3.86 0.38
CA GLY H 99 26.07 3.02 0.12
C GLY H 99 26.18 1.51 0.07
N GLU H 100 27.40 0.97 0.02
CA GLU H 100 27.62 -0.48 0.02
C GLU H 100 27.60 -1.06 1.44
N TYR H 101 27.80 -0.20 2.46
CA TYR H 101 27.88 -0.60 3.85
C TYR H 101 26.52 -0.92 4.43
N GLU H 102 26.39 -2.18 4.90
CA GLU H 102 25.21 -2.72 5.55
C GLU H 102 25.07 -2.10 6.95
N GLN H 103 23.86 -2.14 7.51
CA GLN H 103 23.61 -1.58 8.82
C GLN H 103 23.42 -2.68 9.85
N TYR H 104 24.06 -2.48 11.00
CA TYR H 104 24.00 -3.39 12.14
C TYR H 104 23.15 -2.73 13.18
N PHE H 105 22.06 -3.38 13.60
CA PHE H 105 21.09 -2.81 14.51
C PHE H 105 21.27 -3.27 15.94
N GLY H 106 20.95 -2.37 16.87
CA GLY H 106 20.97 -2.63 18.31
C GLY H 106 19.72 -3.38 18.73
N PRO H 107 19.58 -3.75 20.02
CA PRO H 107 18.39 -4.51 20.45
C PRO H 107 17.12 -3.65 20.59
N GLY H 108 17.27 -2.33 20.58
CA GLY H 108 16.17 -1.38 20.71
C GLY H 108 15.78 -1.01 22.12
N THR H 109 15.15 0.18 22.26
CA THR H 109 14.59 0.69 23.49
C THR H 109 13.07 0.68 23.32
N ARG H 110 12.38 -0.08 24.18
CA ARG H 110 10.93 -0.17 24.22
C ARG H 110 10.41 0.91 25.18
N LEU H 111 9.84 1.98 24.60
CA LEU H 111 9.27 3.11 25.32
C LEU H 111 7.74 3.04 25.32
N THR H 112 7.13 3.14 26.51
CA THR H 112 5.69 3.20 26.70
C THR H 112 5.42 4.54 27.38
N VAL H 113 4.61 5.39 26.73
CA VAL H 113 4.19 6.69 27.25
C VAL H 113 2.77 6.49 27.82
N THR H 114 2.56 6.93 29.08
CA THR H 114 1.31 6.79 29.83
C THR H 114 0.81 8.18 30.34
N GLU H 115 -0.51 8.33 30.55
CA GLU H 115 -1.05 9.60 31.06
C GLU H 115 -0.67 9.76 32.53
N ASP H 116 -0.63 8.62 33.27
CA ASP H 116 -0.27 8.59 34.68
C ASP H 116 0.63 7.39 34.99
N LEU H 117 1.72 7.65 35.73
CA LEU H 117 2.63 6.60 36.16
C LEU H 117 1.99 5.71 37.25
N LYS H 118 0.77 6.08 37.73
CA LYS H 118 0.00 5.32 38.70
C LYS H 118 -0.70 4.14 37.99
N ASN H 119 -0.54 4.02 36.66
CA ASN H 119 -1.08 2.91 35.86
C ASN H 119 -0.12 1.71 35.85
N VAL H 120 1.12 1.91 36.34
CA VAL H 120 2.18 0.90 36.34
C VAL H 120 1.92 -0.10 37.48
N PHE H 121 1.88 -1.40 37.13
CA PHE H 121 1.64 -2.49 38.07
C PHE H 121 2.59 -3.65 37.81
N PRO H 122 3.19 -4.27 38.86
CA PRO H 122 4.06 -5.42 38.61
C PRO H 122 3.21 -6.68 38.33
N PRO H 123 3.76 -7.74 37.69
CA PRO H 123 2.94 -8.92 37.47
C PRO H 123 2.78 -9.80 38.71
N GLU H 124 1.82 -10.73 38.64
CA GLU H 124 1.58 -11.80 39.59
C GLU H 124 1.94 -13.07 38.84
N VAL H 125 2.83 -13.89 39.41
CA VAL H 125 3.32 -15.09 38.74
C VAL H 125 2.78 -16.34 39.42
N ALA H 126 2.32 -17.31 38.60
CA ALA H 126 1.79 -18.60 39.05
C ALA H 126 2.30 -19.73 38.17
N VAL H 127 2.64 -20.88 38.79
CA VAL H 127 3.08 -22.09 38.11
C VAL H 127 1.97 -23.14 38.26
N PHE H 128 1.55 -23.72 37.13
CA PHE H 128 0.52 -24.73 37.05
C PHE H 128 1.22 -26.05 36.76
N GLU H 129 1.17 -26.98 37.73
CA GLU H 129 1.82 -28.29 37.69
C GLU H 129 1.25 -29.19 36.59
N PRO H 130 2.11 -30.05 35.98
CA PRO H 130 1.62 -30.92 34.88
C PRO H 130 0.44 -31.83 35.23
N SER H 131 -0.39 -32.09 34.20
CA SER H 131 -1.57 -32.95 34.25
C SER H 131 -1.17 -34.42 34.38
N GLU H 132 -1.82 -35.14 35.31
CA GLU H 132 -1.55 -36.56 35.52
C GLU H 132 -1.96 -37.36 34.29
N ALA H 133 -3.01 -36.88 33.59
CA ALA H 133 -3.51 -37.46 32.34
C ALA H 133 -2.52 -37.27 31.20
N GLU H 134 -1.77 -36.13 31.18
CA GLU H 134 -0.74 -35.88 30.16
C GLU H 134 0.40 -36.87 30.34
N ILE H 135 0.89 -37.00 31.59
CA ILE H 135 1.94 -37.92 32.02
C ILE H 135 1.58 -39.37 31.59
N SER H 136 0.32 -39.77 31.79
CA SER H 136 -0.16 -41.12 31.46
C SER H 136 -0.26 -41.35 29.94
N HIS H 137 -0.80 -40.35 29.19
CA HIS H 137 -1.04 -40.44 27.76
C HIS H 137 0.22 -40.24 26.88
N THR H 138 1.16 -39.36 27.28
CA THR H 138 2.33 -39.01 26.46
C THR H 138 3.70 -39.35 27.08
N GLN H 139 3.75 -39.58 28.40
CA GLN H 139 4.97 -39.82 29.19
C GLN H 139 5.85 -38.55 29.22
N LYS H 140 5.21 -37.38 28.98
CA LYS H 140 5.81 -36.06 29.02
C LYS H 140 5.05 -35.21 30.01
N ALA H 141 5.69 -34.17 30.56
CA ALA H 141 5.08 -33.31 31.56
C ALA H 141 5.28 -31.84 31.21
N THR H 142 4.17 -31.12 30.99
CA THR H 142 4.23 -29.70 30.63
C THR H 142 3.87 -28.83 31.81
N LEU H 143 4.80 -27.95 32.21
CA LEU H 143 4.56 -26.94 33.25
C LEU H 143 4.13 -25.67 32.54
N VAL H 144 3.14 -24.97 33.09
CA VAL H 144 2.68 -23.72 32.50
C VAL H 144 2.89 -22.59 33.52
N CYS H 145 3.44 -21.47 33.06
CA CYS H 145 3.64 -20.28 33.88
C CYS H 145 2.70 -19.18 33.45
N LEU H 146 2.24 -18.39 34.39
CA LEU H 146 1.33 -17.30 34.09
C LEU H 146 1.69 -16.03 34.82
N ALA H 147 2.08 -15.00 34.05
CA ALA H 147 2.36 -13.65 34.52
C ALA H 147 1.13 -12.81 34.20
N THR H 148 0.48 -12.25 35.22
CA THR H 148 -0.77 -11.49 35.00
C THR H 148 -0.81 -10.11 35.71
N GLY H 149 -1.69 -9.25 35.20
CA GLY H 149 -1.97 -7.91 35.71
C GLY H 149 -0.81 -6.94 35.76
N PHE H 150 0.02 -6.92 34.70
CA PHE H 150 1.17 -6.03 34.65
C PHE H 150 1.04 -4.95 33.57
N TYR H 151 1.57 -3.76 33.88
CA TYR H 151 1.64 -2.61 32.98
C TYR H 151 2.92 -1.82 33.26
N PRO H 152 3.75 -1.49 32.24
CA PRO H 152 3.61 -1.79 30.80
C PRO H 152 4.02 -3.22 30.48
N ASP H 153 3.82 -3.67 29.21
CA ASP H 153 4.17 -5.01 28.70
C ASP H 153 5.70 -5.14 28.50
N HIS H 154 6.46 -4.75 29.55
CA HIS H 154 7.91 -4.72 29.60
C HIS H 154 8.34 -5.81 30.55
N VAL H 155 8.36 -7.04 30.06
CA VAL H 155 8.63 -8.23 30.84
C VAL H 155 9.56 -9.23 30.10
N GLU H 156 10.40 -9.95 30.87
CA GLU H 156 11.31 -11.00 30.38
C GLU H 156 11.10 -12.26 31.20
N LEU H 157 10.45 -13.26 30.59
CA LEU H 157 10.15 -14.53 31.26
C LEU H 157 11.24 -15.56 30.97
N SER H 158 11.64 -16.30 32.01
CA SER H 158 12.66 -17.33 31.92
C SER H 158 12.35 -18.50 32.87
N TRP H 159 12.73 -19.71 32.45
CA TRP H 159 12.56 -20.92 33.24
C TRP H 159 13.89 -21.32 33.84
N TRP H 160 13.86 -21.71 35.11
CA TRP H 160 15.03 -22.08 35.87
C TRP H 160 14.79 -23.47 36.44
N VAL H 161 15.65 -24.41 36.08
CA VAL H 161 15.57 -25.78 36.54
C VAL H 161 16.83 -26.07 37.34
N ASN H 162 16.66 -26.40 38.64
CA ASN H 162 17.73 -26.74 39.58
C ASN H 162 18.79 -25.63 39.71
N GLY H 163 18.35 -24.37 39.61
CA GLY H 163 19.20 -23.19 39.70
C GLY H 163 19.92 -22.83 38.42
N LYS H 164 19.52 -23.46 37.29
CA LYS H 164 20.11 -23.25 35.97
C LYS H 164 19.02 -22.77 34.99
N GLU H 165 19.30 -21.70 34.23
CA GLU H 165 18.34 -21.20 33.24
C GLU H 165 18.28 -22.19 32.07
N VAL H 166 17.06 -22.53 31.62
CA VAL H 166 16.88 -23.51 30.54
C VAL H 166 16.22 -22.86 29.32
N HIS H 167 16.46 -23.44 28.14
CA HIS H 167 15.93 -22.97 26.87
C HIS H 167 15.28 -24.14 26.12
N SER H 168 15.80 -25.35 26.32
CA SER H 168 15.26 -26.56 25.71
C SER H 168 13.92 -26.90 26.36
N GLY H 169 12.92 -27.23 25.53
CA GLY H 169 11.57 -27.57 25.95
C GLY H 169 10.78 -26.38 26.46
N VAL H 170 11.28 -25.16 26.20
CA VAL H 170 10.65 -23.90 26.63
C VAL H 170 10.07 -23.17 25.42
N CYS H 171 8.86 -22.60 25.60
CA CYS H 171 8.20 -21.82 24.58
C CYS H 171 7.24 -20.79 25.25
N THR H 172 7.47 -19.50 24.94
CA THR H 172 6.70 -18.37 25.50
C THR H 172 5.93 -17.66 24.38
N ASP H 173 4.77 -17.09 24.71
CA ASP H 173 3.96 -16.31 23.79
C ASP H 173 4.80 -15.16 23.18
N PRO H 174 4.64 -14.87 21.85
CA PRO H 174 5.46 -13.81 21.24
C PRO H 174 5.31 -12.45 21.92
N GLN H 175 4.08 -12.11 22.36
CA GLN H 175 3.79 -10.84 23.05
C GLN H 175 2.70 -11.02 24.13
N PRO H 176 2.68 -10.19 25.20
CA PRO H 176 1.61 -10.30 26.19
C PRO H 176 0.28 -9.85 25.60
N LEU H 177 -0.82 -10.49 26.02
CA LEU H 177 -2.15 -10.12 25.54
C LEU H 177 -2.84 -9.17 26.56
N LYS H 178 -3.83 -8.41 26.10
CA LYS H 178 -4.58 -7.46 26.94
C LYS H 178 -5.66 -8.15 27.76
N GLU H 179 -5.70 -7.88 29.07
CA GLU H 179 -6.69 -8.43 30.00
C GLU H 179 -8.03 -7.67 29.84
N GLN H 180 -7.97 -6.40 29.39
CA GLN H 180 -9.10 -5.50 29.12
C GLN H 180 -8.89 -4.87 27.71
N PRO H 181 -9.14 -5.62 26.59
CA PRO H 181 -8.84 -5.06 25.26
C PRO H 181 -9.53 -3.74 24.90
N ALA H 182 -10.74 -3.51 25.43
CA ALA H 182 -11.53 -2.30 25.20
C ALA H 182 -10.94 -1.08 25.93
N LEU H 183 -10.24 -1.31 27.05
CA LEU H 183 -9.67 -0.26 27.89
C LEU H 183 -8.27 0.17 27.49
N ASN H 184 -7.99 1.47 27.67
CA ASN H 184 -6.68 2.09 27.44
C ASN H 184 -5.85 1.92 28.72
N ASP H 185 -4.55 1.62 28.56
CA ASP H 185 -3.58 1.36 29.63
C ASP H 185 -4.03 0.12 30.43
N SER H 186 -4.53 -0.89 29.70
CA SER H 186 -4.99 -2.17 30.21
C SER H 186 -3.80 -2.99 30.68
N ARG H 187 -3.97 -3.72 31.79
CA ARG H 187 -2.92 -4.58 32.31
C ARG H 187 -2.80 -5.83 31.44
N TYR H 188 -1.59 -6.37 31.34
CA TYR H 188 -1.29 -7.49 30.44
C TYR H 188 -1.16 -8.82 31.17
N ALA H 189 -1.18 -9.90 30.38
CA ALA H 189 -0.99 -11.29 30.81
C ALA H 189 -0.04 -11.97 29.83
N LEU H 190 0.79 -12.89 30.33
CA LEU H 190 1.74 -13.64 29.49
C LEU H 190 1.90 -15.05 30.01
N SER H 191 1.91 -16.03 29.09
CA SER H 191 2.06 -17.44 29.44
C SER H 191 3.30 -18.06 28.80
N SER H 192 3.75 -19.17 29.40
CA SER H 192 4.91 -19.90 28.97
C SER H 192 4.79 -21.35 29.36
N ARG H 193 5.34 -22.21 28.51
CA ARG H 193 5.36 -23.64 28.71
C ARG H 193 6.79 -24.12 28.85
N LEU H 194 6.99 -25.10 29.72
CA LEU H 194 8.22 -25.84 29.94
C LEU H 194 7.82 -27.29 29.90
N ARG H 195 8.34 -28.04 28.95
CA ARG H 195 8.03 -29.46 28.85
C ARG H 195 9.27 -30.30 29.12
N VAL H 196 9.10 -31.24 30.05
CA VAL H 196 10.13 -32.19 30.51
C VAL H 196 9.57 -33.61 30.37
N SER H 197 10.43 -34.63 30.56
CA SER H 197 9.95 -36.01 30.54
C SER H 197 9.20 -36.26 31.85
N ALA H 198 8.24 -37.21 31.85
CA ALA H 198 7.48 -37.54 33.07
C ALA H 198 8.42 -37.99 34.17
N THR H 199 9.47 -38.78 33.85
CA THR H 199 10.44 -39.28 34.83
C THR H 199 11.17 -38.10 35.52
N PHE H 200 11.51 -37.04 34.76
CA PHE H 200 12.17 -35.87 35.28
C PHE H 200 11.26 -35.07 36.24
N TRP H 201 9.96 -34.93 35.89
CA TRP H 201 9.00 -34.24 36.74
C TRP H 201 8.70 -35.08 37.99
N GLN H 202 8.67 -36.43 37.85
CA GLN H 202 8.38 -37.36 38.93
C GLN H 202 9.50 -37.46 39.99
N ASN H 203 10.72 -36.93 39.71
CA ASN H 203 11.82 -36.92 40.67
C ASN H 203 11.59 -35.74 41.63
N PRO H 204 11.28 -36.01 42.92
CA PRO H 204 10.98 -34.90 43.85
C PRO H 204 12.16 -33.99 44.20
N ARG H 205 13.37 -34.34 43.78
CA ARG H 205 14.57 -33.55 44.05
C ARG H 205 14.79 -32.44 43.01
N ASN H 206 14.01 -32.45 41.92
CA ASN H 206 14.11 -31.48 40.85
C ASN H 206 13.30 -30.25 41.19
N HIS H 207 13.89 -29.06 40.99
CA HIS H 207 13.27 -27.77 41.30
C HIS H 207 13.04 -26.98 40.03
N PHE H 208 11.82 -26.44 39.91
CA PHE H 208 11.41 -25.66 38.74
C PHE H 208 10.98 -24.28 39.17
N ARG H 209 11.51 -23.25 38.54
CA ARG H 209 11.13 -21.89 38.87
C ARG H 209 10.91 -21.06 37.63
N CYS H 210 9.74 -20.44 37.57
CA CYS H 210 9.40 -19.49 36.54
C CYS H 210 9.75 -18.09 37.08
N GLN H 211 10.62 -17.37 36.35
CA GLN H 211 11.07 -16.03 36.72
C GLN H 211 10.57 -15.01 35.71
N VAL H 212 9.94 -13.94 36.21
CA VAL H 212 9.45 -12.86 35.35
C VAL H 212 10.16 -11.57 35.79
N GLN H 213 11.04 -11.05 34.92
CA GLN H 213 11.71 -9.77 35.16
C GLN H 213 10.80 -8.67 34.64
N PHE H 214 10.33 -7.80 35.53
CA PHE H 214 9.45 -6.68 35.19
C PHE H 214 10.24 -5.40 35.14
N TYR H 215 9.98 -4.58 34.11
CA TYR H 215 10.63 -3.29 33.99
C TYR H 215 9.57 -2.21 34.23
N GLY H 216 9.70 -1.53 35.37
CA GLY H 216 8.77 -0.48 35.78
C GLY H 216 9.45 0.81 36.17
N LEU H 217 9.10 1.35 37.35
CA LEU H 217 9.61 2.62 37.86
C LEU H 217 11.02 2.50 38.45
N SER H 218 11.77 3.60 38.48
CA SER H 218 13.14 3.65 38.98
C SER H 218 13.26 4.62 40.15
N GLU H 219 14.47 4.74 40.73
CA GLU H 219 14.75 5.68 41.82
C GLU H 219 14.57 7.16 41.38
N ASN H 220 14.47 7.42 40.06
CA ASN H 220 14.26 8.77 39.51
C ASN H 220 12.77 9.08 39.31
N ASP H 221 11.90 8.07 39.47
CA ASP H 221 10.45 8.21 39.31
C ASP H 221 9.78 8.55 40.64
N GLU H 222 8.84 9.50 40.61
CA GLU H 222 8.08 9.95 41.79
C GLU H 222 7.04 8.89 42.19
N TRP H 223 6.62 8.90 43.47
CA TRP H 223 5.61 8.00 44.00
C TRP H 223 4.97 8.62 45.24
N THR H 224 3.64 8.74 45.21
CA THR H 224 2.83 9.40 46.24
C THR H 224 1.65 8.53 46.72
N GLN H 225 1.55 7.29 46.21
CA GLN H 225 0.44 6.36 46.52
C GLN H 225 0.74 5.44 47.70
N ASP H 226 -0.33 4.94 48.35
CA ASP H 226 -0.26 4.03 49.49
C ASP H 226 0.31 2.66 49.09
N ARG H 227 -0.07 2.15 47.89
CA ARG H 227 0.43 0.88 47.41
C ARG H 227 1.93 0.97 47.12
N ALA H 228 2.63 -0.18 47.21
CA ALA H 228 4.07 -0.27 46.98
C ALA H 228 4.42 0.21 45.58
N LYS H 229 5.53 0.98 45.47
CA LYS H 229 6.03 1.55 44.22
C LYS H 229 6.27 0.43 43.21
N PRO H 230 5.63 0.47 42.02
CA PRO H 230 5.79 -0.63 41.04
C PRO H 230 7.13 -0.54 40.31
N VAL H 231 8.20 -0.81 41.05
CA VAL H 231 9.57 -0.72 40.56
C VAL H 231 9.97 -1.92 39.70
N THR H 232 11.12 -1.78 38.99
CA THR H 232 11.77 -2.84 38.23
C THR H 232 12.12 -3.93 39.26
N GLN H 233 11.56 -5.13 39.07
CA GLN H 233 11.69 -6.24 40.02
C GLN H 233 11.50 -7.60 39.35
N ILE H 234 11.91 -8.66 40.08
CA ILE H 234 11.73 -10.05 39.70
C ILE H 234 10.62 -10.64 40.57
N VAL H 235 9.57 -11.15 39.93
CA VAL H 235 8.46 -11.85 40.57
C VAL H 235 8.56 -13.30 40.05
N SER H 236 8.58 -14.28 40.97
CA SER H 236 8.74 -15.70 40.64
C SER H 236 7.67 -16.60 41.26
N ALA H 237 7.55 -17.80 40.68
CA ALA H 237 6.71 -18.91 41.14
C ALA H 237 7.51 -20.20 40.98
N GLU H 238 7.51 -21.05 42.01
CA GLU H 238 8.27 -22.30 41.94
C GLU H 238 7.39 -23.52 42.26
N ALA H 239 7.92 -24.71 41.90
CA ALA H 239 7.31 -26.03 42.10
C ALA H 239 8.38 -27.08 42.14
N TRP H 240 8.14 -28.13 42.92
CA TRP H 240 9.04 -29.26 43.07
C TRP H 240 8.49 -30.46 42.35
N GLY H 241 9.38 -31.37 41.97
CA GLY H 241 9.00 -32.64 41.37
C GLY H 241 8.06 -33.39 42.29
N ARG H 242 7.05 -34.03 41.71
CA ARG H 242 6.00 -34.73 42.44
C ARG H 242 5.89 -36.18 41.97
N ALA H 243 6.00 -37.14 42.91
CA ALA H 243 5.92 -38.57 42.64
C ALA H 243 4.49 -39.07 42.79
N SER I 3 -14.12 -21.89 1.14
CA SER I 3 -15.06 -21.69 0.04
C SER I 3 -16.44 -21.32 0.63
N GLY I 4 -16.73 -20.02 0.68
CA GLY I 4 -17.96 -19.48 1.25
C GLY I 4 -19.25 -19.92 0.59
N GLU I 5 -20.30 -20.12 1.40
CA GLU I 5 -21.64 -20.51 0.96
C GLU I 5 -22.33 -19.39 0.19
N GLY I 6 -23.12 -19.78 -0.80
CA GLY I 6 -23.96 -18.87 -1.57
C GLY I 6 -25.32 -18.77 -0.90
N SER I 7 -26.00 -17.63 -1.08
CA SER I 7 -27.31 -17.41 -0.48
C SER I 7 -28.19 -16.50 -1.34
N PHE I 8 -29.52 -16.68 -1.25
CA PHE I 8 -30.50 -15.88 -1.97
C PHE I 8 -30.67 -14.52 -1.32
N GLN I 9 -30.94 -13.51 -2.14
CA GLN I 9 -31.16 -12.15 -1.69
C GLN I 9 -32.63 -11.77 -1.82
N PRO I 10 -33.25 -11.19 -0.76
CA PRO I 10 -34.64 -10.73 -0.92
C PRO I 10 -34.68 -9.47 -1.79
N SER I 11 -35.61 -9.41 -2.73
CA SER I 11 -35.78 -8.25 -3.58
C SER I 11 -36.50 -7.16 -2.80
N GLN I 12 -36.03 -5.92 -2.95
CA GLN I 12 -36.54 -4.76 -2.24
C GLN I 12 -37.89 -4.30 -2.78
N GLU I 13 -38.84 -4.07 -1.86
CA GLU I 13 -40.17 -3.53 -2.15
C GLU I 13 -40.06 -2.06 -2.55
N ASN I 14 -40.85 -1.61 -3.54
CA ASN I 14 -40.84 -0.22 -4.02
C ASN I 14 -41.31 0.74 -2.91
N PRO I 15 -40.45 1.69 -2.46
CA PRO I 15 -40.89 2.62 -1.40
C PRO I 15 -41.56 3.88 -1.95
N SER J 3 15.44 11.37 -14.56
CA SER J 3 16.48 10.34 -14.43
C SER J 3 17.76 10.96 -13.82
N GLY J 4 17.89 10.83 -12.50
CA GLY J 4 18.99 11.38 -11.72
C GLY J 4 20.37 10.91 -12.11
N GLU J 5 21.36 11.81 -12.01
CA GLU J 5 22.77 11.56 -12.33
C GLU J 5 23.44 10.61 -11.34
N GLY J 6 24.31 9.77 -11.87
CA GLY J 6 25.12 8.85 -11.09
C GLY J 6 26.44 9.51 -10.74
N SER J 7 27.03 9.11 -9.61
CA SER J 7 28.31 9.67 -9.18
C SER J 7 29.16 8.66 -8.41
N PHE J 8 30.49 8.80 -8.50
CA PHE J 8 31.45 7.94 -7.82
C PHE J 8 31.53 8.30 -6.33
N GLN J 9 31.78 7.28 -5.50
CA GLN J 9 31.90 7.44 -4.07
C GLN J 9 33.33 7.27 -3.61
N PRO J 10 33.88 8.20 -2.79
CA PRO J 10 35.25 7.99 -2.28
C PRO J 10 35.25 6.89 -1.22
N SER J 11 36.21 5.98 -1.30
CA SER J 11 36.34 4.90 -0.32
C SER J 11 36.97 5.46 0.96
N GLN J 12 36.43 5.04 2.10
CA GLN J 12 36.83 5.49 3.42
C GLN J 12 38.19 4.93 3.84
N GLU J 13 39.07 5.82 4.32
CA GLU J 13 40.39 5.46 4.85
C GLU J 13 40.22 4.77 6.20
N ASN J 14 41.05 3.76 6.48
CA ASN J 14 41.01 3.00 7.73
C ASN J 14 41.33 3.89 8.94
N PRO J 15 40.39 4.07 9.91
CA PRO J 15 40.69 4.92 11.06
C PRO J 15 41.33 4.15 12.23
C1 NAG K . 32.76 -0.09 -32.69
C2 NAG K . 33.76 -1.13 -33.23
C3 NAG K . 32.99 -2.10 -34.13
C4 NAG K . 31.84 -2.74 -33.37
C5 NAG K . 30.91 -1.64 -32.85
C6 NAG K . 29.78 -2.15 -31.96
C7 NAG K . 36.04 -0.28 -33.53
C8 NAG K . 36.95 0.53 -34.41
N2 NAG K . 34.79 -0.43 -33.98
O3 NAG K . 33.86 -3.12 -34.63
O4 NAG K . 31.15 -3.67 -34.20
O5 NAG K . 31.66 -0.73 -32.03
O6 NAG K . 28.48 -1.63 -32.32
O7 NAG K . 36.43 -0.76 -32.47
C1 NAG K . 31.10 -5.03 -33.77
C2 NAG K . 30.03 -5.78 -34.53
C3 NAG K . 29.94 -7.19 -33.94
C4 NAG K . 31.31 -7.89 -33.92
C5 NAG K . 32.40 -6.98 -33.36
C6 NAG K . 33.80 -7.50 -33.57
C7 NAG K . 28.31 -4.17 -35.28
C8 NAG K . 26.90 -3.69 -35.08
N2 NAG K . 28.74 -5.12 -34.43
O3 NAG K . 29.03 -7.96 -34.72
O4 NAG K . 31.24 -8.97 -32.98
O5 NAG K . 32.34 -5.69 -34.00
O6 NAG K . 34.11 -8.55 -32.66
O7 NAG K . 29.04 -3.68 -36.15
C1 MAN K . 30.90 -10.30 -33.36
C2 MAN K . 30.85 -11.06 -32.02
C3 MAN K . 32.08 -11.95 -31.85
C4 MAN K . 32.23 -12.96 -32.98
C5 MAN K . 31.95 -12.32 -34.33
C6 MAN K . 30.69 -12.82 -35.02
O2 MAN K . 29.64 -11.80 -31.90
O3 MAN K . 32.00 -12.61 -30.58
O4 MAN K . 33.55 -13.51 -33.00
O5 MAN K . 31.88 -10.88 -34.23
O6 MAN K . 30.42 -12.12 -36.22
C1 MAN K . 33.89 -14.71 -32.31
C2 MAN K . 33.15 -15.92 -32.91
C3 MAN K . 33.19 -17.12 -31.98
C4 MAN K . 34.30 -16.99 -30.93
C5 MAN K . 34.10 -15.74 -30.09
C6 MAN K . 35.35 -15.29 -29.37
O2 MAN K . 33.70 -16.23 -34.19
O3 MAN K . 33.36 -18.33 -32.71
O4 MAN K . 34.29 -18.14 -30.08
O5 MAN K . 33.64 -14.63 -30.90
O6 MAN K . 35.06 -14.28 -28.41
C1 FUC K . 34.36 -2.99 -35.97
C2 FUC K . 35.52 -3.99 -36.17
C3 FUC K . 35.01 -5.41 -36.40
C4 FUC K . 33.98 -5.45 -37.52
C5 FUC K . 32.82 -4.51 -37.18
C6 FUC K . 31.78 -4.41 -38.27
O2 FUC K . 36.38 -3.95 -35.04
O3 FUC K . 36.10 -6.28 -36.70
O4 FUC K . 34.58 -5.09 -38.77
O5 FUC K . 33.34 -3.19 -36.96
C1 FUC K . 28.13 -0.27 -32.06
C2 FUC K . 27.53 -0.11 -30.65
C3 FUC K . 27.78 1.29 -30.09
C4 FUC K . 27.75 2.38 -31.16
C5 FUC K . 28.83 2.14 -32.22
C6 FUC K . 28.46 2.64 -33.59
O2 FUC K . 28.00 -1.09 -29.74
O3 FUC K . 26.81 1.58 -29.10
O4 FUC K . 26.44 2.49 -31.73
O5 FUC K . 29.13 0.72 -32.32
C1 NAG L . -29.97 -38.52 -15.19
C2 NAG L . -30.77 -39.04 -16.43
C3 NAG L . -29.95 -39.66 -17.53
C4 NAG L . -28.84 -38.70 -17.88
C5 NAG L . -28.01 -38.38 -16.65
C6 NAG L . -27.02 -37.34 -17.10
C7 NAG L . -32.95 -39.45 -15.56
C8 NAG L . -33.86 -40.45 -14.96
N2 NAG L . -31.78 -39.94 -15.96
O3 NAG L . -30.82 -39.73 -18.63
O4 NAG L . -28.03 -39.30 -18.88
O5 NAG L . -28.82 -37.82 -15.64
O6 NAG L . -26.72 -36.52 -15.99
O7 NAG L . -33.24 -38.28 -15.67
C1 FUC L . -31.37 -41.04 -18.60
C2 FUC L . -32.53 -41.13 -19.58
C3 FUC L . -32.04 -41.03 -21.02
C4 FUC L . -30.86 -41.95 -21.25
C5 FUC L . -29.78 -41.66 -20.21
C6 FUC L . -28.53 -42.49 -20.41
O2 FUC L . -33.44 -40.08 -19.29
O3 FUC L . -33.09 -41.38 -21.92
O4 FUC L . -31.28 -43.29 -21.07
O5 FUC L . -30.36 -41.97 -18.95
C1 NAG L . -28.21 -38.56 -20.09
C2 NAG L . -27.21 -39.04 -21.11
C3 NAG L . -27.40 -38.34 -22.44
C4 NAG L . -28.87 -38.31 -22.85
C5 NAG L . -29.75 -37.87 -21.69
C6 NAG L . -31.21 -38.00 -22.08
C7 NAG L . -25.49 -39.70 -19.71
C8 NAG L . -24.12 -40.27 -19.91
N2 NAG L . -25.89 -38.84 -20.60
O3 NAG L . -26.66 -39.08 -23.41
O4 NAG L . -29.08 -37.45 -23.96
O5 NAG L . -29.50 -38.75 -20.62
O6 NAG L . -31.74 -36.70 -22.32
O7 NAG L . -26.22 -40.02 -18.80
C1 FUC L . -25.38 -36.81 -15.62
C2 FUC L . -24.85 -35.64 -14.81
C3 FUC L . -25.39 -35.54 -13.38
C4 FUC L . -26.57 -36.42 -13.09
C5 FUC L . -26.17 -37.83 -13.52
C6 FUC L . -25.37 -38.50 -12.42
O2 FUC L . -25.12 -34.41 -15.49
O3 FUC L . -24.35 -35.90 -12.48
O4 FUC L . -26.86 -36.37 -11.70
O5 FUC L . -25.36 -37.89 -14.70
C1 NAG M . 42.20 37.17 -1.41
C2 NAG M . 43.51 36.62 -0.85
C3 NAG M . 43.40 36.54 0.67
C4 NAG M . 43.08 37.92 1.25
C5 NAG M . 41.82 38.50 0.61
C6 NAG M . 41.56 39.94 0.97
C7 NAG M . 44.96 35.07 -2.11
C8 NAG M . 45.14 33.66 -2.58
N2 NAG M . 43.84 35.32 -1.41
O3 NAG M . 44.60 36.05 1.24
O4 NAG M . 42.91 37.84 2.66
O5 NAG M . 41.93 38.46 -0.83
O6 NAG M . 41.38 40.11 2.38
O7 NAG M . 45.79 35.95 -2.34
C1 NAG N . -42.57 -16.66 27.47
C2 NAG N . -43.89 -16.06 26.97
C3 NAG N . -43.85 -14.55 27.23
C4 NAG N . -43.62 -14.27 28.71
C5 NAG N . -42.35 -14.96 29.20
C6 NAG N . -42.16 -14.88 30.69
C7 NAG N . -45.19 -17.01 25.12
C8 NAG N . -45.30 -17.18 23.63
N2 NAG N . -44.13 -16.33 25.57
O3 NAG N . -45.07 -13.95 26.80
O4 NAG N . -43.54 -12.87 28.94
O5 NAG N . -42.39 -16.36 28.86
O6 NAG N . -40.89 -15.39 31.09
O7 NAG N . -46.04 -17.48 25.87
#